data_9Q9I
#
_entry.id   9Q9I
#
_cell.length_a   1.00
_cell.length_b   1.00
_cell.length_c   1.00
_cell.angle_alpha   90.00
_cell.angle_beta   90.00
_cell.angle_gamma   90.00
#
_symmetry.space_group_name_H-M   'P 1'
#
loop_
_entity.id
_entity.type
_entity.pdbx_description
1 polymer 'DNA (50-MER)'
2 polymer 'DNA (50-MER)'
3 polymer Nibrin
4 polymer 'DNA repair protein RAD50'
5 polymer 'Double-strand break repair protein MRE11'
6 non-polymer 'MAGNESIUM ION'
7 non-polymer "ADENOSINE-5'-DIPHOSPHATE"
8 non-polymer 'BERYLLIUM TRIFLUORIDE ION'
9 non-polymer 'MANGANESE (II) ION'
10 water water
#
loop_
_entity_poly.entity_id
_entity_poly.type
_entity_poly.pdbx_seq_one_letter_code
_entity_poly.pdbx_strand_id
1 'polydeoxyribonucleotide'
;(DT)(DT)(DT)(DT)(DT)(DT)(DT)(DT)(DT)(DT)(DT)(DT)(DT)(DT)(DT)(DT)(DT)(DT)(DT)(DT)
(DT)(DT)(DT)(DT)(DT)(DT)(DT)(DT)(DT)(DT)(DT)(DT)(DT)(DT)(DT)(DT)(DT)(DT)(DT)(DT)
(DT)(DT)(DT)(DT)(DT)(DT)(DT)(DT)(DT)(DT)
;
P
2 'polydeoxyribonucleotide'
;(DA)(DA)(DA)(DA)(DA)(DA)(DA)(DA)(DA)(DA)(DA)(DA)(DA)(DA)(DA)(DA)(DA)(DA)(DA)(DA)
(DA)(DA)(DA)(DA)(DA)(DA)(DA)(DA)(DA)(DA)(DA)(DA)(DA)(DA)(DA)(DA)(DA)(DA)(DA)(DA)
(DA)(DA)(DA)(DA)(DA)(DA)(DA)(DA)(DA)(DA)
;
T
3 'polypeptide(L)'
;MWKLLPAAGPAGGEPYRLLTGVEYVVGRKNCAILIENDQSISRNHAVLTANFSVTNLSQTDEIPVLTLKDNSKYGTFVNE
EKMQNGFSRTLKSGDGITFGVFGSKFRIEYEPLVACSSCLDVSGKTALNQAILQLGGFTVNNWTEECTHLVMVSVKVTIK
TICALICGRPIVKPEYFTEFLKAVESKKQPPQIESFYPPLDEPSIGSKNVDLSGRQERKQIFKGKTFIFLNAKQHKKLSS
AVVFGGGEARLITEENEEEHNFFLAPGTCVVDTGITNSQTLIPDCQKKWIQSIMDMLQRQGLRPIPEAEIGLAVIFMTTK
NYCDPQGHPSTGLKTTTPGPSLSQGVSVDEKLMPSAPVNTTTYVADTESEQADTWDLSERPKEIKVSKMEQKFRMLSQDA
PTVKESCKTSSNNNSMVSNTLAKMRIPNYQLSPTKLPSINKSKDRASQQQQTNSIRNYFQPSTKKRERDEENQEMSSCKS
ARIETSCSLLEQTQPATPSLWKNKEQHLSENEPVDTNSDNNLFTDTDLKSIVKNSASKSHAAEKLRSNKKREMDDVAIED
EVLEQLFKDTKPELEIDVKVQKQEEDVNVRKRPRMDIETNDTFSDEAVPESSKISQENEIGKKRELKEDSLWSAKEISNN
DKLQDDSEMLPKKLLLTEFRSLVIKNSTSRNPSGINDDYGQLKNFKKFKKVTYPGAGKLPHIIGGSDLIAHHARKNTELE
EWLRQEMEVQNQHAKEESLADDLFRYNPYLKRRR
;
F
4 'polypeptide(L)'
;MSRIEKMSILGVRSFGIEDKDKQIITFFSPLTILVGPNGAGKTTIIECLKYICTGDFPPGTKGNTFVHDPKVAQETDVRA
QIRLQFRDVNGELIAVQRSMVCTQKSKKTEFKTLEGVITRTKHGEKVSLSSKCAEIDREMISSLGVSKAVLNNVIFCHQE
DSNWPLSEGKALKQKFDEIFSATRYIKALETLRQVRQTQGQKVKEYQMELKYLKQYKEKACEIRDQITSKEAQLTSSKEI
VKSYENELDPLKNRLKEIEHNLSKIMKLDNEIKALDSRKKQMEKDNSELEEKMEKVFQGTDEQLNDLYHNHQRTVREKER
KLVDCHRELEKLNKESRLLNQEKSELLVEQGRLQLQADRHQEHIRARDSLIQSLATQLELDGFERGPFSERQIKNFHKLV
RERQEGEAKTANQLMNDFAEKETLKQKQIDEIRDKKTGLGRIIELKSEILSKKQNELKNVKYELQQLEGSSDRILELDQE
LIKAERELSKAEKNSNVETLKMEVISLQNEKADLDRTLRKLDQEMEQLNHHTTTRTQMEMLTKDKADKDEQIRKIKSRHS
DELTSLLGYFPNKKQLEDWLHSKSKEINQTRDRLAKLNKELASSEQNKNHINNELKRKEEQLSSYEDKLFDVCGSQDFES
DLDRLKEEIEKSSKQRAMLAGATAVYSQFITQLTDENQSCCPVCQRVFQTEAELQEVISDLQSKLRLAPDKLKSTESELK
KKEKRRDEMLGLVPMRQSIIDLKEKEIPELRNKLQNVNRDIQRLKNDIEEQETLLGTIMPEEESAKVCLTDVTIMERFQM
ELKDVERKIAQQAAKLQGIDLDRTVQQVNQEKQEKQHKLDTVSSKIELNRKLIQDQQEQIQHLKSTTNELKSEKLQISTN
LQRRQQLEEQTVELSTEVQSLYREIKDAKEQVSPLETTLEKFQQEKEELINKKNTSNKIAQDKLNDIKEKVKNIHGYMKD
IENYIQDGKDDYKKQKETELNKVIAQLSECEKHKEKINEDMRLMRQDIDTQKIQERWLQDNLTLRKRNEELKEVEEERKQ
HLKEMGQMQVLQMKSEHQKLEENIDNIKRNHNLALGRQKGYEEEIIHFKKELREPQFRDAEEKYREMMIVMRTTELVNKD
LDIYYKTLDQAIMKFHSMKMEEINKIIRDLWRSTYRGQDIEYIEIRSDADENVSASDKRRNYNYRVVMLKGDTALDMRGR
CSAGQKVLASLIIRLALAETFCLNCGIIALDEPTTNLDRENIESLAHALVEIIKSRSQQRNFQLLVITHDEDFVELLGRS
EYVEKFYRIKKNIDQCSEIVKCSVSSLGFNVH
;
A,B
5 'polypeptide(L)'
;MSTADALDDENTFKILVATDIHLGFMEKDAVRGNDTFVTLDEILRLAQENEVDFILLGGDLFHENKPSRKTLHTCLELLR
KYCMGDRPVQFEILSDQSVNFGFSKFPWVNYQDGNLNISIPVFSIHGNNDDPTGADALCALDILSCAGFVNHFGRSMSVE
KIDISPVLLQKGSTKIALYGLGSIPDERLYRMFVNKKVTMLRPKEDENSWFNLFVIHQNRSKHGSTNFIPEQFLDDFIDL
VIWGHEHECKIAPTKNEQQLFYISQPGSSVVTSLSPGEAVKKHVGLLRIKGRKMNMHKIPLHTVRQFFMEDIVLANHPDI
FNPDNPKVTQAIQSFCLEKIEEMLENAERERLGNSHQPEKPLVRLRVDYSGGFEPFSVLRFSQKFVDRVANPKDIIHFFR
HREQKEKTGEEINFGKLITKPSEGTTLRVEDLVKQYFQTAEKNVQLSLLTERGMGEAVQEFVDKEEKDAIEELVKYQLEK
TQRFLKERHIDALEDKIDEEVRRFRETRQKNTNEEDDEVREAMTRARALRSQSEESASAFSADDLMSIDLAEQMANDSDD
SISAATNKGRGRGRGRRGGRGQNSASRGGSQRGRADTGLETSTRSRNSKTAVSASRNMSIIDAFKSTRQQPSRNVTTKNY
SEVIEVDESDVEEDIFPTTSKTDQRWSSTSSSKIMSQSQVSKGVDFESSEDDDDDPFMNTSSLRRNRRSGGSLEVLFQGP
DYKDDDDKGTDYKDDDDK
;
D,E
#
loop_
_chem_comp.id
_chem_comp.type
_chem_comp.name
_chem_comp.formula
ADP non-polymer ADENOSINE-5'-DIPHOSPHATE 'C10 H15 N5 O10 P2'
BEF non-polymer 'BERYLLIUM TRIFLUORIDE ION' 'Be F3 -1'
DA DNA linking 2'-DEOXYADENOSINE-5'-MONOPHOSPHATE 'C10 H14 N5 O6 P'
DT DNA linking THYMIDINE-5'-MONOPHOSPHATE 'C10 H15 N2 O8 P'
MG non-polymer 'MAGNESIUM ION' 'Mg 2'
MN non-polymer 'MANGANESE (II) ION' 'Mn 2'
#
# COMPACT_ATOMS: atom_id res chain seq x y z
N LYS C 653 -21.48 -16.85 42.44
CA LYS C 653 -22.51 -15.82 42.40
C LYS C 653 -22.28 -14.78 43.49
N LEU C 654 -21.02 -14.63 43.91
CA LEU C 654 -20.65 -13.67 44.93
C LEU C 654 -19.16 -13.35 44.78
N LEU C 655 -18.63 -12.64 45.76
CA LEU C 655 -17.25 -12.16 45.73
C LEU C 655 -16.54 -12.48 47.05
N LEU C 656 -15.24 -12.72 46.96
CA LEU C 656 -14.43 -12.89 48.16
C LEU C 656 -14.24 -11.56 48.87
N THR C 657 -14.55 -11.54 50.18
CA THR C 657 -14.49 -10.32 50.99
C THR C 657 -13.64 -10.56 52.24
N GLU C 658 -12.45 -9.98 52.24
CA GLU C 658 -11.42 -10.28 53.23
C GLU C 658 -10.91 -8.97 53.83
N PHE C 659 -10.67 -8.93 55.14
CA PHE C 659 -10.49 -7.66 55.84
C PHE C 659 -9.02 -7.43 56.17
N ARG C 660 -8.58 -6.20 55.95
CA ARG C 660 -7.21 -5.78 56.23
C ARG C 660 -7.23 -4.42 56.91
N SER C 661 -6.10 -4.04 57.48
CA SER C 661 -5.92 -2.77 58.19
C SER C 661 -5.27 -1.78 57.24
N LEU C 662 -6.07 -0.91 56.64
CA LEU C 662 -5.60 0.05 55.65
C LEU C 662 -5.50 1.47 56.18
N VAL C 663 -6.05 1.74 57.37
CA VAL C 663 -6.01 3.10 57.91
C VAL C 663 -4.62 3.41 58.40
N ILE C 664 -4.05 4.52 57.90
CA ILE C 664 -2.70 4.93 58.28
C ILE C 664 -2.76 6.29 58.96
N LEU C 682 -14.70 24.72 56.93
CA LEU C 682 -14.03 25.20 58.13
C LEU C 682 -12.66 24.55 58.25
N LYS C 683 -12.69 23.21 58.36
CA LYS C 683 -11.45 22.41 58.52
C LYS C 683 -10.82 22.15 57.16
N ASN C 684 -9.49 22.09 57.13
CA ASN C 684 -8.78 21.87 55.88
C ASN C 684 -7.87 20.66 56.00
N PHE C 685 -7.62 20.00 54.87
CA PHE C 685 -6.67 18.90 54.81
C PHE C 685 -5.78 18.98 53.57
N LYS C 686 -5.81 20.09 52.85
CA LYS C 686 -4.93 20.31 51.72
C LYS C 686 -3.63 20.95 52.22
N LYS C 687 -2.50 20.45 51.74
CA LYS C 687 -1.20 20.99 52.12
C LYS C 687 -0.69 21.86 50.98
N PHE C 688 -0.98 23.16 51.06
CA PHE C 688 -0.47 24.09 50.07
C PHE C 688 -0.36 25.47 50.71
N LYS C 689 0.83 26.07 50.63
CA LYS C 689 1.04 27.46 50.98
C LYS C 689 1.82 28.08 49.82
N LYS C 690 1.20 29.06 49.17
CA LYS C 690 1.84 29.72 48.04
C LYS C 690 3.12 30.41 48.48
N VAL C 691 4.27 29.86 48.09
CA VAL C 691 5.54 30.50 48.41
C VAL C 691 5.63 31.82 47.66
N THR C 692 5.78 32.91 48.41
CA THR C 692 5.69 34.23 47.82
C THR C 692 6.83 34.44 46.82
N TYR C 693 6.53 35.13 45.76
CA TYR C 693 7.51 35.62 44.82
C TYR C 693 7.65 37.13 44.97
N PRO C 694 8.88 37.66 44.90
CA PRO C 694 9.06 39.10 45.09
C PRO C 694 8.24 39.87 44.07
N GLY C 695 7.36 40.73 44.57
CA GLY C 695 6.37 41.38 43.73
C GLY C 695 4.97 40.84 43.83
N ALA C 696 4.70 39.93 44.77
CA ALA C 696 3.38 39.36 44.94
C ALA C 696 2.52 40.30 45.77
N GLY C 697 1.37 40.71 45.23
CA GLY C 697 0.46 41.59 45.93
C GLY C 697 0.81 43.06 45.84
N LYS C 698 1.99 43.41 45.34
CA LYS C 698 2.39 44.80 45.17
C LYS C 698 1.77 45.36 43.89
N LEU C 699 2.06 46.63 43.63
CA LEU C 699 1.56 47.27 42.41
C LEU C 699 2.22 46.63 41.20
N PRO C 700 1.46 46.10 40.25
CA PRO C 700 2.09 45.47 39.07
C PRO C 700 2.70 46.49 38.13
N HIS C 701 4.03 46.57 38.12
CA HIS C 701 4.74 47.47 37.22
C HIS C 701 4.97 46.78 35.88
N ILE C 702 3.87 46.58 35.17
CA ILE C 702 3.89 45.85 33.90
C ILE C 702 4.52 46.73 32.84
N ILE C 703 5.44 46.17 32.06
CA ILE C 703 6.09 46.87 30.98
C ILE C 703 5.71 46.19 29.67
N GLY C 704 5.04 46.93 28.79
CA GLY C 704 4.65 46.40 27.51
C GLY C 704 3.69 47.35 26.81
N GLY C 705 3.37 47.01 25.57
CA GLY C 705 2.49 47.83 24.78
C GLY C 705 3.17 49.04 24.16
N SER C 706 2.89 50.23 24.71
CA SER C 706 3.43 51.46 24.15
C SER C 706 4.95 51.52 24.25
N ASP C 707 5.53 51.10 25.38
CA ASP C 707 6.97 51.19 25.58
C ASP C 707 7.67 49.93 25.06
N LEU C 708 7.43 49.66 23.77
CA LEU C 708 8.08 48.56 23.07
C LEU C 708 8.27 49.02 21.63
N ILE C 709 9.45 49.56 21.33
CA ILE C 709 9.73 50.17 20.04
C ILE C 709 10.59 49.24 19.20
N ALA C 710 10.47 49.38 17.89
CA ALA C 710 11.19 48.55 16.93
C ALA C 710 12.56 49.16 16.69
N HIS C 711 13.54 48.73 17.48
CA HIS C 711 14.91 49.29 17.34
C HIS C 711 15.51 48.94 15.97
N HIS C 712 16.69 49.49 15.67
CA HIS C 712 17.26 49.34 14.30
C HIS C 712 18.60 48.60 14.32
N ALA C 713 19.37 48.73 13.23
CA ALA C 713 20.66 48.01 13.10
C ALA C 713 21.76 48.91 12.54
N ARG C 714 21.84 50.17 12.98
CA ARG C 714 22.94 51.08 12.54
C ARG C 714 23.07 51.10 11.01
N LYS C 715 24.28 50.85 10.50
CA LYS C 715 24.53 50.92 9.03
C LYS C 715 24.56 49.51 8.44
N ASN C 716 25.55 48.70 8.81
CA ASN C 716 25.59 47.29 8.35
C ASN C 716 25.54 47.20 6.83
N THR C 717 26.25 48.09 6.13
CA THR C 717 26.28 48.04 4.63
C THR C 717 26.41 46.58 4.17
N GLU C 718 27.45 45.85 4.61
CA GLU C 718 27.57 44.48 4.11
C GLU C 718 26.26 43.72 4.27
N LEU C 719 25.64 43.82 5.45
CA LEU C 719 24.35 43.19 5.68
C LEU C 719 23.29 43.78 4.75
N GLU C 720 23.33 45.11 4.56
CA GLU C 720 22.40 45.74 3.62
C GLU C 720 22.61 45.22 2.21
N GLU C 721 23.88 45.02 1.82
CA GLU C 721 24.21 44.49 0.50
C GLU C 721 23.61 43.10 0.31
N TRP C 722 23.82 42.22 1.30
CA TRP C 722 23.29 40.86 1.18
C TRP C 722 21.76 40.87 1.12
N LEU C 723 21.14 41.67 1.99
CA LEU C 723 19.68 41.72 2.02
C LEU C 723 19.11 42.25 0.72
N ARG C 724 19.71 43.33 0.18
CA ARG C 724 19.25 43.91 -1.07
C ARG C 724 19.47 42.94 -2.23
N GLN C 725 20.59 42.22 -2.25
CA GLN C 725 20.84 41.28 -3.33
C GLN C 725 19.82 40.15 -3.32
N GLU C 726 19.50 39.64 -2.13
CA GLU C 726 18.53 38.52 -2.04
C GLU C 726 17.13 39.05 -2.34
N MET C 727 16.87 40.32 -2.00
CA MET C 727 15.60 40.95 -2.35
C MET C 727 15.46 41.08 -3.86
N GLU C 728 16.55 41.43 -4.55
CA GLU C 728 16.53 41.45 -6.01
C GLU C 728 16.30 40.07 -6.58
N VAL C 729 16.89 39.04 -5.96
CA VAL C 729 16.63 37.66 -6.38
C VAL C 729 15.15 37.34 -6.22
N GLN C 730 14.56 37.76 -5.10
CA GLN C 730 13.13 37.55 -4.87
C GLN C 730 12.29 38.26 -5.91
N ASN C 731 12.67 39.49 -6.25
CA ASN C 731 11.94 40.25 -7.26
C ASN C 731 12.02 39.57 -8.62
N GLN C 732 13.20 39.06 -8.98
CA GLN C 732 13.33 38.32 -10.23
C GLN C 732 12.46 37.07 -10.23
N HIS C 733 12.45 36.34 -9.12
CA HIS C 733 11.63 35.14 -9.03
C HIS C 733 10.15 35.48 -9.16
N ALA C 734 9.71 36.57 -8.53
CA ALA C 734 8.33 37.02 -8.68
C ALA C 734 8.02 37.42 -10.11
N LYS C 735 8.98 38.04 -10.79
CA LYS C 735 8.79 38.38 -12.20
C LYS C 735 8.58 37.12 -13.04
N GLU C 736 9.39 36.08 -12.80
CA GLU C 736 9.17 34.82 -13.53
C GLU C 736 7.82 34.21 -13.16
N GLU C 737 7.43 34.30 -11.89
CA GLU C 737 6.15 33.73 -11.47
C GLU C 737 4.97 34.44 -12.14
N SER C 738 5.07 35.75 -12.34
CA SER C 738 4.02 36.47 -13.04
C SER C 738 3.88 36.00 -14.48
N LEU C 739 5.01 35.80 -15.16
CA LEU C 739 4.99 35.26 -16.51
C LEU C 739 4.36 33.87 -16.53
N ALA C 740 4.71 33.05 -15.54
CA ALA C 740 4.10 31.72 -15.42
C ALA C 740 2.59 31.83 -15.27
N ASP C 741 2.13 32.72 -14.40
CA ASP C 741 0.70 32.83 -14.13
C ASP C 741 -0.05 33.27 -15.39
N ASP C 742 0.48 34.26 -16.11
CA ASP C 742 -0.24 34.74 -17.28
C ASP C 742 -0.12 33.76 -18.45
N LEU C 743 0.93 32.94 -18.46
CA LEU C 743 1.01 31.88 -19.47
C LEU C 743 -0.05 30.82 -19.22
N PHE C 744 -0.23 30.43 -17.96
CA PHE C 744 -1.25 29.44 -17.65
C PHE C 744 -2.65 29.99 -17.90
N ARG C 745 -2.87 31.27 -17.62
CA ARG C 745 -4.28 31.74 -17.77
C ARG C 745 -4.57 31.95 -19.26
N TYR C 746 -3.55 31.89 -20.11
CA TYR C 746 -3.74 32.10 -21.57
C TYR C 746 -4.84 31.18 -22.09
N ASN C 747 -5.87 31.75 -22.70
CA ASN C 747 -6.93 30.90 -23.28
C ASN C 747 -6.41 30.34 -24.60
N PRO C 748 -6.63 29.06 -24.92
CA PRO C 748 -6.11 28.49 -26.16
C PRO C 748 -6.98 29.07 -27.27
N TYR C 749 -6.40 29.96 -28.08
CA TYR C 749 -7.17 30.51 -29.22
C TYR C 749 -7.32 29.39 -30.26
N LEU C 750 -6.22 28.70 -30.53
CA LEU C 750 -6.25 27.57 -31.50
C LEU C 750 -6.71 26.32 -30.75
N LYS C 751 -7.95 26.34 -30.26
CA LYS C 751 -8.51 25.17 -29.56
C LYS C 751 -9.69 24.65 -30.37
N ARG C 752 -10.02 25.30 -31.49
CA ARG C 752 -11.09 24.74 -32.31
C ARG C 752 -10.89 23.24 -32.54
N ARG C 753 -9.64 22.80 -32.67
CA ARG C 753 -9.33 21.39 -32.79
C ARG C 753 -8.38 20.96 -31.68
N MET D 1 17.51 20.88 -15.30
CA MET D 1 16.68 21.99 -14.86
C MET D 1 15.33 21.94 -15.56
N SER D 2 14.40 21.17 -15.01
CA SER D 2 13.04 21.08 -15.51
C SER D 2 12.10 20.88 -14.34
N ARG D 3 11.07 21.71 -14.26
CA ARG D 3 10.10 21.65 -13.17
C ARG D 3 8.69 21.73 -13.74
N ILE D 4 7.81 20.90 -13.18
CA ILE D 4 6.38 20.96 -13.49
C ILE D 4 5.75 21.95 -12.52
N GLU D 5 5.15 23.01 -13.06
CA GLU D 5 4.67 24.11 -12.23
C GLU D 5 3.21 23.95 -11.81
N LYS D 6 2.28 23.93 -12.77
CA LYS D 6 0.87 23.85 -12.42
C LYS D 6 0.11 23.02 -13.46
N MET D 7 -1.06 22.55 -13.04
CA MET D 7 -1.91 21.66 -13.81
C MET D 7 -3.33 22.22 -13.87
N SER D 8 -4.09 21.79 -14.87
CA SER D 8 -5.52 22.09 -14.98
C SER D 8 -6.21 20.82 -15.43
N ILE D 9 -6.98 20.20 -14.54
CA ILE D 9 -7.69 18.97 -14.84
C ILE D 9 -9.17 19.29 -15.03
N LEU D 10 -9.74 18.82 -16.15
CA LEU D 10 -11.15 19.03 -16.43
C LEU D 10 -11.67 17.81 -17.16
N GLY D 11 -12.70 17.18 -16.60
CA GLY D 11 -13.35 16.07 -17.27
C GLY D 11 -12.58 14.77 -17.26
N VAL D 12 -11.53 14.65 -16.47
CA VAL D 12 -10.72 13.44 -16.40
C VAL D 12 -11.19 12.62 -15.22
N ARG D 13 -11.67 11.40 -15.49
CA ARG D 13 -12.23 10.52 -14.49
C ARG D 13 -13.33 11.22 -13.71
N SER D 14 -13.14 11.43 -12.40
CA SER D 14 -14.19 11.97 -11.57
C SER D 14 -14.20 13.49 -11.48
N PHE D 15 -13.33 14.18 -12.21
CA PHE D 15 -13.35 15.63 -12.22
C PHE D 15 -14.54 16.15 -13.02
N GLY D 16 -15.01 17.35 -12.66
CA GLY D 16 -16.18 17.91 -13.27
C GLY D 16 -15.95 18.33 -14.72
N ILE D 17 -17.06 18.56 -15.42
CA ILE D 17 -17.02 18.86 -16.84
C ILE D 17 -17.25 20.34 -17.13
N GLU D 18 -18.08 21.01 -16.33
CA GLU D 18 -18.25 22.44 -16.51
C GLU D 18 -16.95 23.17 -16.21
N ASP D 19 -16.73 24.28 -16.91
CA ASP D 19 -15.50 25.05 -16.71
C ASP D 19 -15.40 25.61 -15.29
N LYS D 20 -16.53 25.72 -14.58
CA LYS D 20 -16.49 26.10 -13.18
C LYS D 20 -15.85 25.03 -12.30
N ASP D 21 -15.67 23.81 -12.82
CA ASP D 21 -15.08 22.71 -12.09
C ASP D 21 -13.62 22.46 -12.47
N LYS D 22 -13.02 23.38 -13.22
CA LYS D 22 -11.62 23.24 -13.62
C LYS D 22 -10.73 23.40 -12.40
N GLN D 23 -10.06 22.32 -12.01
CA GLN D 23 -9.22 22.31 -10.82
C GLN D 23 -7.75 22.55 -11.18
N ILE D 24 -7.09 23.37 -10.37
CA ILE D 24 -5.72 23.78 -10.61
C ILE D 24 -4.88 23.38 -9.41
N ILE D 25 -3.74 22.71 -9.67
CA ILE D 25 -2.82 22.28 -8.63
C ILE D 25 -1.42 22.76 -9.00
N THR D 26 -0.76 23.45 -8.07
CA THR D 26 0.57 24.01 -8.29
C THR D 26 1.57 23.20 -7.48
N PHE D 27 2.57 22.64 -8.16
CA PHE D 27 3.55 21.77 -7.51
C PHE D 27 4.65 22.62 -6.87
N PHE D 28 4.93 22.36 -5.60
CA PHE D 28 5.96 23.06 -4.86
C PHE D 28 7.29 22.33 -4.99
N SER D 29 8.33 22.92 -4.40
CA SER D 29 9.65 22.31 -4.36
C SER D 29 10.22 22.42 -2.96
N PRO D 30 11.00 21.41 -2.52
CA PRO D 30 11.32 20.18 -3.22
C PRO D 30 10.35 19.04 -2.92
N LEU D 31 9.29 19.28 -2.15
CA LEU D 31 8.37 18.23 -1.73
C LEU D 31 6.94 18.69 -1.92
N THR D 32 6.10 17.82 -2.46
CA THR D 32 4.68 18.08 -2.68
C THR D 32 3.88 16.91 -2.14
N ILE D 33 3.04 17.16 -1.13
CA ILE D 33 2.28 16.12 -0.46
C ILE D 33 0.83 16.22 -0.92
N LEU D 34 0.27 15.07 -1.31
CA LEU D 34 -1.13 14.97 -1.70
C LEU D 34 -1.84 13.99 -0.78
N VAL D 35 -2.91 14.46 -0.14
CA VAL D 35 -3.68 13.64 0.80
C VAL D 35 -5.15 13.73 0.41
N GLY D 36 -5.91 12.73 0.83
CA GLY D 36 -7.33 12.70 0.57
C GLY D 36 -7.93 11.32 0.77
N PRO D 37 -9.26 11.24 0.74
CA PRO D 37 -9.92 9.94 0.91
C PRO D 37 -9.69 9.03 -0.29
N ASN D 38 -10.17 7.80 -0.16
CA ASN D 38 -10.06 6.85 -1.25
C ASN D 38 -10.96 7.26 -2.41
N GLY D 39 -10.40 7.23 -3.62
CA GLY D 39 -11.13 7.68 -4.78
C GLY D 39 -11.22 9.18 -4.94
N ALA D 40 -10.48 9.94 -4.13
CA ALA D 40 -10.59 11.40 -4.18
C ALA D 40 -10.06 11.95 -5.49
N GLY D 41 -8.95 11.43 -5.99
CA GLY D 41 -8.36 11.95 -7.22
C GLY D 41 -6.89 12.24 -7.14
N LYS D 42 -6.22 11.74 -6.10
CA LYS D 42 -4.79 11.95 -5.95
C LYS D 42 -4.01 11.28 -7.08
N THR D 43 -4.32 10.01 -7.35
CA THR D 43 -3.64 9.28 -8.42
C THR D 43 -4.01 9.82 -9.79
N THR D 44 -5.20 10.41 -9.91
CA THR D 44 -5.62 10.97 -11.19
C THR D 44 -4.72 12.12 -11.61
N ILE D 45 -4.14 12.84 -10.65
CA ILE D 45 -3.23 13.94 -10.98
C ILE D 45 -1.98 13.40 -11.66
N ILE D 46 -1.41 12.33 -11.12
CA ILE D 46 -0.24 11.71 -11.73
C ILE D 46 -0.60 11.08 -13.07
N GLU D 47 -1.81 10.51 -13.18
CA GLU D 47 -2.26 10.00 -14.47
C GLU D 47 -2.32 11.12 -15.50
N CYS D 48 -2.83 12.28 -15.12
CA CYS D 48 -2.87 13.43 -16.02
C CYS D 48 -1.47 13.90 -16.38
N LEU D 49 -0.56 13.90 -15.41
CA LEU D 49 0.82 14.29 -15.69
C LEU D 49 1.45 13.35 -16.71
N LYS D 50 1.26 12.04 -16.53
CA LYS D 50 1.80 11.07 -17.47
C LYS D 50 1.16 11.22 -18.84
N TYR D 51 -0.15 11.44 -18.91
CA TYR D 51 -0.80 11.60 -20.20
C TYR D 51 -0.32 12.86 -20.91
N ILE D 52 -0.11 13.94 -20.17
CA ILE D 52 0.41 15.16 -20.79
C ILE D 52 1.82 14.93 -21.30
N CYS D 53 2.66 14.30 -20.48
CA CYS D 53 4.08 14.16 -20.84
C CYS D 53 4.26 13.21 -22.02
N THR D 54 3.59 12.05 -21.99
CA THR D 54 3.88 10.98 -22.93
C THR D 54 2.66 10.48 -23.71
N GLY D 55 1.45 10.85 -23.32
CA GLY D 55 0.29 10.44 -24.09
C GLY D 55 -0.20 9.03 -23.82
N ASP D 56 0.28 8.35 -22.79
CA ASP D 56 -0.14 7.00 -22.47
C ASP D 56 -1.10 7.02 -21.28
N PHE D 57 -2.19 6.27 -21.40
CA PHE D 57 -3.18 6.18 -20.35
C PHE D 57 -2.70 5.23 -19.25
N PRO D 58 -3.33 5.27 -18.08
CA PRO D 58 -2.94 4.36 -17.01
C PRO D 58 -3.12 2.91 -17.44
N PRO D 59 -2.38 1.98 -16.84
CA PRO D 59 -2.47 0.58 -17.25
C PRO D 59 -3.87 0.03 -17.07
N GLY D 60 -4.27 -0.85 -17.99
CA GLY D 60 -5.60 -1.41 -17.98
C GLY D 60 -6.69 -0.45 -18.41
N THR D 61 -6.32 0.78 -18.78
CA THR D 61 -7.27 1.83 -19.10
C THR D 61 -7.07 2.27 -20.54
N LYS D 62 -8.14 2.27 -21.31
CA LYS D 62 -8.14 2.82 -22.67
C LYS D 62 -8.68 4.24 -22.62
N GLY D 63 -8.82 4.84 -23.80
CA GLY D 63 -9.36 6.19 -23.88
C GLY D 63 -10.77 6.28 -23.34
N ASN D 64 -11.57 5.23 -23.54
CA ASN D 64 -12.95 5.21 -23.06
C ASN D 64 -13.06 5.29 -21.55
N THR D 65 -12.02 4.89 -20.81
CA THR D 65 -12.08 4.84 -19.35
C THR D 65 -11.40 6.04 -18.68
N PHE D 66 -10.32 6.55 -19.26
CA PHE D 66 -9.59 7.66 -18.65
C PHE D 66 -10.48 8.89 -18.48
N VAL D 67 -11.27 9.21 -19.47
CA VAL D 67 -12.09 10.42 -19.46
C VAL D 67 -13.38 10.14 -18.69
N HIS D 68 -14.05 11.23 -18.29
CA HIS D 68 -15.31 11.12 -17.57
C HIS D 68 -16.34 10.36 -18.40
N ASP D 69 -17.11 9.52 -17.74
CA ASP D 69 -18.09 8.70 -18.45
C ASP D 69 -19.33 9.55 -18.78
N PRO D 70 -19.73 9.63 -20.05
CA PRO D 70 -20.94 10.40 -20.39
C PRO D 70 -22.20 9.88 -19.73
N LYS D 71 -22.30 8.59 -19.45
CA LYS D 71 -23.50 8.05 -18.84
C LYS D 71 -23.71 8.61 -17.43
N VAL D 72 -22.64 8.63 -16.62
CA VAL D 72 -22.74 9.22 -15.29
C VAL D 72 -22.99 10.72 -15.39
N ALA D 73 -22.41 11.37 -16.40
CA ALA D 73 -22.62 12.79 -16.61
C ALA D 73 -24.01 13.12 -17.14
N GLN D 74 -24.78 12.11 -17.57
CA GLN D 74 -26.08 12.31 -18.21
C GLN D 74 -25.95 13.25 -19.41
N GLU D 75 -24.88 13.07 -20.18
CA GLU D 75 -24.58 13.92 -21.32
C GLU D 75 -24.27 13.06 -22.54
N THR D 76 -24.54 13.61 -23.72
CA THR D 76 -24.26 12.88 -24.96
C THR D 76 -22.76 12.68 -25.13
N ASP D 77 -21.98 13.74 -24.99
CA ASP D 77 -20.53 13.65 -25.09
C ASP D 77 -19.89 14.48 -23.98
N VAL D 78 -18.63 14.17 -23.70
CA VAL D 78 -17.86 14.86 -22.66
C VAL D 78 -16.52 15.26 -23.26
N ARG D 79 -16.16 16.53 -23.15
CA ARG D 79 -14.83 17.02 -23.67
CA ARG D 79 -14.85 17.05 -23.66
C ARG D 79 -13.88 17.47 -22.53
N ALA D 80 -12.75 16.79 -22.50
CA ALA D 80 -11.77 16.95 -21.43
C ALA D 80 -10.53 17.66 -21.96
N GLN D 81 -9.90 18.42 -21.08
CA GLN D 81 -8.64 19.08 -21.42
C GLN D 81 -7.75 19.07 -20.20
N ILE D 82 -6.45 18.92 -20.43
CA ILE D 82 -5.44 18.95 -19.38
C ILE D 82 -4.39 19.95 -19.81
N ARG D 83 -4.13 20.94 -18.97
CA ARG D 83 -3.16 21.99 -19.28
C ARG D 83 -2.02 21.90 -18.28
N LEU D 84 -0.80 21.68 -18.78
CA LEU D 84 0.40 21.66 -17.96
C LEU D 84 1.30 22.82 -18.34
N GLN D 85 1.86 23.46 -17.32
CA GLN D 85 2.83 24.53 -17.47
C GLN D 85 4.11 24.12 -16.78
N PHE D 86 5.25 24.34 -17.45
CA PHE D 86 6.52 23.82 -16.95
C PHE D 86 7.64 24.64 -17.57
N ARG D 87 8.87 24.28 -17.22
CA ARG D 87 10.06 24.79 -17.86
C ARG D 87 10.82 23.64 -18.52
N ASP D 88 11.33 23.88 -19.72
CA ASP D 88 12.15 22.88 -20.39
C ASP D 88 13.56 22.92 -19.77
N VAL D 89 14.49 22.17 -20.37
CA VAL D 89 15.79 21.96 -19.74
C VAL D 89 16.55 23.27 -19.59
N ASN D 90 16.41 24.17 -20.57
CA ASN D 90 17.12 25.45 -20.51
C ASN D 90 16.43 26.46 -19.61
N GLY D 91 15.25 26.14 -19.08
CA GLY D 91 14.52 27.06 -18.21
C GLY D 91 13.49 27.92 -18.90
N GLU D 92 13.27 27.74 -20.21
CA GLU D 92 12.26 28.52 -20.91
C GLU D 92 10.86 28.02 -20.55
N LEU D 93 9.93 28.96 -20.42
CA LEU D 93 8.57 28.65 -20.00
C LEU D 93 7.77 28.10 -21.18
N ILE D 94 7.20 26.91 -21.01
CA ILE D 94 6.39 26.26 -22.04
C ILE D 94 5.12 25.74 -21.38
N ALA D 95 3.99 25.96 -22.04
CA ALA D 95 2.70 25.42 -21.60
C ALA D 95 2.11 24.54 -22.71
N VAL D 96 1.73 23.33 -22.35
CA VAL D 96 1.17 22.37 -23.29
C VAL D 96 -0.25 22.04 -22.86
N GLN D 97 -1.07 21.60 -23.80
CA GLN D 97 -2.46 21.24 -23.56
C GLN D 97 -2.85 20.08 -24.45
N ARG D 98 -3.68 19.19 -23.91
CA ARG D 98 -4.22 18.06 -24.67
C ARG D 98 -5.72 18.00 -24.47
N SER D 99 -6.47 18.01 -25.56
CA SER D 99 -7.92 17.91 -25.51
C SER D 99 -8.35 16.46 -25.72
N MET D 100 -9.65 16.23 -25.57
CA MET D 100 -10.17 14.87 -25.51
C MET D 100 -11.68 14.90 -25.66
N VAL D 101 -12.25 13.81 -26.16
CA VAL D 101 -13.69 13.68 -26.34
C VAL D 101 -14.09 12.21 -26.22
N CYS D 102 -15.19 11.95 -25.53
CA CYS D 102 -15.80 10.64 -25.46
C CYS D 102 -17.27 10.76 -25.82
N THR D 103 -17.67 10.06 -26.88
CA THR D 103 -19.05 10.09 -27.36
C THR D 103 -19.73 8.78 -27.02
N GLN D 104 -20.91 8.86 -26.39
CA GLN D 104 -21.68 7.68 -26.02
C GLN D 104 -22.51 7.27 -27.24
N LYS D 105 -22.13 6.16 -27.86
CA LYS D 105 -22.77 5.68 -29.08
C LYS D 105 -23.34 4.29 -28.85
N SER D 106 -24.67 4.18 -28.86
CA SER D 106 -25.39 2.91 -28.75
C SER D 106 -24.96 2.22 -27.47
N LYS D 107 -24.39 1.01 -27.52
CA LYS D 107 -23.98 0.28 -26.32
C LYS D 107 -22.54 0.58 -25.92
N LYS D 108 -21.64 0.67 -26.89
CA LYS D 108 -20.24 0.95 -26.62
C LYS D 108 -20.05 2.46 -26.45
N THR D 109 -18.79 2.90 -26.39
CA THR D 109 -18.46 4.31 -26.32
C THR D 109 -17.21 4.56 -27.14
N GLU D 110 -17.13 5.74 -27.77
CA GLU D 110 -16.08 6.07 -28.71
C GLU D 110 -15.20 7.17 -28.12
N PHE D 111 -13.89 7.09 -28.40
CA PHE D 111 -12.91 8.01 -27.87
C PHE D 111 -12.11 8.62 -29.01
N LYS D 112 -11.66 9.86 -28.81
CA LYS D 112 -10.93 10.58 -29.84
C LYS D 112 -10.23 11.77 -29.19
N THR D 113 -8.97 12.00 -29.57
CA THR D 113 -8.19 13.11 -29.05
C THR D 113 -8.26 14.26 -30.04
N LEU D 114 -8.60 15.46 -29.55
CA LEU D 114 -8.51 16.64 -30.39
C LEU D 114 -7.06 17.14 -30.42
N GLU D 115 -6.80 18.06 -31.34
CA GLU D 115 -5.47 18.59 -31.48
C GLU D 115 -5.08 19.41 -30.24
N GLY D 116 -3.84 19.21 -29.79
CA GLY D 116 -3.35 19.90 -28.62
C GLY D 116 -2.56 21.14 -28.98
N VAL D 117 -2.27 21.99 -28.00
CA VAL D 117 -1.63 23.28 -28.25
C VAL D 117 -0.30 23.32 -27.53
N ILE D 118 0.72 23.86 -28.21
CA ILE D 118 2.01 24.18 -27.62
C ILE D 118 2.15 25.69 -27.58
N THR D 119 2.41 26.23 -26.40
CA THR D 119 2.49 27.67 -26.21
C THR D 119 3.79 28.03 -25.51
N ARG D 120 4.50 29.01 -26.05
CA ARG D 120 5.75 29.49 -25.47
C ARG D 120 5.66 31.01 -25.35
N THR D 121 6.77 31.64 -25.02
CA THR D 121 6.88 33.10 -24.96
C THR D 121 8.19 33.51 -25.64
N LYS D 122 8.08 33.99 -26.88
CA LYS D 122 9.24 34.41 -27.66
C LYS D 122 9.20 35.92 -27.84
N HIS D 123 10.32 36.59 -27.54
CA HIS D 123 10.48 38.03 -27.70
C HIS D 123 9.38 38.81 -26.99
N GLY D 124 8.93 38.31 -25.84
CA GLY D 124 7.89 38.97 -25.07
C GLY D 124 6.48 38.74 -25.57
N GLU D 125 6.30 37.97 -26.63
CA GLU D 125 4.99 37.71 -27.21
C GLU D 125 4.56 36.27 -26.93
N LYS D 126 3.30 35.97 -27.26
CA LYS D 126 2.70 34.68 -26.98
C LYS D 126 2.40 33.96 -28.29
N VAL D 127 2.77 32.68 -28.36
CA VAL D 127 2.57 31.88 -29.56
C VAL D 127 1.75 30.66 -29.21
N SER D 128 1.11 30.08 -30.23
CA SER D 128 0.32 28.86 -30.07
C SER D 128 0.50 28.00 -31.31
N LEU D 129 0.64 26.69 -31.12
CA LEU D 129 0.80 25.78 -32.27
C LEU D 129 -0.11 24.57 -32.04
N SER D 130 -1.19 24.47 -32.80
CA SER D 130 -2.08 23.30 -32.67
C SER D 130 -1.34 22.08 -33.25
N SER D 131 -1.13 21.04 -32.45
CA SER D 131 -0.33 19.90 -32.97
C SER D 131 -1.14 18.62 -32.86
N LYS D 132 -0.66 17.52 -33.45
CA LYS D 132 -1.49 16.31 -33.54
C LYS D 132 -1.03 15.17 -32.64
N CYS D 133 -0.87 15.38 -31.34
CA CYS D 133 -0.57 14.27 -30.42
C CYS D 133 0.63 13.42 -30.86
N ALA D 134 1.55 13.96 -31.65
CA ALA D 134 2.75 13.20 -32.01
C ALA D 134 3.88 14.20 -32.08
N GLU D 135 3.51 15.47 -32.03
CA GLU D 135 4.53 16.53 -31.98
C GLU D 135 4.44 17.03 -30.55
N ILE D 136 3.29 16.80 -29.92
CA ILE D 136 3.09 17.20 -28.51
C ILE D 136 3.67 16.08 -27.65
N ASP D 137 4.40 15.16 -28.26
CA ASP D 137 5.14 14.14 -27.48
C ASP D 137 6.61 14.41 -27.77
N ARG D 138 7.04 14.02 -28.96
CA ARG D 138 8.44 14.32 -29.35
C ARG D 138 8.86 15.69 -28.89
N GLU D 139 8.05 16.72 -29.14
CA GLU D 139 8.54 18.04 -28.80
C GLU D 139 8.69 18.19 -27.29
N MET D 140 7.67 17.79 -26.53
CA MET D 140 7.78 17.95 -25.09
C MET D 140 8.62 16.86 -24.44
N ILE D 141 8.83 15.72 -25.11
CA ILE D 141 9.84 14.77 -24.63
C ILE D 141 11.22 15.38 -24.73
N SER D 142 11.52 16.05 -25.85
CA SER D 142 12.80 16.74 -25.96
C SER D 142 12.90 17.91 -25.00
N SER D 143 11.78 18.61 -24.75
CA SER D 143 11.78 19.72 -23.82
C SER D 143 12.08 19.26 -22.40
N LEU D 144 11.45 18.17 -21.96
CA LEU D 144 11.64 17.71 -20.59
C LEU D 144 13.03 17.15 -20.36
N GLY D 145 13.73 16.74 -21.42
CA GLY D 145 15.08 16.22 -21.31
C GLY D 145 15.18 14.74 -21.02
N VAL D 146 14.06 14.03 -20.92
CA VAL D 146 14.06 12.59 -20.67
C VAL D 146 13.18 11.90 -21.70
N SER D 147 13.45 10.61 -21.90
CA SER D 147 12.77 9.83 -22.91
C SER D 147 11.38 9.41 -22.43
N LYS D 148 10.59 8.88 -23.36
CA LYS D 148 9.24 8.43 -23.01
C LYS D 148 9.27 7.24 -22.07
N ALA D 149 10.23 6.33 -22.25
CA ALA D 149 10.28 5.14 -21.42
C ALA D 149 10.53 5.48 -19.95
N VAL D 150 11.52 6.35 -19.69
CA VAL D 150 11.79 6.72 -18.32
C VAL D 150 10.63 7.54 -17.74
N LEU D 151 10.05 8.42 -18.55
CA LEU D 151 8.91 9.21 -18.08
C LEU D 151 7.74 8.31 -17.68
N ASN D 152 7.55 7.21 -18.40
CA ASN D 152 6.46 6.28 -18.07
C ASN D 152 6.80 5.45 -16.84
N ASN D 153 8.03 4.95 -16.74
CA ASN D 153 8.35 3.91 -15.77
C ASN D 153 9.05 4.43 -14.52
N VAL D 154 10.06 5.27 -14.67
CA VAL D 154 10.86 5.75 -13.54
C VAL D 154 10.14 6.87 -12.81
N ILE D 155 9.75 7.92 -13.53
CA ILE D 155 9.25 9.14 -12.89
C ILE D 155 7.79 8.99 -12.52
N PHE D 156 6.91 8.89 -13.52
CA PHE D 156 5.47 8.81 -13.28
C PHE D 156 4.97 7.37 -13.33
N CYS D 157 5.53 6.50 -12.51
CA CYS D 157 5.07 5.12 -12.45
C CYS D 157 3.70 5.06 -11.81
N HIS D 158 2.75 4.47 -12.51
CA HIS D 158 1.39 4.35 -11.97
C HIS D 158 1.39 3.47 -10.73
N GLN D 159 0.40 3.68 -9.87
CA GLN D 159 0.30 2.89 -8.66
C GLN D 159 0.12 1.41 -8.98
N GLU D 160 -0.71 1.10 -9.99
CA GLU D 160 -0.85 -0.28 -10.41
C GLU D 160 0.38 -0.78 -11.15
N ASP D 161 1.06 0.11 -11.88
CA ASP D 161 2.22 -0.26 -12.69
C ASP D 161 3.50 -0.30 -11.88
N SER D 162 3.45 0.04 -10.60
CA SER D 162 4.61 -0.08 -9.74
C SER D 162 5.00 -1.54 -9.56
N ASN D 163 6.17 -1.76 -8.97
CA ASN D 163 6.77 -3.08 -8.83
C ASN D 163 6.99 -3.73 -10.20
N TRP D 164 7.20 -2.90 -11.22
CA TRP D 164 7.53 -3.38 -12.55
C TRP D 164 8.94 -3.99 -12.64
N PRO D 165 9.92 -3.57 -11.82
CA PRO D 165 11.20 -4.31 -11.83
C PRO D 165 11.04 -5.78 -11.47
N LEU D 166 10.10 -6.11 -10.60
CA LEU D 166 9.84 -7.51 -10.24
C LEU D 166 8.76 -8.13 -11.12
N SER D 167 8.94 -8.03 -12.43
CA SER D 167 8.01 -8.59 -13.40
C SER D 167 8.72 -9.67 -14.22
N GLU D 168 7.95 -10.30 -15.11
CA GLU D 168 8.45 -11.43 -15.88
C GLU D 168 9.65 -11.03 -16.74
N GLY D 169 10.34 -12.04 -17.27
CA GLY D 169 11.58 -11.79 -17.98
C GLY D 169 11.39 -10.95 -19.22
N LYS D 170 10.39 -11.29 -20.04
CA LYS D 170 10.15 -10.53 -21.26
C LYS D 170 9.70 -9.11 -20.95
N ALA D 171 8.83 -8.95 -19.95
CA ALA D 171 8.35 -7.62 -19.59
C ALA D 171 9.49 -6.75 -19.08
N LEU D 172 10.35 -7.30 -18.21
CA LEU D 172 11.49 -6.55 -17.71
C LEU D 172 12.47 -6.21 -18.82
N LYS D 173 12.72 -7.16 -19.73
CA LYS D 173 13.61 -6.88 -20.85
C LYS D 173 13.04 -5.78 -21.73
N GLN D 174 11.73 -5.80 -21.96
CA GLN D 174 11.10 -4.75 -22.76
C GLN D 174 11.21 -3.40 -22.06
N LYS D 175 10.94 -3.35 -20.76
CA LYS D 175 11.09 -2.10 -20.02
C LYS D 175 12.52 -1.58 -20.15
N PHE D 176 13.50 -2.47 -20.08
CA PHE D 176 14.88 -2.01 -20.05
C PHE D 176 15.46 -1.72 -21.42
N ASP D 177 14.89 -2.25 -22.51
CA ASP D 177 15.41 -1.79 -23.79
C ASP D 177 14.63 -0.61 -24.34
N GLU D 178 13.42 -0.33 -23.81
CA GLU D 178 12.90 1.01 -24.02
C GLU D 178 13.68 2.03 -23.19
N ILE D 179 14.05 1.68 -21.96
CA ILE D 179 14.82 2.61 -21.12
C ILE D 179 16.20 2.86 -21.73
N PHE D 180 16.87 1.80 -22.21
CA PHE D 180 18.20 1.95 -22.77
C PHE D 180 18.19 2.53 -24.17
N SER D 181 17.01 2.76 -24.76
CA SER D 181 16.87 3.34 -26.10
C SER D 181 17.53 2.43 -27.14
N ALA D 182 17.04 1.20 -27.22
CA ALA D 182 17.49 0.24 -28.21
C ALA D 182 16.33 -0.55 -28.79
N THR D 183 15.14 0.05 -28.83
CA THR D 183 13.95 -0.68 -29.26
C THR D 183 14.04 -1.10 -30.72
N ARG D 184 14.69 -0.31 -31.56
CA ARG D 184 14.71 -0.60 -32.99
C ARG D 184 15.58 -1.80 -33.31
N TYR D 185 16.62 -2.08 -32.51
CA TYR D 185 17.41 -3.28 -32.74
C TYR D 185 16.61 -4.54 -32.40
N ILE D 186 15.80 -4.50 -31.33
CA ILE D 186 14.90 -5.61 -31.06
C ILE D 186 13.82 -5.71 -32.14
N LYS D 187 13.40 -4.58 -32.69
CA LYS D 187 12.48 -4.63 -33.83
C LYS D 187 13.11 -5.32 -35.02
N ALA D 188 14.39 -5.03 -35.31
CA ALA D 188 15.10 -5.71 -36.38
C ALA D 188 15.25 -7.20 -36.10
N LEU D 189 15.52 -7.55 -34.84
CA LEU D 189 15.65 -8.95 -34.46
C LEU D 189 14.33 -9.69 -34.68
N GLU D 190 13.21 -9.07 -34.30
CA GLU D 190 11.92 -9.71 -34.49
C GLU D 190 11.52 -9.76 -35.96
N THR D 191 11.94 -8.77 -36.75
CA THR D 191 11.74 -8.85 -38.19
C THR D 191 12.51 -10.03 -38.77
N LEU D 192 13.75 -10.23 -38.31
CA LEU D 192 14.51 -11.40 -38.71
C LEU D 192 13.79 -12.69 -38.36
N ARG D 193 13.26 -12.78 -37.14
CA ARG D 193 12.54 -13.98 -36.73
C ARG D 193 11.32 -14.21 -37.63
N GLN D 194 10.54 -13.16 -37.87
CA GLN D 194 9.32 -13.30 -38.66
C GLN D 194 9.63 -13.70 -40.10
N VAL D 195 10.64 -13.09 -40.71
CA VAL D 195 10.99 -13.46 -42.07
C VAL D 195 11.52 -14.89 -42.11
N ARG D 196 12.22 -15.34 -41.06
CA ARG D 196 12.66 -16.72 -41.03
C ARG D 196 11.48 -17.68 -40.97
N GLN D 197 10.47 -17.39 -40.14
CA GLN D 197 9.30 -18.26 -40.09
C GLN D 197 8.56 -18.26 -41.42
N THR D 198 8.44 -17.09 -42.05
CA THR D 198 7.79 -17.02 -43.36
C THR D 198 8.51 -17.87 -44.39
N GLN D 199 9.84 -17.77 -44.44
CA GLN D 199 10.61 -18.56 -45.39
C GLN D 199 10.54 -20.05 -45.06
N GLY D 200 10.46 -20.41 -43.78
CA GLY D 200 10.31 -21.81 -43.43
C GLY D 200 8.97 -22.38 -43.87
N GLN D 201 7.90 -21.62 -43.68
CA GLN D 201 6.59 -22.05 -44.18
C GLN D 201 6.62 -22.17 -45.70
N LYS D 202 7.30 -21.24 -46.37
CA LYS D 202 7.44 -21.34 -47.82
C LYS D 202 8.21 -22.61 -48.20
N VAL D 203 9.23 -22.97 -47.43
CA VAL D 203 10.00 -24.18 -47.72
C VAL D 203 9.11 -25.41 -47.56
N LYS D 204 8.29 -25.46 -46.51
CA LYS D 204 7.38 -26.58 -46.33
C LYS D 204 6.40 -26.70 -47.50
N GLU D 205 5.80 -25.58 -47.90
CA GLU D 205 4.89 -25.60 -49.04
C GLU D 205 5.60 -26.02 -50.32
N TYR D 206 6.84 -25.57 -50.50
CA TYR D 206 7.62 -25.95 -51.67
C TYR D 206 7.92 -27.44 -51.69
N GLN D 207 8.22 -28.04 -50.54
CA GLN D 207 8.40 -29.49 -50.50
C GLN D 207 7.10 -30.21 -50.87
N MET D 208 5.98 -29.73 -50.33
CA MET D 208 4.70 -30.35 -50.63
C MET D 208 4.40 -30.32 -52.12
N GLU D 209 4.66 -29.19 -52.77
CA GLU D 209 4.42 -29.09 -54.21
C GLU D 209 5.49 -29.85 -54.99
N LEU D 210 6.70 -29.96 -54.45
CA LEU D 210 7.78 -30.65 -55.13
C LEU D 210 7.50 -32.14 -55.25
N LYS D 211 6.82 -32.71 -54.25
CA LYS D 211 6.41 -34.11 -54.37
C LYS D 211 5.59 -34.33 -55.64
N TYR D 212 4.55 -33.52 -55.81
CA TYR D 212 3.68 -33.65 -56.97
C TYR D 212 4.43 -33.32 -58.27
N LEU D 213 5.32 -32.34 -58.22
CA LEU D 213 6.09 -32.00 -59.41
C LEU D 213 7.08 -33.08 -59.82
N LYS D 214 7.62 -33.84 -58.85
CA LYS D 214 8.45 -35.00 -59.17
C LYS D 214 7.62 -36.11 -59.80
N GLN D 215 6.42 -36.35 -59.26
CA GLN D 215 5.52 -37.32 -59.88
C GLN D 215 5.23 -36.94 -61.33
N TYR D 216 4.90 -35.66 -61.54
CA TYR D 216 4.63 -35.16 -62.88
C TYR D 216 5.85 -35.30 -63.78
N LYS D 217 7.03 -34.96 -63.24
CA LYS D 217 8.26 -35.03 -64.02
C LYS D 217 8.54 -36.45 -64.49
N GLU D 218 8.43 -37.43 -63.59
CA GLU D 218 8.71 -38.81 -63.97
C GLU D 218 7.68 -39.34 -64.97
N LYS D 219 6.40 -39.01 -64.76
CA LYS D 219 5.38 -39.46 -65.69
C LYS D 219 5.60 -38.86 -67.08
N ALA D 220 5.93 -37.57 -67.13
CA ALA D 220 6.18 -36.93 -68.42
C ALA D 220 7.43 -37.51 -69.09
N CYS D 221 8.46 -37.82 -68.32
CA CYS D 221 9.65 -38.43 -68.89
C CYS D 221 9.33 -39.80 -69.48
N GLU D 222 8.51 -40.60 -68.78
CA GLU D 222 8.10 -41.89 -69.32
C GLU D 222 7.29 -41.70 -70.60
N ILE D 223 6.41 -40.70 -70.63
CA ILE D 223 5.62 -40.43 -71.84
C ILE D 223 6.53 -40.07 -73.01
N ARG D 224 7.54 -39.22 -72.75
CA ARG D 224 8.48 -38.86 -73.80
C ARG D 224 9.27 -40.06 -74.29
N ASP D 225 9.70 -40.93 -73.37
CA ASP D 225 10.42 -42.13 -73.76
C ASP D 225 9.57 -43.03 -74.65
N GLN D 226 8.30 -43.21 -74.29
CA GLN D 226 7.44 -44.04 -75.11
C GLN D 226 7.17 -43.38 -76.46
N ILE D 227 7.07 -42.05 -76.49
CA ILE D 227 6.89 -41.34 -77.76
C ILE D 227 8.07 -41.59 -78.68
N THR D 228 9.29 -41.46 -78.14
CA THR D 228 10.48 -41.67 -78.97
C THR D 228 10.58 -43.12 -79.44
N SER D 229 10.27 -44.08 -78.56
CA SER D 229 10.33 -45.48 -78.96
C SER D 229 9.29 -45.79 -80.04
N LYS D 230 8.09 -45.24 -79.91
CA LYS D 230 7.05 -45.48 -80.91
C LYS D 230 7.42 -44.82 -82.24
N GLU D 231 8.02 -43.64 -82.21
CA GLU D 231 8.49 -43.01 -83.44
C GLU D 231 9.58 -43.85 -84.11
N ALA D 232 10.50 -44.39 -83.31
CA ALA D 232 11.54 -45.25 -83.87
C ALA D 232 10.93 -46.50 -84.49
N GLN D 233 9.91 -47.07 -83.84
CA GLN D 233 9.24 -48.23 -84.41
C GLN D 233 8.52 -47.89 -85.71
N LEU D 234 7.83 -46.75 -85.75
CA LEU D 234 7.05 -46.39 -86.94
C LEU D 234 7.96 -46.05 -88.12
N THR D 235 9.04 -45.30 -87.87
CA THR D 235 9.92 -44.88 -88.97
C THR D 235 10.65 -46.04 -89.62
N SER D 236 10.67 -47.21 -88.99
CA SER D 236 11.32 -48.38 -89.57
C SER D 236 10.30 -49.28 -90.27
N GLN D 1078 0.00 -49.65 -90.18
CA GLN D 1078 0.76 -48.80 -89.27
C GLN D 1078 0.02 -47.48 -89.02
N LYS D 1079 -1.17 -47.36 -89.62
CA LYS D 1079 -2.02 -46.21 -89.33
C LYS D 1079 -2.40 -46.16 -87.86
N GLY D 1080 -2.70 -47.31 -87.25
CA GLY D 1080 -2.97 -47.33 -85.83
C GLY D 1080 -1.74 -47.00 -85.00
N TYR D 1081 -0.55 -47.40 -85.49
CA TYR D 1081 0.68 -46.99 -84.83
C TYR D 1081 0.81 -45.46 -84.83
N GLU D 1082 0.52 -44.84 -85.98
CA GLU D 1082 0.56 -43.39 -86.07
C GLU D 1082 -0.48 -42.76 -85.16
N GLU D 1083 -1.66 -43.37 -85.06
CA GLU D 1083 -2.69 -42.86 -84.15
C GLU D 1083 -2.24 -42.92 -82.69
N GLU D 1084 -1.59 -44.02 -82.30
CA GLU D 1084 -1.05 -44.12 -80.96
C GLU D 1084 0.02 -43.06 -80.71
N ILE D 1085 0.87 -42.83 -81.71
CA ILE D 1085 1.89 -41.79 -81.59
C ILE D 1085 1.25 -40.42 -81.38
N ILE D 1086 0.20 -40.14 -82.16
CA ILE D 1086 -0.51 -38.87 -82.03
C ILE D 1086 -1.14 -38.74 -80.65
N HIS D 1087 -1.73 -39.83 -80.16
CA HIS D 1087 -2.35 -39.79 -78.84
C HIS D 1087 -1.32 -39.54 -77.75
N PHE D 1088 -0.13 -40.14 -77.88
CA PHE D 1088 0.88 -39.93 -76.86
C PHE D 1088 1.47 -38.51 -76.93
N LYS D 1089 1.57 -37.94 -78.14
CA LYS D 1089 1.91 -36.53 -78.24
C LYS D 1089 0.86 -35.65 -77.57
N LYS D 1090 -0.42 -35.98 -77.75
CA LYS D 1090 -1.47 -35.21 -77.09
C LYS D 1090 -1.40 -35.36 -75.59
N GLU D 1091 -1.01 -36.55 -75.10
CA GLU D 1091 -0.78 -36.74 -73.67
C GLU D 1091 0.38 -35.89 -73.20
N LEU D 1092 1.40 -35.69 -74.05
CA LEU D 1092 2.45 -34.74 -73.74
C LEU D 1092 1.97 -33.30 -73.82
N ARG D 1093 0.81 -33.05 -74.42
CA ARG D 1093 0.34 -31.70 -74.68
C ARG D 1093 -0.42 -31.07 -73.52
N GLU D 1094 -0.81 -31.84 -72.52
CA GLU D 1094 -1.51 -31.25 -71.38
C GLU D 1094 -0.57 -30.30 -70.63
N PRO D 1095 -1.13 -29.26 -69.99
CA PRO D 1095 -0.27 -28.25 -69.36
C PRO D 1095 0.68 -28.79 -68.30
N GLN D 1096 0.27 -29.81 -67.55
CA GLN D 1096 1.14 -30.36 -66.51
C GLN D 1096 2.25 -31.24 -67.09
N PHE D 1097 2.29 -31.44 -68.40
CA PHE D 1097 3.32 -32.23 -69.06
C PHE D 1097 4.22 -31.43 -69.99
N ARG D 1098 3.67 -30.45 -70.71
CA ARG D 1098 4.51 -29.57 -71.52
C ARG D 1098 5.51 -28.84 -70.65
N ASP D 1099 5.04 -28.22 -69.58
CA ASP D 1099 5.91 -27.59 -68.58
C ASP D 1099 6.06 -28.52 -67.38
N ALA D 1100 6.99 -29.46 -67.49
CA ALA D 1100 7.27 -30.43 -66.43
C ALA D 1100 8.67 -30.29 -65.87
N GLU D 1101 9.69 -30.34 -66.71
CA GLU D 1101 11.07 -30.24 -66.24
C GLU D 1101 11.35 -28.85 -65.67
N GLU D 1102 10.82 -27.80 -66.32
CA GLU D 1102 11.14 -26.44 -65.94
C GLU D 1102 10.64 -26.11 -64.54
N LYS D 1103 9.39 -26.47 -64.24
CA LYS D 1103 8.86 -26.15 -62.91
C LYS D 1103 9.59 -26.93 -61.83
N TYR D 1104 9.90 -28.20 -62.08
CA TYR D 1104 10.63 -28.99 -61.10
C TYR D 1104 12.02 -28.39 -60.83
N ARG D 1105 12.73 -28.02 -61.89
CA ARG D 1105 14.04 -27.40 -61.71
C ARG D 1105 13.94 -26.10 -60.94
N GLU D 1106 13.00 -25.23 -61.32
CA GLU D 1106 12.86 -23.93 -60.66
C GLU D 1106 12.49 -24.12 -59.19
N MET D 1107 11.63 -25.08 -58.90
CA MET D 1107 11.19 -25.28 -57.53
C MET D 1107 12.31 -25.88 -56.69
N MET D 1108 13.12 -26.77 -57.27
CA MET D 1108 14.31 -27.26 -56.58
C MET D 1108 15.23 -26.11 -56.22
N ILE D 1109 15.53 -25.23 -57.18
CA ILE D 1109 16.46 -24.14 -56.91
C ILE D 1109 15.90 -23.20 -55.85
N VAL D 1110 14.61 -22.87 -55.93
CA VAL D 1110 14.05 -21.93 -54.96
C VAL D 1110 14.01 -22.54 -53.58
N MET D 1111 13.67 -23.82 -53.47
CA MET D 1111 13.62 -24.38 -52.09
C MET D 1111 15.05 -24.41 -51.55
N ARG D 1112 16.03 -24.90 -52.31
CA ARG D 1112 17.37 -24.99 -51.74
C ARG D 1112 17.91 -23.62 -51.36
N THR D 1113 17.69 -22.61 -52.21
CA THR D 1113 18.17 -21.28 -51.88
C THR D 1113 17.47 -20.73 -50.65
N THR D 1114 16.17 -20.97 -50.52
CA THR D 1114 15.45 -20.52 -49.33
C THR D 1114 15.95 -21.24 -48.08
N GLU D 1115 16.28 -22.53 -48.20
CA GLU D 1115 16.80 -23.25 -47.04
C GLU D 1115 18.16 -22.68 -46.60
N LEU D 1116 19.04 -22.40 -47.56
CA LEU D 1116 20.32 -21.82 -47.22
C LEU D 1116 20.15 -20.43 -46.60
N VAL D 1117 19.23 -19.63 -47.16
CA VAL D 1117 18.93 -18.32 -46.58
C VAL D 1117 18.41 -18.48 -45.15
N ASN D 1118 17.62 -19.51 -44.91
CA ASN D 1118 17.11 -19.75 -43.55
C ASN D 1118 18.25 -20.04 -42.59
N LYS D 1119 19.21 -20.88 -43.00
CA LYS D 1119 20.35 -21.17 -42.14
C LYS D 1119 21.13 -19.88 -41.82
N ASP D 1120 21.38 -19.07 -42.86
CA ASP D 1120 22.16 -17.85 -42.65
C ASP D 1120 21.37 -16.87 -41.77
N LEU D 1121 20.05 -16.82 -41.94
CA LEU D 1121 19.21 -15.97 -41.10
C LEU D 1121 19.26 -16.41 -39.65
N ASP D 1122 19.27 -17.73 -39.40
CA ASP D 1122 19.42 -18.21 -38.04
C ASP D 1122 20.74 -17.74 -37.44
N ILE D 1123 21.82 -17.83 -38.21
CA ILE D 1123 23.12 -17.39 -37.72
C ILE D 1123 23.09 -15.91 -37.36
N TYR D 1124 22.54 -15.09 -38.25
CA TYR D 1124 22.50 -13.64 -38.03
C TYR D 1124 21.61 -13.29 -36.84
N TYR D 1125 20.47 -13.97 -36.70
CA TYR D 1125 19.58 -13.71 -35.58
C TYR D 1125 20.26 -14.04 -34.26
N LYS D 1126 20.97 -15.17 -34.20
CA LYS D 1126 21.70 -15.52 -32.98
C LYS D 1126 22.75 -14.46 -32.67
N THR D 1127 23.49 -14.01 -33.68
CA THR D 1127 24.52 -12.99 -33.45
C THR D 1127 23.92 -11.69 -32.92
N LEU D 1128 22.82 -11.24 -33.53
CA LEU D 1128 22.21 -9.98 -33.10
C LEU D 1128 21.65 -10.09 -31.70
N ASP D 1129 21.03 -11.23 -31.36
CA ASP D 1129 20.52 -11.42 -30.01
C ASP D 1129 21.66 -11.40 -28.99
N GLN D 1130 22.78 -12.05 -29.31
CA GLN D 1130 23.92 -12.04 -28.41
C GLN D 1130 24.46 -10.63 -28.22
N ALA D 1131 24.56 -9.85 -29.30
CA ALA D 1131 25.05 -8.49 -29.18
C ALA D 1131 24.13 -7.63 -28.33
N ILE D 1132 22.81 -7.79 -28.52
CA ILE D 1132 21.86 -7.00 -27.74
C ILE D 1132 21.97 -7.34 -26.26
N MET D 1133 22.12 -8.62 -25.92
CA MET D 1133 22.19 -9.02 -24.49
C MET D 1133 23.56 -8.64 -23.91
N LYS D 1134 24.61 -8.50 -24.72
CA LYS D 1134 25.88 -7.96 -24.24
C LYS D 1134 25.75 -6.47 -23.92
N PHE D 1135 25.11 -5.71 -24.82
CA PHE D 1135 24.91 -4.27 -24.58
C PHE D 1135 24.07 -4.04 -23.33
N HIS D 1136 22.99 -4.81 -23.19
CA HIS D 1136 22.15 -4.69 -22.01
C HIS D 1136 22.96 -4.89 -20.74
N SER D 1137 23.74 -5.98 -20.69
CA SER D 1137 24.52 -6.27 -19.49
C SER D 1137 25.57 -5.18 -19.25
N MET D 1138 26.11 -4.61 -20.30
CA MET D 1138 27.19 -3.59 -20.15
C MET D 1138 26.64 -2.23 -19.70
N LYS D 1139 25.34 -1.97 -19.91
CA LYS D 1139 24.71 -0.69 -19.50
C LYS D 1139 23.98 -0.88 -18.18
N MET D 1140 23.89 -2.11 -17.67
CA MET D 1140 23.29 -2.36 -16.35
C MET D 1140 24.46 -2.51 -15.40
N GLU D 1141 25.66 -2.30 -15.90
CA GLU D 1141 26.88 -2.47 -15.08
C GLU D 1141 26.92 -1.36 -14.06
N GLU D 1142 26.68 -0.13 -14.49
CA GLU D 1142 26.84 1.03 -13.59
C GLU D 1142 25.54 1.34 -12.87
N ILE D 1143 24.45 0.68 -13.20
CA ILE D 1143 23.19 0.88 -12.44
C ILE D 1143 23.20 -0.15 -11.34
N ASN D 1144 23.53 -1.37 -11.67
CA ASN D 1144 23.67 -2.38 -10.61
C ASN D 1144 24.60 -1.75 -9.58
N LYS D 1145 25.69 -1.15 -10.02
CA LYS D 1145 26.63 -0.51 -9.10
C LYS D 1145 25.93 0.57 -8.28
N ILE D 1146 25.01 1.30 -8.91
CA ILE D 1146 24.22 2.26 -8.14
C ILE D 1146 23.24 1.55 -7.22
N ILE D 1147 22.57 0.51 -7.73
CA ILE D 1147 21.53 -0.18 -6.96
C ILE D 1147 22.10 -0.79 -5.69
N ARG D 1148 23.33 -1.30 -5.77
CA ARG D 1148 23.96 -1.95 -4.61
C ARG D 1148 24.07 -0.97 -3.45
N ASP D 1149 24.64 0.21 -3.71
CA ASP D 1149 24.80 1.19 -2.65
C ASP D 1149 23.45 1.65 -2.13
N LEU D 1150 22.47 1.87 -3.03
CA LEU D 1150 21.17 2.32 -2.55
C LEU D 1150 20.52 1.29 -1.64
N TRP D 1151 20.57 0.01 -2.02
CA TRP D 1151 19.95 -1.02 -1.19
C TRP D 1151 20.70 -1.19 0.13
N ARG D 1152 22.03 -1.12 0.10
CA ARG D 1152 22.78 -1.27 1.34
C ARG D 1152 22.47 -0.12 2.30
N SER D 1153 22.33 1.09 1.77
CA SER D 1153 22.00 2.23 2.63
C SER D 1153 20.58 2.12 3.18
N THR D 1154 19.62 1.73 2.34
CA THR D 1154 18.21 1.85 2.71
C THR D 1154 17.69 0.65 3.50
N TYR D 1155 17.87 -0.55 2.99
CA TYR D 1155 17.25 -1.73 3.59
C TYR D 1155 17.77 -1.95 5.01
N ARG D 1156 16.85 -2.05 5.97
CA ARG D 1156 17.20 -2.34 7.35
C ARG D 1156 16.90 -3.81 7.62
N GLY D 1157 17.85 -4.66 7.22
CA GLY D 1157 17.76 -6.07 7.49
C GLY D 1157 19.05 -6.78 7.16
N GLN D 1158 19.46 -7.65 8.06
CA GLN D 1158 20.74 -8.37 7.91
C GLN D 1158 20.45 -9.65 7.17
N ASP D 1159 19.71 -9.55 6.08
CA ASP D 1159 19.24 -10.71 5.33
C ASP D 1159 19.84 -10.76 3.93
N ILE D 1160 19.70 -9.70 3.16
CA ILE D 1160 20.18 -9.63 1.78
C ILE D 1160 21.37 -8.68 1.77
N GLU D 1161 22.51 -9.17 1.26
CA GLU D 1161 23.68 -8.32 1.15
C GLU D 1161 23.40 -7.12 0.27
N TYR D 1162 22.88 -7.43 -0.92
CA TYR D 1162 22.51 -6.40 -1.92
C TYR D 1162 21.63 -7.06 -2.97
N ILE D 1163 21.09 -6.29 -3.90
CA ILE D 1163 20.26 -6.82 -5.01
C ILE D 1163 20.87 -6.21 -6.27
N GLU D 1164 20.74 -6.86 -7.42
CA GLU D 1164 21.22 -6.26 -8.67
C GLU D 1164 20.42 -6.84 -9.82
N ILE D 1165 20.38 -6.17 -10.96
CA ILE D 1165 19.65 -6.68 -12.15
C ILE D 1165 20.68 -7.47 -12.95
N ARG D 1166 20.37 -8.70 -13.32
CA ARG D 1166 21.37 -9.38 -14.16
C ARG D 1166 20.67 -10.10 -15.30
N SER D 1167 21.25 -10.04 -16.49
CA SER D 1167 20.67 -10.66 -17.70
C SER D 1167 21.62 -11.71 -18.20
N ASP D 1168 21.12 -12.73 -18.88
CA ASP D 1168 21.97 -13.82 -19.42
C ASP D 1168 21.38 -14.33 -20.74
N ALA D 1169 22.12 -14.24 -21.83
CA ALA D 1169 21.60 -14.67 -23.12
C ALA D 1169 21.41 -16.19 -23.15
N ASP D 1170 20.48 -16.63 -23.99
CA ASP D 1170 20.23 -18.06 -24.16
C ASP D 1170 21.19 -18.61 -25.20
N GLU D 1171 22.00 -19.60 -24.79
CA GLU D 1171 23.00 -20.15 -25.70
C GLU D 1171 22.35 -20.88 -26.86
N ASN D 1172 21.38 -21.74 -26.58
CA ASN D 1172 20.72 -22.54 -27.61
C ASN D 1172 19.43 -21.86 -28.07
N VAL D 1173 19.60 -20.68 -28.65
CA VAL D 1173 18.48 -19.92 -29.20
C VAL D 1173 18.55 -19.99 -30.72
N SER D 1174 17.38 -19.88 -31.35
CA SER D 1174 17.29 -19.95 -32.81
C SER D 1174 16.09 -19.16 -33.27
N ALA D 1175 16.14 -18.73 -34.53
CA ALA D 1175 15.04 -17.96 -35.10
C ALA D 1175 13.81 -18.80 -35.38
N SER D 1176 13.94 -20.13 -35.38
CA SER D 1176 12.81 -21.01 -35.63
C SER D 1176 12.10 -21.46 -34.36
N ASP D 1177 12.58 -21.06 -33.19
CA ASP D 1177 11.95 -21.46 -31.95
C ASP D 1177 10.61 -20.77 -31.78
N LYS D 1178 9.60 -21.53 -31.34
CA LYS D 1178 8.27 -20.97 -31.14
C LYS D 1178 8.23 -20.03 -29.95
N ARG D 1179 8.83 -20.44 -28.83
CA ARG D 1179 8.89 -19.63 -27.61
C ARG D 1179 10.35 -19.39 -27.25
N ARG D 1180 10.69 -18.12 -27.02
CA ARG D 1180 12.03 -17.76 -26.58
C ARG D 1180 12.09 -17.72 -25.06
N ASN D 1181 13.30 -17.69 -24.53
CA ASN D 1181 13.55 -17.64 -23.10
C ASN D 1181 14.31 -16.37 -22.77
N TYR D 1182 13.84 -15.64 -21.76
CA TYR D 1182 14.45 -14.39 -21.33
C TYR D 1182 14.92 -14.55 -19.90
N ASN D 1183 16.24 -14.52 -19.70
CA ASN D 1183 16.82 -14.56 -18.36
C ASN D 1183 17.19 -13.14 -17.92
N TYR D 1184 16.14 -12.40 -17.56
CA TYR D 1184 16.26 -11.00 -17.15
C TYR D 1184 15.55 -10.87 -15.82
N ARG D 1185 16.29 -11.03 -14.73
CA ARG D 1185 15.71 -11.12 -13.40
C ARG D 1185 16.45 -10.20 -12.44
N VAL D 1186 15.73 -9.70 -11.45
CA VAL D 1186 16.35 -9.03 -10.32
C VAL D 1186 16.84 -10.09 -9.35
N VAL D 1187 18.12 -10.02 -9.00
CA VAL D 1187 18.79 -11.07 -8.24
C VAL D 1187 19.06 -10.57 -6.84
N MET D 1188 18.73 -11.39 -5.85
CA MET D 1188 18.98 -11.10 -4.44
C MET D 1188 20.21 -11.86 -3.98
N LEU D 1189 21.10 -11.18 -3.27
CA LEU D 1189 22.35 -11.78 -2.81
C LEU D 1189 22.19 -12.19 -1.35
N LYS D 1190 21.53 -13.34 -1.16
CA LYS D 1190 21.29 -13.87 0.18
C LYS D 1190 22.54 -14.60 0.64
N GLY D 1191 23.47 -13.87 1.24
CA GLY D 1191 24.74 -14.45 1.65
C GLY D 1191 25.77 -14.31 0.56
N ASP D 1192 26.46 -15.41 0.25
CA ASP D 1192 27.41 -15.45 -0.85
C ASP D 1192 26.83 -16.11 -2.10
N THR D 1193 25.53 -16.41 -2.09
CA THR D 1193 24.86 -17.04 -3.21
C THR D 1193 23.82 -16.10 -3.78
N ALA D 1194 23.63 -16.18 -5.10
CA ALA D 1194 22.69 -15.31 -5.82
C ALA D 1194 21.42 -16.08 -6.11
N LEU D 1195 20.29 -15.54 -5.69
CA LEU D 1195 18.97 -16.10 -5.94
C LEU D 1195 18.20 -15.18 -6.88
N ASP D 1196 16.96 -15.56 -7.18
CA ASP D 1196 16.06 -14.75 -7.99
C ASP D 1196 15.01 -14.13 -7.09
N MET D 1197 14.86 -12.81 -7.16
CA MET D 1197 13.92 -12.12 -6.27
C MET D 1197 12.48 -12.49 -6.57
N ARG D 1198 12.14 -12.66 -7.84
CA ARG D 1198 10.76 -12.94 -8.22
C ARG D 1198 10.27 -14.23 -7.58
N GLY D 1199 9.09 -14.17 -6.98
CA GLY D 1199 8.52 -15.32 -6.31
C GLY D 1199 9.27 -15.78 -5.08
N ARG D 1200 10.25 -15.00 -4.63
CA ARG D 1200 11.10 -15.39 -3.51
C ARG D 1200 11.26 -14.28 -2.48
N CYS D 1201 10.63 -13.13 -2.70
CA CYS D 1201 10.74 -11.99 -1.81
C CYS D 1201 9.38 -11.71 -1.16
N SER D 1202 9.38 -10.78 -0.21
CA SER D 1202 8.16 -10.37 0.44
C SER D 1202 7.53 -9.18 -0.28
N ALA D 1203 6.33 -8.80 0.17
CA ALA D 1203 5.70 -7.61 -0.40
C ALA D 1203 6.49 -6.35 -0.07
N GLY D 1204 6.93 -6.22 1.18
CA GLY D 1204 7.74 -5.07 1.56
C GLY D 1204 9.10 -5.06 0.88
N GLN D 1205 9.72 -6.23 0.79
CA GLN D 1205 10.99 -6.32 0.07
C GLN D 1205 10.82 -5.97 -1.40
N LYS D 1206 9.74 -6.45 -2.02
CA LYS D 1206 9.49 -6.11 -3.41
C LYS D 1206 9.26 -4.62 -3.58
N VAL D 1207 8.50 -4.00 -2.68
CA VAL D 1207 8.24 -2.56 -2.77
C VAL D 1207 9.54 -1.79 -2.62
N LEU D 1208 10.37 -2.17 -1.65
CA LEU D 1208 11.64 -1.47 -1.44
C LEU D 1208 12.58 -1.66 -2.62
N ALA D 1209 12.65 -2.87 -3.16
CA ALA D 1209 13.51 -3.13 -4.31
C ALA D 1209 13.07 -2.33 -5.53
N SER D 1210 11.75 -2.27 -5.77
CA SER D 1210 11.25 -1.47 -6.89
C SER D 1210 11.54 0.00 -6.69
N LEU D 1211 11.37 0.50 -5.46
CA LEU D 1211 11.68 1.90 -5.19
C LEU D 1211 13.17 2.19 -5.40
N ILE D 1212 14.03 1.29 -4.95
CA ILE D 1212 15.47 1.48 -5.09
C ILE D 1212 15.88 1.43 -6.55
N ILE D 1213 15.30 0.50 -7.32
CA ILE D 1213 15.61 0.42 -8.74
C ILE D 1213 15.15 1.67 -9.48
N ARG D 1214 13.95 2.16 -9.14
CA ARG D 1214 13.47 3.39 -9.76
C ARG D 1214 14.34 4.58 -9.40
N LEU D 1215 14.80 4.66 -8.15
CA LEU D 1215 15.66 5.76 -7.76
C LEU D 1215 17.02 5.69 -8.46
N ALA D 1216 17.57 4.48 -8.61
CA ALA D 1216 18.82 4.32 -9.34
C ALA D 1216 18.67 4.71 -10.80
N LEU D 1217 17.56 4.31 -11.43
CA LEU D 1217 17.31 4.69 -12.82
C LEU D 1217 17.08 6.19 -12.94
N ALA D 1218 16.47 6.81 -11.94
CA ALA D 1218 16.32 8.26 -11.93
C ALA D 1218 17.66 8.96 -11.82
N GLU D 1219 18.56 8.43 -11.00
CA GLU D 1219 19.90 8.99 -10.90
C GLU D 1219 20.66 8.84 -12.21
N THR D 1220 20.51 7.69 -12.87
CA THR D 1220 21.26 7.43 -14.10
C THR D 1220 20.73 8.25 -15.27
N PHE D 1221 19.42 8.27 -15.47
CA PHE D 1221 18.83 8.86 -16.68
C PHE D 1221 18.13 10.18 -16.44
N CYS D 1222 17.35 10.31 -15.36
CA CYS D 1222 16.66 11.57 -15.06
C CYS D 1222 17.60 12.56 -14.37
N LEU D 1223 18.68 12.92 -15.06
CA LEU D 1223 19.59 13.94 -14.57
C LEU D 1223 19.12 15.34 -14.96
N ASN D 1224 18.58 15.49 -16.17
CA ASN D 1224 18.09 16.77 -16.65
C ASN D 1224 16.69 17.09 -16.16
N CYS D 1225 15.94 16.10 -15.68
CA CYS D 1225 14.58 16.31 -15.18
C CYS D 1225 14.46 15.60 -13.84
N GLY D 1226 14.76 16.32 -12.77
CA GLY D 1226 14.74 15.74 -11.44
C GLY D 1226 13.36 15.67 -10.82
N ILE D 1227 12.48 14.87 -11.40
CA ILE D 1227 11.15 14.65 -10.86
C ILE D 1227 10.95 13.16 -10.65
N ILE D 1228 10.29 12.80 -9.55
CA ILE D 1228 9.89 11.43 -9.29
C ILE D 1228 8.63 11.46 -8.45
N ALA D 1229 7.62 10.70 -8.87
CA ALA D 1229 6.32 10.68 -8.22
C ALA D 1229 6.14 9.34 -7.53
N LEU D 1230 6.19 9.35 -6.20
CA LEU D 1230 5.99 8.14 -5.40
C LEU D 1230 4.54 8.06 -4.97
N ASP D 1231 3.80 7.10 -5.52
CA ASP D 1231 2.40 6.90 -5.18
C ASP D 1231 2.32 5.89 -4.05
N GLU D 1232 2.13 6.38 -2.84
CA GLU D 1232 2.15 5.56 -1.62
C GLU D 1232 3.40 4.69 -1.53
N PRO D 1233 4.58 5.31 -1.41
CA PRO D 1233 5.82 4.51 -1.34
C PRO D 1233 5.92 3.65 -0.10
N THR D 1234 5.22 4.00 0.97
CA THR D 1234 5.29 3.26 2.22
C THR D 1234 4.31 2.10 2.28
N THR D 1235 3.88 1.58 1.14
CA THR D 1235 2.96 0.46 1.12
C THR D 1235 3.70 -0.83 1.48
N ASN D 1236 3.17 -1.56 2.45
CA ASN D 1236 3.71 -2.84 2.91
C ASN D 1236 5.09 -2.72 3.53
N LEU D 1237 5.51 -1.50 3.89
CA LEU D 1237 6.80 -1.27 4.51
C LEU D 1237 6.63 -1.15 6.02
N ASP D 1238 7.45 -1.88 6.78
CA ASP D 1238 7.38 -1.83 8.23
C ASP D 1238 7.99 -0.53 8.74
N ARG D 1239 8.04 -0.38 10.06
CA ARG D 1239 8.44 0.87 10.67
C ARG D 1239 9.89 1.24 10.35
N GLU D 1240 10.80 0.28 10.52
CA GLU D 1240 12.21 0.56 10.29
C GLU D 1240 12.49 0.90 8.84
N ASN D 1241 11.90 0.15 7.91
CA ASN D 1241 12.11 0.44 6.49
C ASN D 1241 11.45 1.74 6.10
N ILE D 1242 10.31 2.09 6.71
CA ILE D 1242 9.68 3.38 6.43
C ILE D 1242 10.60 4.52 6.87
N GLU D 1243 11.17 4.40 8.06
CA GLU D 1243 12.07 5.44 8.55
C GLU D 1243 13.32 5.55 7.68
N SER D 1244 13.87 4.41 7.29
CA SER D 1244 15.07 4.43 6.44
C SER D 1244 14.77 4.98 5.05
N LEU D 1245 13.60 4.67 4.50
CA LEU D 1245 13.22 5.23 3.21
C LEU D 1245 13.03 6.74 3.32
N ALA D 1246 12.45 7.22 4.42
CA ALA D 1246 12.35 8.65 4.63
C ALA D 1246 13.73 9.30 4.70
N HIS D 1247 14.66 8.67 5.42
CA HIS D 1247 16.02 9.21 5.52
C HIS D 1247 16.69 9.22 4.14
N ALA D 1248 16.53 8.16 3.37
CA ALA D 1248 17.14 8.09 2.04
C ALA D 1248 16.55 9.17 1.12
N LEU D 1249 15.23 9.37 1.19
CA LEU D 1249 14.62 10.42 0.37
C LEU D 1249 15.07 11.80 0.80
N VAL D 1250 15.26 12.01 2.10
CA VAL D 1250 15.80 13.28 2.59
C VAL D 1250 17.21 13.49 2.06
N GLU D 1251 18.04 12.45 2.07
CA GLU D 1251 19.39 12.56 1.55
C GLU D 1251 19.38 12.86 0.05
N ILE D 1252 18.47 12.21 -0.69
CA ILE D 1252 18.35 12.48 -2.13
C ILE D 1252 17.93 13.92 -2.36
N ILE D 1253 16.99 14.42 -1.55
CA ILE D 1253 16.56 15.81 -1.67
C ILE D 1253 17.72 16.76 -1.42
N LYS D 1254 18.50 16.48 -0.37
CA LYS D 1254 19.65 17.34 -0.06
C LYS D 1254 20.69 17.30 -1.17
N SER D 1255 20.94 16.13 -1.74
CA SER D 1255 21.99 15.99 -2.74
C SER D 1255 21.56 16.41 -4.14
N ARG D 1256 20.26 16.58 -4.39
CA ARG D 1256 19.79 16.99 -5.71
C ARG D 1256 19.23 18.40 -5.74
N SER D 1257 18.91 19.01 -4.60
CA SER D 1257 18.40 20.37 -4.60
C SER D 1257 19.49 21.41 -4.74
N GLN D 1258 20.76 21.01 -4.72
CA GLN D 1258 21.88 21.93 -4.82
C GLN D 1258 22.21 22.17 -6.29
N GLN D 1259 21.98 23.41 -6.74
CA GLN D 1259 22.17 23.83 -8.13
C GLN D 1259 21.23 23.13 -9.10
N ARG D 1260 20.39 22.22 -8.61
CA ARG D 1260 19.40 21.54 -9.43
C ARG D 1260 18.07 21.56 -8.70
N ASN D 1261 16.99 21.36 -9.46
CA ASN D 1261 15.64 21.34 -8.92
C ASN D 1261 15.15 19.90 -8.87
N PHE D 1262 14.85 19.43 -7.65
CA PHE D 1262 14.31 18.11 -7.43
C PHE D 1262 12.90 18.24 -6.88
N GLN D 1263 11.93 17.62 -7.55
CA GLN D 1263 10.52 17.70 -7.19
C GLN D 1263 10.04 16.30 -6.86
N LEU D 1264 9.90 16.01 -5.57
CA LEU D 1264 9.43 14.71 -5.10
C LEU D 1264 7.94 14.81 -4.80
N LEU D 1265 7.12 14.25 -5.67
CA LEU D 1265 5.68 14.25 -5.50
C LEU D 1265 5.28 13.00 -4.72
N VAL D 1266 4.76 13.19 -3.51
CA VAL D 1266 4.45 12.09 -2.61
C VAL D 1266 2.96 12.08 -2.34
N ILE D 1267 2.31 10.96 -2.66
CA ILE D 1267 0.86 10.81 -2.38
C ILE D 1267 0.79 9.76 -1.29
N THR D 1268 0.44 10.14 -0.08
CA THR D 1268 0.51 9.13 0.99
C THR D 1268 -0.73 9.16 1.86
N HIS D 1269 -0.90 8.15 2.69
CA HIS D 1269 -2.02 8.15 3.67
C HIS D 1269 -1.36 8.07 5.04
N ASP D 1270 -0.03 8.09 5.09
CA ASP D 1270 0.72 7.92 6.37
C ASP D 1270 1.20 9.28 6.84
N GLU D 1271 0.78 9.72 8.02
CA GLU D 1271 1.15 11.08 8.49
C GLU D 1271 2.59 11.01 9.00
N ASP D 1272 2.98 9.85 9.52
CA ASP D 1272 4.36 9.69 10.04
C ASP D 1272 5.36 9.87 8.91
N PHE D 1273 5.23 9.14 7.80
CA PHE D 1273 6.14 9.38 6.66
C PHE D 1273 6.12 10.87 6.37
N VAL D 1274 4.96 11.52 6.38
CA VAL D 1274 4.99 12.94 6.02
C VAL D 1274 5.77 13.73 7.06
N GLU D 1275 5.57 13.42 8.34
CA GLU D 1275 6.30 14.13 9.39
C GLU D 1275 7.80 13.87 9.29
N LEU D 1276 8.19 12.65 8.94
CA LEU D 1276 9.61 12.34 8.81
C LEU D 1276 10.25 13.15 7.69
N LEU D 1277 9.57 13.26 6.54
CA LEU D 1277 10.10 14.06 5.44
C LEU D 1277 10.08 15.55 5.79
N GLY D 1278 9.03 16.01 6.46
CA GLY D 1278 8.87 17.41 6.80
C GLY D 1278 9.62 17.86 8.02
N ARG D 1279 10.38 16.98 8.68
CA ARG D 1279 11.20 17.41 9.81
C ARG D 1279 12.30 18.35 9.38
N SER D 1280 12.73 18.27 8.12
CA SER D 1280 13.67 19.22 7.54
C SER D 1280 13.00 20.53 7.15
N GLU D 1281 11.69 20.64 7.40
CA GLU D 1281 10.91 21.86 7.14
C GLU D 1281 10.93 22.20 5.64
N TYR D 1282 10.42 21.26 4.85
CA TYR D 1282 10.20 21.46 3.42
C TYR D 1282 8.74 21.68 3.06
N VAL D 1283 7.81 21.36 3.97
CA VAL D 1283 6.38 21.39 3.69
C VAL D 1283 5.76 22.55 4.44
N GLU D 1284 5.17 23.48 3.70
CA GLU D 1284 4.37 24.56 4.25
C GLU D 1284 2.92 24.50 3.81
N LYS D 1285 2.66 24.07 2.57
CA LYS D 1285 1.32 23.86 2.07
C LYS D 1285 1.23 22.50 1.41
N PHE D 1286 0.14 21.79 1.68
CA PHE D 1286 -0.12 20.49 1.08
C PHE D 1286 -1.52 20.49 0.48
N TYR D 1287 -1.74 19.62 -0.50
CA TYR D 1287 -2.99 19.57 -1.24
C TYR D 1287 -3.87 18.46 -0.69
N ARG D 1288 -5.10 18.79 -0.32
CA ARG D 1288 -6.10 17.82 0.10
C ARG D 1288 -7.15 17.72 -0.98
N ILE D 1289 -7.23 16.56 -1.62
CA ILE D 1289 -8.20 16.31 -2.68
C ILE D 1289 -9.45 15.72 -2.05
N LYS D 1290 -10.59 16.37 -2.29
CA LYS D 1290 -11.87 15.89 -1.78
C LYS D 1290 -12.91 16.05 -2.88
N LYS D 1291 -14.17 15.85 -2.52
CA LYS D 1291 -15.27 15.92 -3.48
C LYS D 1291 -16.41 16.76 -2.92
N ASN D 1292 -17.09 17.47 -3.81
CA ASN D 1292 -18.19 18.34 -3.44
C ASN D 1292 -19.49 17.53 -3.36
N ILE D 1293 -20.62 18.22 -3.26
CA ILE D 1293 -21.90 17.53 -3.18
C ILE D 1293 -22.22 16.79 -4.48
N ASP D 1294 -21.81 17.35 -5.61
CA ASP D 1294 -22.05 16.74 -6.91
C ASP D 1294 -21.08 15.61 -7.23
N GLN D 1295 -20.24 15.21 -6.26
CA GLN D 1295 -19.28 14.12 -6.43
C GLN D 1295 -18.30 14.37 -7.57
N CYS D 1296 -17.85 15.62 -7.70
CA CYS D 1296 -16.82 15.98 -8.67
C CYS D 1296 -15.55 16.33 -7.90
N SER D 1297 -14.41 15.87 -8.40
CA SER D 1297 -13.15 16.05 -7.68
C SER D 1297 -12.78 17.52 -7.59
N GLU D 1298 -12.24 17.90 -6.44
CA GLU D 1298 -11.79 19.26 -6.18
C GLU D 1298 -10.43 19.23 -5.52
N ILE D 1299 -9.57 20.17 -5.89
CA ILE D 1299 -8.24 20.31 -5.32
C ILE D 1299 -8.19 21.64 -4.57
N VAL D 1300 -7.95 21.57 -3.26
CA VAL D 1300 -7.87 22.75 -2.42
C VAL D 1300 -6.58 22.71 -1.63
N LYS D 1301 -5.86 23.82 -1.61
CA LYS D 1301 -4.60 23.93 -0.89
C LYS D 1301 -4.85 24.17 0.58
N CYS D 1302 -4.18 23.37 1.42
CA CYS D 1302 -4.28 23.48 2.87
C CYS D 1302 -2.93 23.87 3.45
N SER D 1303 -2.95 24.27 4.71
CA SER D 1303 -1.75 24.70 5.43
C SER D 1303 -1.47 23.78 6.60
N VAL D 1304 -0.19 23.44 6.78
CA VAL D 1304 0.21 22.62 7.92
C VAL D 1304 -0.01 23.37 9.23
N SER D 1305 0.39 24.65 9.25
CA SER D 1305 0.26 25.49 10.42
C SER D 1305 -0.98 26.37 10.30
N SER D 1306 -1.71 26.53 11.40
CA SER D 1306 -2.94 27.32 11.49
C SER D 1306 -4.07 26.76 10.64
N LEU D 1307 -3.91 25.56 10.10
CA LEU D 1307 -4.96 24.91 9.32
C LEU D 1307 -4.85 23.40 9.51
N GLY D 1308 -5.95 22.71 9.19
CA GLY D 1308 -6.04 21.30 9.50
C GLY D 1308 -5.10 20.45 8.65
N PHE D 1309 -4.78 19.28 9.20
CA PHE D 1309 -3.93 18.31 8.53
C PHE D 1309 -4.46 16.90 8.81
N SER E 2 -15.13 -25.78 12.80
CA SER E 2 -13.78 -25.95 12.27
C SER E 2 -12.87 -24.81 12.69
N ARG E 3 -11.71 -25.16 13.23
CA ARG E 3 -10.75 -24.16 13.69
C ARG E 3 -9.35 -24.74 13.60
N ILE E 4 -8.36 -23.85 13.51
CA ILE E 4 -6.96 -24.22 13.46
C ILE E 4 -6.32 -23.91 14.80
N GLU E 5 -5.47 -24.82 15.28
CA GLU E 5 -4.86 -24.69 16.60
C GLU E 5 -3.36 -24.48 16.53
N LYS E 6 -2.62 -25.35 15.84
CA LYS E 6 -1.16 -25.31 15.86
C LYS E 6 -0.62 -25.43 14.45
N MET E 7 0.60 -24.92 14.28
CA MET E 7 1.35 -25.04 13.03
C MET E 7 2.82 -25.15 13.34
N SER E 8 3.51 -26.02 12.60
CA SER E 8 4.94 -26.24 12.78
C SER E 8 5.62 -26.11 11.42
N ILE E 9 6.49 -25.11 11.28
CA ILE E 9 7.13 -24.78 10.01
C ILE E 9 8.59 -25.16 10.10
N LEU E 10 9.09 -25.85 9.07
CA LEU E 10 10.49 -26.22 8.99
C LEU E 10 10.93 -26.20 7.54
N GLY E 11 12.02 -25.48 7.26
CA GLY E 11 12.63 -25.51 5.95
C GLY E 11 11.82 -24.87 4.84
N VAL E 12 10.88 -23.99 5.17
CA VAL E 12 10.07 -23.30 4.17
C VAL E 12 10.52 -21.85 4.11
N ARG E 13 10.92 -21.41 2.92
CA ARG E 13 11.47 -20.07 2.71
C ARG E 13 12.61 -19.79 3.70
N SER E 14 12.45 -18.77 4.54
CA SER E 14 13.52 -18.37 5.44
C SER E 14 13.58 -19.18 6.73
N PHE E 15 12.62 -20.08 6.96
CA PHE E 15 12.67 -20.88 8.18
C PHE E 15 13.81 -21.88 8.11
N GLY E 16 14.40 -22.16 9.28
CA GLY E 16 15.62 -22.95 9.35
C GLY E 16 15.42 -24.39 8.94
N ILE E 17 16.54 -25.04 8.61
CA ILE E 17 16.55 -26.41 8.11
C ILE E 17 16.80 -27.44 9.19
N GLU E 18 17.73 -27.16 10.12
CA GLU E 18 18.03 -28.07 11.20
C GLU E 18 16.83 -28.18 12.13
N ASP E 19 16.73 -29.32 12.82
CA ASP E 19 15.58 -29.60 13.67
C ASP E 19 15.47 -28.65 14.84
N LYS E 20 16.52 -27.89 15.15
CA LYS E 20 16.47 -26.90 16.21
C LYS E 20 15.75 -25.62 15.81
N ASP E 21 15.40 -25.47 14.53
CA ASP E 21 14.74 -24.28 14.02
C ASP E 21 13.28 -24.55 13.63
N LYS E 22 12.65 -25.51 14.30
CA LYS E 22 11.24 -25.83 14.04
C LYS E 22 10.39 -24.84 14.83
N GLN E 23 9.85 -23.85 14.12
CA GLN E 23 9.02 -22.84 14.77
C GLN E 23 7.59 -23.33 14.91
N ILE E 24 6.97 -23.02 16.04
CA ILE E 24 5.61 -23.44 16.37
C ILE E 24 4.78 -22.20 16.67
N ILE E 25 3.61 -22.11 16.04
CA ILE E 25 2.68 -21.00 16.25
C ILE E 25 1.32 -21.57 16.62
N THR E 26 0.72 -21.00 17.66
CA THR E 26 -0.58 -21.43 18.17
C THR E 26 -1.58 -20.31 17.88
N PHE E 27 -2.67 -20.65 17.18
CA PHE E 27 -3.61 -19.63 16.76
C PHE E 27 -4.67 -19.40 17.85
N PHE E 28 -4.92 -18.12 18.14
CA PHE E 28 -5.89 -17.72 19.14
C PHE E 28 -7.24 -17.44 18.47
N SER E 29 -8.24 -17.20 19.30
CA SER E 29 -9.57 -16.83 18.85
C SER E 29 -10.09 -15.68 19.70
N PRO E 30 -10.85 -14.75 19.11
CA PRO E 30 -11.25 -14.68 17.70
C PRO E 30 -10.28 -13.89 16.84
N LEU E 31 -9.23 -13.30 17.40
CA LEU E 31 -8.33 -12.44 16.66
C LEU E 31 -6.88 -12.82 16.96
N THR E 32 -6.09 -13.02 15.93
CA THR E 32 -4.67 -13.35 16.05
C THR E 32 -3.87 -12.34 15.24
N ILE E 33 -2.89 -11.70 15.87
CA ILE E 33 -2.11 -10.64 15.25
C ILE E 33 -0.71 -11.16 14.98
N LEU E 34 -0.23 -10.96 13.76
CA LEU E 34 1.13 -11.29 13.36
C LEU E 34 1.84 -10.00 13.00
N VAL E 35 2.98 -9.74 13.65
CA VAL E 35 3.76 -8.54 13.40
C VAL E 35 5.22 -8.94 13.24
N GLY E 36 5.98 -8.06 12.60
CA GLY E 36 7.39 -8.29 12.39
C GLY E 36 7.97 -7.44 11.28
N PRO E 37 9.29 -7.46 11.13
CA PRO E 37 9.93 -6.68 10.08
C PRO E 37 9.60 -7.24 8.69
N ASN E 38 9.99 -6.47 7.68
CA ASN E 38 9.79 -6.90 6.30
C ASN E 38 10.67 -8.11 5.99
N GLY E 39 10.10 -9.05 5.24
CA GLY E 39 10.82 -10.27 4.91
C GLY E 39 11.17 -11.11 6.13
N ALA E 40 10.23 -11.26 7.05
CA ALA E 40 10.45 -12.00 8.28
C ALA E 40 9.79 -13.37 8.30
N GLY E 41 8.60 -13.50 7.75
CA GLY E 41 7.92 -14.79 7.77
C GLY E 41 6.44 -14.74 8.09
N LYS E 42 5.89 -13.54 8.23
CA LYS E 42 4.46 -13.40 8.50
C LYS E 42 3.63 -13.99 7.36
N THR E 43 3.90 -13.56 6.13
CA THR E 43 3.16 -14.08 4.99
C THR E 43 3.52 -15.53 4.71
N THR E 44 4.74 -15.95 5.07
CA THR E 44 5.13 -17.34 4.90
C THR E 44 4.25 -18.27 5.73
N ILE E 45 3.77 -17.79 6.88
CA ILE E 45 2.89 -18.61 7.71
C ILE E 45 1.56 -18.85 7.01
N ILE E 46 1.00 -17.81 6.39
CA ILE E 46 -0.24 -17.98 5.64
C ILE E 46 -0.01 -18.85 4.41
N GLU E 47 1.16 -18.71 3.78
CA GLU E 47 1.50 -19.58 2.65
C GLU E 47 1.57 -21.04 3.09
N CYS E 48 2.16 -21.30 4.25
CA CYS E 48 2.24 -22.66 4.78
C CYS E 48 0.84 -23.18 5.10
N LEU E 49 -0.02 -22.33 5.66
CA LEU E 49 -1.39 -22.74 5.94
C LEU E 49 -2.12 -23.12 4.66
N LYS E 50 -1.98 -22.31 3.61
CA LYS E 50 -2.62 -22.61 2.34
C LYS E 50 -2.06 -23.89 1.73
N TYR E 51 -0.74 -24.07 1.79
CA TYR E 51 -0.13 -25.26 1.21
C TYR E 51 -0.54 -26.52 1.96
N ILE E 52 -0.65 -26.44 3.29
CA ILE E 52 -1.06 -27.61 4.04
C ILE E 52 -2.57 -27.86 3.90
N CYS E 53 -3.33 -26.83 3.56
CA CYS E 53 -4.77 -26.99 3.37
C CYS E 53 -5.12 -27.57 2.00
N THR E 54 -4.57 -27.00 0.93
CA THR E 54 -4.95 -27.36 -0.42
C THR E 54 -3.81 -27.93 -1.26
N GLY E 55 -2.56 -27.85 -0.81
CA GLY E 55 -1.44 -28.30 -1.59
C GLY E 55 -0.97 -27.34 -2.65
N ASP E 56 -1.57 -26.16 -2.73
CA ASP E 56 -1.23 -25.18 -3.77
C ASP E 56 -0.15 -24.25 -3.25
N PHE E 57 0.87 -24.04 -4.07
CA PHE E 57 1.97 -23.15 -3.76
C PHE E 57 1.53 -21.69 -3.94
N PRO E 58 2.28 -20.75 -3.36
CA PRO E 58 1.95 -19.33 -3.55
C PRO E 58 1.99 -18.97 -5.02
N PRO E 59 1.17 -18.01 -5.45
CA PRO E 59 1.17 -17.61 -6.87
C PRO E 59 2.56 -17.17 -7.31
N GLY E 60 2.95 -17.64 -8.50
CA GLY E 60 4.28 -17.39 -9.02
C GLY E 60 5.35 -18.34 -8.52
N THR E 61 5.02 -19.25 -7.62
CA THR E 61 5.97 -20.20 -7.07
C THR E 61 5.71 -21.59 -7.63
N LYS E 62 6.78 -22.23 -8.11
CA LYS E 62 6.69 -23.54 -8.74
C LYS E 62 7.15 -24.66 -7.82
N GLY E 63 7.36 -24.39 -6.53
CA GLY E 63 7.77 -25.39 -5.58
C GLY E 63 9.26 -25.46 -5.34
N ASN E 64 10.08 -24.96 -6.26
CA ASN E 64 11.51 -24.87 -6.06
C ASN E 64 11.93 -23.54 -5.44
N THR E 65 11.08 -22.52 -5.51
CA THR E 65 11.31 -21.26 -4.82
C THR E 65 10.58 -21.20 -3.48
N PHE E 66 9.88 -22.27 -3.11
CA PHE E 66 9.16 -22.35 -1.83
C PHE E 66 9.99 -22.99 -0.73
N VAL E 67 10.60 -24.14 -1.01
CA VAL E 67 11.48 -24.78 -0.05
C VAL E 67 12.73 -23.91 0.16
N HIS E 68 13.35 -24.04 1.33
CA HIS E 68 14.53 -23.21 1.68
C HIS E 68 15.62 -23.51 0.67
N ASP E 69 16.19 -22.50 0.04
CA ASP E 69 17.16 -22.76 -1.05
C ASP E 69 18.24 -23.70 -0.57
N PRO E 70 18.55 -24.77 -1.31
CA PRO E 70 19.54 -25.71 -0.89
C PRO E 70 20.88 -24.99 -0.96
N LYS E 71 20.96 -23.84 -1.61
CA LYS E 71 22.28 -23.18 -1.75
C LYS E 71 22.54 -22.32 -0.51
N VAL E 72 21.58 -21.48 -0.11
CA VAL E 72 21.71 -20.60 1.08
C VAL E 72 21.92 -21.49 2.30
N ALA E 73 21.43 -22.71 2.27
CA ALA E 73 21.70 -23.65 3.38
C ALA E 73 23.08 -24.26 3.18
N GLN E 74 23.66 -24.07 2.00
CA GLN E 74 25.00 -24.64 1.68
C GLN E 74 24.90 -26.16 1.79
N GLU E 75 23.70 -26.71 1.58
CA GLU E 75 23.53 -28.19 1.59
C GLU E 75 23.28 -28.66 0.16
N THR E 76 23.05 -29.96 -0.04
CA THR E 76 22.72 -30.47 -1.38
C THR E 76 21.25 -30.93 -1.36
N ASP E 77 20.61 -30.86 -0.20
CA ASP E 77 19.18 -31.20 -0.11
C ASP E 77 18.61 -30.46 1.10
N VAL E 78 17.38 -29.97 1.00
CA VAL E 78 16.71 -29.26 2.12
C VAL E 78 15.37 -29.93 2.35
N ARG E 79 15.27 -30.74 3.39
CA ARG E 79 13.99 -31.41 3.68
C ARG E 79 13.13 -30.42 4.44
N ALA E 80 11.94 -30.17 3.96
CA ALA E 80 11.00 -29.21 4.52
C ALA E 80 9.73 -29.94 4.97
N GLN E 81 9.30 -29.64 6.20
CA GLN E 81 8.09 -30.23 6.77
C GLN E 81 7.20 -29.13 7.31
N ILE E 82 5.90 -29.26 7.07
CA ILE E 82 4.89 -28.38 7.64
C ILE E 82 3.85 -29.26 8.33
N ARG E 83 3.49 -28.88 9.56
CA ARG E 83 2.44 -29.57 10.29
C ARG E 83 1.34 -28.59 10.65
N LEU E 84 0.12 -29.10 10.81
CA LEU E 84 -1.01 -28.26 11.20
C LEU E 84 -1.93 -29.12 12.06
N GLN E 85 -2.04 -28.77 13.32
CA GLN E 85 -2.99 -29.39 14.23
C GLN E 85 -4.25 -28.54 14.29
N PHE E 86 -5.40 -29.15 14.05
CA PHE E 86 -6.64 -28.40 13.93
C PHE E 86 -7.81 -29.32 14.28
N ARG E 87 -9.02 -28.77 14.22
CA ARG E 87 -10.25 -29.50 14.45
C ARG E 87 -11.12 -29.42 13.21
N ASP E 88 -11.75 -30.54 12.87
CA ASP E 88 -12.64 -30.58 11.70
C ASP E 88 -14.02 -30.08 12.09
N VAL E 89 -14.99 -30.24 11.20
CA VAL E 89 -16.32 -29.66 11.42
C VAL E 89 -17.00 -30.31 12.62
N ASN E 90 -16.86 -31.62 12.76
CA ASN E 90 -17.46 -32.31 13.90
C ASN E 90 -16.75 -31.97 15.21
N GLY E 91 -15.47 -31.64 15.17
CA GLY E 91 -14.73 -31.29 16.35
C GLY E 91 -13.62 -32.24 16.76
N GLU E 92 -13.17 -33.12 15.86
CA GLU E 92 -12.09 -34.04 16.18
C GLU E 92 -10.74 -33.45 15.78
N LEU E 93 -9.69 -33.90 16.46
CA LEU E 93 -8.35 -33.38 16.25
C LEU E 93 -7.66 -34.15 15.13
N ILE E 94 -7.17 -33.42 14.13
CA ILE E 94 -6.45 -34.00 13.01
C ILE E 94 -5.20 -33.17 12.78
N ALA E 95 -4.07 -33.83 12.51
CA ALA E 95 -2.83 -33.15 12.17
C ALA E 95 -2.23 -33.80 10.92
N VAL E 96 -1.87 -32.96 9.95
CA VAL E 96 -1.29 -33.41 8.70
C VAL E 96 0.12 -32.84 8.58
N GLN E 97 1.03 -33.63 8.03
CA GLN E 97 2.47 -33.37 8.08
C GLN E 97 3.09 -33.46 6.70
N ARG E 98 2.51 -32.74 5.74
CA ARG E 98 3.02 -32.76 4.37
C ARG E 98 4.49 -32.32 4.33
N SER E 99 5.30 -33.05 3.57
CA SER E 99 6.73 -32.82 3.49
C SER E 99 7.16 -32.72 2.02
N MET E 100 8.37 -32.23 1.82
CA MET E 100 8.94 -32.04 0.49
C MET E 100 10.44 -31.85 0.62
N VAL E 101 11.16 -32.04 -0.49
CA VAL E 101 12.59 -31.76 -0.55
C VAL E 101 12.89 -30.98 -1.81
N CYS E 102 14.01 -30.25 -1.79
CA CYS E 102 14.49 -29.51 -2.95
C CYS E 102 15.94 -29.93 -3.17
N THR E 103 16.12 -31.03 -3.91
CA THR E 103 17.47 -31.51 -4.19
C THR E 103 18.17 -30.60 -5.18
N GLN E 104 19.47 -30.41 -4.99
CA GLN E 104 20.28 -29.56 -5.84
C GLN E 104 21.20 -30.41 -6.70
N LYS E 105 21.05 -30.31 -8.02
CA LYS E 105 21.88 -31.03 -8.96
C LYS E 105 22.22 -30.12 -10.14
N SER E 106 23.49 -30.09 -10.50
CA SER E 106 24.02 -29.29 -11.62
C SER E 106 23.58 -27.83 -11.39
N LYS E 107 23.16 -27.12 -12.44
CA LYS E 107 22.72 -25.74 -12.29
C LYS E 107 21.22 -25.60 -12.05
N LYS E 108 20.47 -26.70 -12.12
CA LYS E 108 19.05 -26.68 -11.88
C LYS E 108 18.77 -26.97 -10.41
N THR E 109 17.49 -27.13 -10.05
CA THR E 109 17.10 -27.42 -8.65
C THR E 109 15.87 -28.30 -8.69
N GLU E 110 16.08 -29.61 -8.56
CA GLU E 110 14.97 -30.56 -8.54
C GLU E 110 14.12 -30.36 -7.29
N PHE E 111 12.83 -30.64 -7.43
CA PHE E 111 11.88 -30.57 -6.32
C PHE E 111 10.96 -31.79 -6.37
N LYS E 112 10.55 -32.26 -5.20
CA LYS E 112 9.57 -33.33 -5.12
C LYS E 112 8.91 -33.29 -3.74
N THR E 113 7.71 -33.85 -3.67
CA THR E 113 6.96 -33.93 -2.43
C THR E 113 6.89 -35.38 -1.96
N LEU E 114 7.15 -35.60 -0.69
CA LEU E 114 7.06 -36.92 -0.09
C LEU E 114 5.69 -37.14 0.53
N GLU E 115 5.45 -38.36 0.99
CA GLU E 115 4.16 -38.72 1.54
C GLU E 115 3.99 -38.09 2.92
N GLY E 116 2.88 -37.37 3.10
CA GLY E 116 2.50 -36.86 4.40
C GLY E 116 1.78 -37.91 5.21
N VAL E 117 1.31 -37.51 6.39
CA VAL E 117 0.58 -38.39 7.28
C VAL E 117 -0.64 -37.67 7.83
N ILE E 118 -1.61 -38.46 8.28
CA ILE E 118 -2.80 -37.96 8.95
C ILE E 118 -2.89 -38.62 10.32
N THR E 119 -3.02 -37.82 11.36
CA THR E 119 -3.20 -38.32 12.72
C THR E 119 -4.63 -38.08 13.17
N ARG E 120 -5.19 -39.06 13.87
CA ARG E 120 -6.58 -38.99 14.30
C ARG E 120 -6.78 -39.69 15.63
N GLU E 125 -7.27 -43.44 18.24
CA GLU E 125 -6.54 -42.39 18.93
C GLU E 125 -5.08 -42.34 18.48
N LYS E 126 -4.66 -41.19 17.97
CA LYS E 126 -3.30 -40.98 17.48
C LYS E 126 -2.93 -42.00 16.42
N VAL E 127 -3.82 -42.20 15.45
CA VAL E 127 -3.59 -43.14 14.36
C VAL E 127 -2.93 -42.37 13.21
N SER E 128 -1.66 -42.64 12.96
CA SER E 128 -0.89 -41.98 11.91
C SER E 128 -0.69 -42.96 10.76
N LEU E 129 -1.03 -42.50 9.54
CA LEU E 129 -0.89 -43.33 8.35
C LEU E 129 -0.33 -42.49 7.21
N SER E 130 0.59 -43.09 6.45
CA SER E 130 1.17 -42.42 5.29
C SER E 130 0.12 -42.23 4.21
N SER E 131 0.25 -41.14 3.47
CA SER E 131 -0.76 -40.76 2.50
C SER E 131 -0.12 -40.00 1.35
N LYS E 132 -0.80 -40.00 0.20
CA LYS E 132 -0.35 -39.30 -0.98
C LYS E 132 -1.02 -37.92 -1.05
N CYS E 133 -0.51 -37.07 -1.94
CA CYS E 133 -0.92 -35.68 -1.97
C CYS E 133 -2.41 -35.53 -2.25
N ALA E 134 -2.95 -36.30 -3.21
CA ALA E 134 -4.36 -36.20 -3.53
C ALA E 134 -5.22 -36.62 -2.35
N GLU E 135 -4.81 -37.67 -1.63
CA GLU E 135 -5.62 -38.17 -0.53
C GLU E 135 -5.65 -37.19 0.63
N ILE E 136 -4.50 -36.62 1.00
CA ILE E 136 -4.49 -35.62 2.07
C ILE E 136 -5.26 -34.38 1.64
N ASP E 137 -5.14 -34.02 0.35
CA ASP E 137 -5.89 -32.87 -0.16
C ASP E 137 -7.39 -33.07 0.03
N ARG E 138 -7.97 -34.12 -0.52
CA ARG E 138 -9.40 -34.43 -0.32
C ARG E 138 -9.76 -34.57 1.16
N GLU E 139 -8.93 -35.25 1.95
CA GLU E 139 -9.27 -35.45 3.36
C GLU E 139 -9.36 -34.12 4.10
N MET E 140 -8.42 -33.21 3.83
CA MET E 140 -8.44 -31.94 4.55
C MET E 140 -9.54 -31.04 4.01
N ILE E 141 -9.86 -31.15 2.72
CA ILE E 141 -11.00 -30.43 2.18
C ILE E 141 -12.29 -30.88 2.86
N SER E 142 -12.44 -32.20 3.03
CA SER E 142 -13.63 -32.70 3.72
C SER E 142 -13.65 -32.31 5.19
N SER E 143 -12.49 -32.32 5.84
CA SER E 143 -12.43 -32.02 7.27
C SER E 143 -12.75 -30.56 7.55
N LEU E 144 -12.13 -29.64 6.79
CA LEU E 144 -12.36 -28.22 7.03
C LEU E 144 -13.80 -27.84 6.73
N GLY E 145 -14.38 -28.40 5.67
CA GLY E 145 -15.75 -28.13 5.31
C GLY E 145 -15.95 -27.14 4.18
N VAL E 146 -14.87 -26.70 3.53
CA VAL E 146 -14.95 -25.77 2.42
C VAL E 146 -14.19 -26.35 1.24
N SER E 147 -14.55 -25.86 0.05
CA SER E 147 -13.92 -26.33 -1.17
C SER E 147 -12.50 -25.76 -1.31
N LYS E 148 -11.72 -26.40 -2.18
CA LYS E 148 -10.33 -25.98 -2.37
C LYS E 148 -10.25 -24.59 -2.97
N ALA E 149 -11.18 -24.26 -3.88
CA ALA E 149 -11.20 -22.93 -4.47
C ALA E 149 -11.46 -21.86 -3.42
N VAL E 150 -12.42 -22.11 -2.53
CA VAL E 150 -12.69 -21.16 -1.45
C VAL E 150 -11.47 -21.02 -0.56
N LEU E 151 -10.86 -22.14 -0.19
CA LEU E 151 -9.66 -22.11 0.64
C LEU E 151 -8.54 -21.30 0.00
N ASN E 152 -8.38 -21.41 -1.32
CA ASN E 152 -7.33 -20.69 -2.01
C ASN E 152 -7.63 -19.19 -2.13
N ASN E 153 -8.89 -18.84 -2.40
CA ASN E 153 -9.19 -17.49 -2.83
C ASN E 153 -9.79 -16.59 -1.75
N VAL E 154 -10.61 -17.13 -0.85
CA VAL E 154 -11.28 -16.32 0.15
C VAL E 154 -10.47 -16.30 1.44
N ILE E 155 -10.19 -17.48 1.99
CA ILE E 155 -9.60 -17.58 3.32
C ILE E 155 -8.12 -17.22 3.28
N PHE E 156 -7.33 -18.01 2.57
CA PHE E 156 -5.87 -17.92 2.62
C PHE E 156 -5.28 -17.39 1.33
N CYS E 157 -5.92 -16.40 0.71
CA CYS E 157 -5.39 -15.85 -0.52
C CYS E 157 -4.09 -15.10 -0.24
N HIS E 158 -3.18 -15.14 -1.21
CA HIS E 158 -1.87 -14.54 -1.04
C HIS E 158 -1.99 -13.01 -0.98
N GLN E 159 -0.95 -12.38 -0.43
CA GLN E 159 -0.90 -10.93 -0.39
C GLN E 159 -0.84 -10.31 -1.77
N GLU E 160 -0.29 -11.01 -2.77
CA GLU E 160 -0.28 -10.53 -4.14
C GLU E 160 -1.54 -10.90 -4.89
N ASP E 161 -2.07 -12.10 -4.66
CA ASP E 161 -3.33 -12.52 -5.27
C ASP E 161 -4.52 -12.21 -4.35
N SER E 162 -4.60 -10.94 -3.94
CA SER E 162 -5.68 -10.50 -3.06
C SER E 162 -6.69 -9.61 -3.77
N ASN E 163 -6.33 -9.02 -4.90
CA ASN E 163 -7.25 -8.25 -5.73
C ASN E 163 -7.79 -9.07 -6.88
N TRP E 164 -7.98 -10.38 -6.68
CA TRP E 164 -8.45 -11.24 -7.75
C TRP E 164 -9.87 -10.94 -8.25
N PRO E 165 -10.81 -10.44 -7.45
CA PRO E 165 -12.11 -10.06 -8.04
C PRO E 165 -12.00 -8.92 -9.02
N LEU E 166 -10.92 -8.13 -8.99
CA LEU E 166 -10.69 -7.07 -9.95
C LEU E 166 -9.71 -7.49 -11.04
N SER E 167 -9.76 -8.75 -11.45
CA SER E 167 -8.91 -9.28 -12.50
C SER E 167 -9.71 -9.41 -13.80
N GLU E 168 -9.02 -9.84 -14.85
CA GLU E 168 -9.62 -9.89 -16.17
C GLU E 168 -10.82 -10.85 -16.19
N GLY E 169 -11.57 -10.79 -17.29
CA GLY E 169 -12.82 -11.55 -17.35
C GLY E 169 -12.62 -13.04 -17.28
N LYS E 170 -11.67 -13.56 -18.05
CA LYS E 170 -11.42 -15.00 -18.04
C LYS E 170 -10.95 -15.48 -16.67
N ALA E 171 -9.99 -14.77 -16.07
CA ALA E 171 -9.47 -15.18 -14.77
C ALA E 171 -10.56 -15.14 -13.70
N LEU E 172 -11.38 -14.09 -13.72
CA LEU E 172 -12.48 -14.00 -12.76
C LEU E 172 -13.48 -15.12 -12.97
N LYS E 173 -13.75 -15.47 -14.23
CA LYS E 173 -14.67 -16.57 -14.49
C LYS E 173 -14.11 -17.90 -13.98
N GLN E 174 -12.80 -18.13 -14.16
CA GLN E 174 -12.20 -19.35 -13.61
C GLN E 174 -12.29 -19.36 -12.09
N LYS E 175 -12.01 -18.23 -11.45
CA LYS E 175 -12.12 -18.18 -10.00
C LYS E 175 -13.54 -18.47 -9.53
N PHE E 176 -14.53 -17.93 -10.24
CA PHE E 176 -15.91 -18.04 -9.75
C PHE E 176 -16.56 -19.36 -10.13
N ASP E 177 -16.11 -20.03 -11.19
CA ASP E 177 -16.67 -21.34 -11.47
C ASP E 177 -15.90 -22.45 -10.77
N GLU E 178 -14.68 -22.17 -10.29
CA GLU E 178 -14.11 -23.04 -9.27
C GLU E 178 -14.78 -22.84 -7.93
N ILE E 179 -15.17 -21.59 -7.62
CA ILE E 179 -15.86 -21.31 -6.37
C ILE E 179 -17.24 -21.94 -6.35
N PHE E 180 -17.96 -21.87 -7.45
CA PHE E 180 -19.32 -22.41 -7.54
C PHE E 180 -19.34 -23.91 -7.81
N SER E 181 -18.19 -24.54 -7.95
CA SER E 181 -18.08 -25.98 -8.17
C SER E 181 -18.79 -26.42 -9.45
N ALA E 182 -18.35 -25.84 -10.57
CA ALA E 182 -18.87 -26.19 -11.87
C ALA E 182 -17.75 -26.27 -12.92
N THR E 183 -16.54 -26.65 -12.50
CA THR E 183 -15.41 -26.64 -13.42
C THR E 183 -15.47 -27.76 -14.44
N ARG E 184 -16.17 -28.86 -14.15
CA ARG E 184 -16.26 -29.95 -15.11
C ARG E 184 -17.02 -29.52 -16.36
N TYR E 185 -17.97 -28.60 -16.22
CA TYR E 185 -18.71 -28.13 -17.38
C TYR E 185 -17.85 -27.25 -18.28
N ILE E 186 -16.98 -26.43 -17.69
CA ILE E 186 -16.03 -25.67 -18.49
C ILE E 186 -15.00 -26.60 -19.13
N LYS E 187 -14.74 -27.72 -18.44
CA LYS E 187 -13.80 -28.73 -19.01
C LYS E 187 -14.47 -29.35 -20.21
N ALA E 188 -15.76 -29.60 -20.14
CA ALA E 188 -16.52 -30.11 -21.28
C ALA E 188 -16.59 -29.10 -22.42
N LEU E 189 -16.73 -27.81 -22.07
CA LEU E 189 -16.70 -26.77 -23.09
C LEU E 189 -15.37 -26.75 -23.84
N GLU E 190 -14.27 -26.87 -23.10
CA GLU E 190 -12.95 -26.93 -23.72
C GLU E 190 -12.83 -28.16 -24.61
N THR E 191 -13.36 -29.30 -24.17
CA THR E 191 -13.32 -30.51 -24.99
C THR E 191 -14.11 -30.32 -26.27
N LEU E 192 -15.29 -29.70 -26.17
CA LEU E 192 -16.11 -29.45 -27.36
C LEU E 192 -15.40 -28.52 -28.33
N ARG E 193 -14.79 -27.45 -27.81
CA ARG E 193 -14.07 -26.51 -28.66
C ARG E 193 -12.90 -27.19 -29.34
N GLN E 194 -12.15 -28.01 -28.60
CA GLN E 194 -10.99 -28.69 -29.19
C GLN E 194 -11.44 -29.70 -30.25
N VAL E 195 -12.56 -30.39 -30.01
CA VAL E 195 -13.07 -31.34 -30.99
C VAL E 195 -13.47 -30.62 -32.27
N ARG E 196 -14.18 -29.49 -32.13
CA ARG E 196 -14.59 -28.72 -33.29
C ARG E 196 -13.39 -28.19 -34.06
N GLN E 197 -12.37 -27.69 -33.34
CA GLN E 197 -11.18 -27.18 -34.01
C GLN E 197 -10.43 -28.28 -34.75
N THR E 198 -10.29 -29.45 -34.13
CA THR E 198 -9.62 -30.57 -34.78
C THR E 198 -10.37 -30.99 -36.04
N GLN E 199 -11.70 -31.09 -35.95
CA GLN E 199 -12.47 -31.49 -37.12
C GLN E 199 -12.41 -30.43 -38.21
N GLY E 200 -12.35 -29.15 -37.83
CA GLY E 200 -12.19 -28.10 -38.83
C GLY E 200 -10.87 -28.19 -39.56
N GLN E 201 -9.78 -28.44 -38.82
CA GLN E 201 -8.48 -28.61 -39.46
C GLN E 201 -8.47 -29.82 -40.38
N LYS E 202 -9.07 -30.92 -39.94
CA LYS E 202 -9.15 -32.11 -40.78
C LYS E 202 -9.95 -31.84 -42.05
N VAL E 203 -11.05 -31.08 -41.92
CA VAL E 203 -11.86 -30.72 -43.08
C VAL E 203 -11.05 -29.86 -44.04
N LYS E 204 -10.26 -28.92 -43.50
CA LYS E 204 -9.43 -28.08 -44.36
C LYS E 204 -8.44 -28.92 -45.16
N GLU E 205 -7.72 -29.82 -44.50
CA GLU E 205 -6.75 -30.65 -45.20
C GLU E 205 -7.44 -31.56 -46.21
N TYR E 206 -8.60 -32.11 -45.84
CA TYR E 206 -9.31 -33.02 -46.72
C TYR E 206 -9.84 -32.29 -47.96
N GLN E 207 -10.35 -31.07 -47.79
CA GLN E 207 -10.78 -30.29 -48.93
C GLN E 207 -9.61 -29.88 -49.81
N MET E 208 -8.43 -29.67 -49.20
CA MET E 208 -7.23 -29.45 -50.00
C MET E 208 -6.94 -30.66 -50.89
N GLU E 209 -7.11 -31.86 -50.34
CA GLU E 209 -6.92 -33.08 -51.13
C GLU E 209 -8.05 -33.35 -52.11
N LEU E 210 -9.23 -32.77 -51.86
CA LEU E 210 -10.43 -33.09 -52.64
C LEU E 210 -10.27 -32.74 -54.12
N LYS E 211 -9.70 -31.56 -54.37
CA LYS E 211 -9.61 -31.14 -55.79
C LYS E 211 -8.74 -32.16 -56.51
N TYR E 212 -7.63 -32.55 -55.88
CA TYR E 212 -6.67 -33.48 -56.52
C TYR E 212 -7.43 -34.72 -56.85
N LEU E 213 -8.16 -35.21 -55.87
CA LEU E 213 -8.92 -36.45 -56.07
C LEU E 213 -9.91 -36.32 -57.22
N LYS E 214 -10.58 -35.16 -57.30
CA LYS E 214 -11.54 -34.93 -58.38
C LYS E 214 -10.85 -34.90 -59.74
N GLN E 215 -9.68 -34.27 -59.81
CA GLN E 215 -8.94 -34.26 -61.08
C GLN E 215 -8.52 -35.67 -61.47
N TYR E 216 -8.07 -36.47 -60.51
CA TYR E 216 -7.73 -37.86 -60.80
C TYR E 216 -8.95 -38.62 -61.31
N LYS E 217 -10.11 -38.40 -60.69
CA LYS E 217 -11.33 -39.05 -61.14
C LYS E 217 -11.69 -38.64 -62.57
N GLU E 218 -11.55 -37.35 -62.88
CA GLU E 218 -11.86 -36.88 -64.23
C GLU E 218 -10.93 -37.51 -65.26
N LYS E 219 -9.64 -37.61 -64.94
CA LYS E 219 -8.72 -38.28 -65.84
C LYS E 219 -9.09 -39.74 -66.03
N ALA E 220 -9.49 -40.41 -64.95
CA ALA E 220 -9.92 -41.80 -65.05
C ALA E 220 -11.15 -41.95 -65.93
N CYS E 221 -12.11 -41.03 -65.80
CA CYS E 221 -13.30 -41.08 -66.65
C CYS E 221 -12.96 -40.85 -68.10
N GLU E 222 -12.05 -39.91 -68.39
CA GLU E 222 -11.61 -39.70 -69.77
C GLU E 222 -10.97 -40.95 -70.33
N ILE E 223 -10.11 -41.60 -69.53
CA ILE E 223 -9.46 -42.83 -69.98
C ILE E 223 -10.50 -43.91 -70.25
N ARG E 224 -11.49 -44.04 -69.37
CA ARG E 224 -12.51 -45.07 -69.55
C ARG E 224 -13.37 -44.81 -70.77
N ASP E 225 -13.70 -43.55 -71.04
CA ASP E 225 -14.46 -43.23 -72.25
C ASP E 225 -13.66 -43.55 -73.50
N GLN E 226 -12.35 -43.25 -73.47
CA GLN E 226 -11.50 -43.64 -74.59
C GLN E 226 -11.48 -45.15 -74.76
N ILE E 227 -11.41 -45.89 -73.65
CA ILE E 227 -11.44 -47.35 -73.72
C ILE E 227 -12.72 -47.82 -74.39
N THR E 228 -13.86 -47.27 -73.96
CA THR E 228 -15.14 -47.71 -74.52
C THR E 228 -15.22 -47.41 -76.01
N SER E 229 -14.86 -46.19 -76.42
CA SER E 229 -14.94 -45.83 -77.83
C SER E 229 -14.01 -46.69 -78.68
N LYS E 230 -12.78 -46.89 -78.23
CA LYS E 230 -11.83 -47.66 -79.03
C LYS E 230 -12.19 -49.14 -79.06
N GLU E 231 -12.75 -49.66 -77.96
CA GLU E 231 -13.22 -51.04 -77.97
C GLU E 231 -14.38 -51.21 -78.93
N ALA E 232 -15.29 -50.24 -78.97
CA ALA E 232 -16.37 -50.30 -79.96
C ALA E 232 -15.82 -50.27 -81.37
N GLN E 233 -14.82 -49.41 -81.62
CA GLN E 233 -14.22 -49.35 -82.95
C GLN E 233 -13.56 -50.68 -83.32
N LEU E 234 -12.84 -51.29 -82.38
CA LEU E 234 -12.20 -52.58 -82.66
C LEU E 234 -13.23 -53.67 -82.91
N THR E 235 -14.33 -53.67 -82.13
CA THR E 235 -15.38 -54.67 -82.35
C THR E 235 -16.05 -54.47 -83.70
N SER E 236 -16.15 -53.22 -84.16
CA SER E 236 -16.70 -52.96 -85.48
C SER E 236 -15.86 -53.62 -86.57
N SER E 237 -14.54 -53.53 -86.46
CA SER E 237 -13.64 -54.16 -87.42
C SER E 237 -13.40 -55.63 -87.08
N GLN E 1078 -5.97 -51.38 -88.02
CA GLN E 1078 -6.61 -52.26 -87.05
C GLN E 1078 -5.65 -52.68 -85.95
N LYS E 1079 -4.38 -52.90 -86.33
CA LYS E 1079 -3.38 -53.33 -85.36
C LYS E 1079 -3.17 -52.28 -84.27
N GLY E 1080 -3.09 -51.00 -84.67
CA GLY E 1080 -2.97 -49.95 -83.68
C GLY E 1080 -4.19 -49.83 -82.79
N TYR E 1081 -5.38 -50.12 -83.34
CA TYR E 1081 -6.59 -50.16 -82.53
C TYR E 1081 -6.51 -51.28 -81.50
N GLU E 1082 -5.57 -52.22 -81.69
CA GLU E 1082 -5.31 -53.21 -80.65
C GLU E 1082 -4.22 -52.73 -79.70
N GLU E 1083 -3.22 -52.02 -80.21
CA GLU E 1083 -2.14 -51.53 -79.35
C GLU E 1083 -2.66 -50.52 -78.33
N GLU E 1084 -3.48 -49.57 -78.76
CA GLU E 1084 -3.94 -48.53 -77.84
C GLU E 1084 -4.89 -49.10 -76.79
N ILE E 1085 -5.48 -50.27 -77.07
CA ILE E 1085 -6.37 -50.89 -76.09
C ILE E 1085 -5.59 -51.37 -74.88
N ILE E 1086 -4.47 -52.06 -75.10
CA ILE E 1086 -3.70 -52.57 -73.96
C ILE E 1086 -3.05 -51.41 -73.19
N HIS E 1087 -2.63 -50.36 -73.90
CA HIS E 1087 -2.10 -49.18 -73.22
C HIS E 1087 -3.18 -48.52 -72.35
N PHE E 1088 -4.40 -48.45 -72.86
CA PHE E 1088 -5.51 -47.91 -72.07
C PHE E 1088 -5.81 -48.80 -70.86
N LYS E 1089 -5.70 -50.12 -71.03
CA LYS E 1089 -5.88 -51.01 -69.89
C LYS E 1089 -4.79 -50.81 -68.86
N LYS E 1090 -3.55 -50.54 -69.31
CA LYS E 1090 -2.49 -50.19 -68.37
C LYS E 1090 -2.79 -48.88 -67.64
N GLU E 1091 -3.32 -47.90 -68.36
CA GLU E 1091 -3.68 -46.63 -67.73
C GLU E 1091 -4.75 -46.83 -66.66
N LEU E 1092 -5.79 -47.59 -66.97
CA LEU E 1092 -6.82 -47.88 -65.97
C LEU E 1092 -6.27 -48.75 -64.84
N ARG E 1093 -5.23 -49.54 -65.15
CA ARG E 1093 -4.63 -50.41 -64.14
C ARG E 1093 -3.90 -49.59 -63.08
N GLU E 1094 -3.45 -48.39 -63.45
CA GLU E 1094 -2.71 -47.55 -62.52
C GLU E 1094 -3.60 -47.17 -61.34
N PRO E 1095 -3.11 -47.30 -60.10
CA PRO E 1095 -3.99 -47.06 -58.93
C PRO E 1095 -4.56 -45.66 -58.86
N GLN E 1096 -3.84 -44.66 -59.39
CA GLN E 1096 -4.32 -43.29 -59.35
C GLN E 1096 -5.65 -43.14 -60.07
N PHE E 1097 -5.82 -43.87 -61.18
CA PHE E 1097 -7.03 -43.81 -61.98
C PHE E 1097 -7.84 -45.10 -61.92
N ARG E 1098 -7.47 -46.03 -61.03
CA ARG E 1098 -8.21 -47.28 -60.92
C ARG E 1098 -9.46 -47.11 -60.07
N ASP E 1099 -9.29 -46.72 -58.80
CA ASP E 1099 -10.38 -46.54 -57.87
C ASP E 1099 -10.54 -45.08 -57.44
N ALA E 1100 -10.32 -44.14 -58.35
CA ALA E 1100 -10.44 -42.72 -58.01
C ALA E 1100 -11.88 -42.36 -57.65
N GLU E 1101 -12.85 -42.94 -58.37
CA GLU E 1101 -14.24 -42.58 -58.15
C GLU E 1101 -14.69 -42.91 -56.74
N GLU E 1102 -14.42 -44.13 -56.28
CA GLU E 1102 -14.88 -44.55 -54.96
C GLU E 1102 -14.17 -43.76 -53.85
N LYS E 1103 -12.87 -43.52 -54.00
CA LYS E 1103 -12.15 -42.73 -53.00
C LYS E 1103 -12.68 -41.31 -52.93
N TYR E 1104 -12.91 -40.68 -54.07
CA TYR E 1104 -13.44 -39.32 -54.09
C TYR E 1104 -14.83 -39.28 -53.48
N ARG E 1105 -15.67 -40.26 -53.81
CA ARG E 1105 -17.01 -40.34 -53.22
C ARG E 1105 -16.95 -40.48 -51.71
N GLU E 1106 -16.10 -41.38 -51.21
CA GLU E 1106 -16.00 -41.59 -49.77
C GLU E 1106 -15.51 -40.32 -49.08
N MET E 1107 -14.52 -39.64 -49.68
CA MET E 1107 -14.01 -38.42 -49.07
C MET E 1107 -15.08 -37.33 -49.05
N MET E 1108 -15.86 -37.19 -50.11
CA MET E 1108 -16.94 -36.20 -50.11
C MET E 1108 -18.02 -36.55 -49.08
N ILE E 1109 -18.33 -37.84 -48.92
CA ILE E 1109 -19.29 -38.24 -47.91
C ILE E 1109 -18.79 -37.84 -46.53
N VAL E 1110 -17.53 -38.15 -46.24
CA VAL E 1110 -16.92 -37.75 -44.98
C VAL E 1110 -16.96 -36.24 -44.82
N MET E 1111 -16.76 -35.52 -45.93
CA MET E 1111 -16.70 -34.06 -45.88
C MET E 1111 -18.03 -33.48 -45.45
N ARG E 1112 -19.10 -33.88 -46.14
CA ARG E 1112 -20.42 -33.38 -45.78
C ARG E 1112 -20.79 -33.78 -44.36
N THR E 1113 -20.51 -35.04 -43.99
CA THR E 1113 -20.81 -35.50 -42.64
C THR E 1113 -20.12 -34.64 -41.59
N THR E 1114 -18.83 -34.39 -41.76
CA THR E 1114 -18.10 -33.57 -40.79
C THR E 1114 -18.59 -32.13 -40.80
N GLU E 1115 -19.08 -31.65 -41.95
CA GLU E 1115 -19.67 -30.30 -41.97
C GLU E 1115 -20.90 -30.20 -41.10
N LEU E 1116 -21.85 -31.14 -41.25
CA LEU E 1116 -23.06 -31.04 -40.43
C LEU E 1116 -22.72 -31.30 -38.96
N VAL E 1117 -21.74 -32.18 -38.70
CA VAL E 1117 -21.35 -32.41 -37.31
C VAL E 1117 -20.70 -31.16 -36.72
N ASN E 1118 -19.90 -30.44 -37.51
CA ASN E 1118 -19.33 -29.18 -37.02
C ASN E 1118 -20.42 -28.17 -36.70
N LYS E 1119 -21.44 -28.08 -37.56
CA LYS E 1119 -22.54 -27.18 -37.28
C LYS E 1119 -23.26 -27.55 -35.99
N ASP E 1120 -23.50 -28.85 -35.85
CA ASP E 1120 -24.23 -29.33 -34.65
C ASP E 1120 -23.43 -29.00 -33.42
N LEU E 1121 -22.14 -29.31 -33.44
CA LEU E 1121 -21.28 -29.05 -32.29
C LEU E 1121 -21.22 -27.56 -31.99
N ASP E 1122 -21.28 -26.70 -33.01
CA ASP E 1122 -21.35 -25.27 -32.76
C ASP E 1122 -22.62 -24.91 -31.99
N ILE E 1123 -23.76 -25.46 -32.40
CA ILE E 1123 -25.00 -25.19 -31.68
C ILE E 1123 -24.91 -25.69 -30.25
N TYR E 1124 -24.39 -26.90 -30.05
CA TYR E 1124 -24.30 -27.46 -28.71
C TYR E 1124 -23.36 -26.64 -27.82
N TYR E 1125 -22.24 -26.19 -28.39
CA TYR E 1125 -21.30 -25.37 -27.63
C TYR E 1125 -21.94 -24.05 -27.22
N LYS E 1126 -22.68 -23.42 -28.14
CA LYS E 1126 -23.35 -22.17 -27.79
C LYS E 1126 -24.38 -22.38 -26.70
N THR E 1127 -25.15 -23.47 -26.79
CA THR E 1127 -26.16 -23.75 -25.76
C THR E 1127 -25.52 -24.00 -24.40
N LEU E 1128 -24.43 -24.77 -24.37
CA LEU E 1128 -23.78 -25.06 -23.09
C LEU E 1128 -23.14 -23.82 -22.49
N ASP E 1129 -22.55 -22.96 -23.33
CA ASP E 1129 -22.02 -21.70 -22.84
C ASP E 1129 -23.12 -20.83 -22.23
N GLN E 1130 -24.26 -20.75 -22.90
CA GLN E 1130 -25.38 -19.99 -22.35
C GLN E 1130 -25.86 -20.58 -21.04
N ALA E 1131 -25.91 -21.91 -20.94
CA ALA E 1131 -26.34 -22.56 -19.71
C ALA E 1131 -25.38 -22.24 -18.57
N ILE E 1132 -24.07 -22.28 -18.84
CA ILE E 1132 -23.10 -21.98 -17.79
C ILE E 1132 -23.21 -20.53 -17.33
N MET E 1133 -23.37 -19.61 -18.28
CA MET E 1133 -23.50 -18.20 -17.89
C MET E 1133 -24.78 -17.96 -17.09
N LYS E 1134 -25.88 -18.62 -17.48
CA LYS E 1134 -27.12 -18.50 -16.73
C LYS E 1134 -26.97 -19.06 -15.31
N PHE E 1135 -26.28 -20.20 -15.18
CA PHE E 1135 -26.05 -20.75 -13.85
C PHE E 1135 -25.22 -19.79 -13.00
N HIS E 1136 -24.19 -19.19 -13.60
CA HIS E 1136 -23.37 -18.24 -12.86
C HIS E 1136 -24.21 -17.07 -12.38
N SER E 1137 -25.05 -16.51 -13.26
CA SER E 1137 -25.89 -15.38 -12.87
C SER E 1137 -26.85 -15.77 -11.74
N MET E 1138 -27.48 -16.94 -11.86
CA MET E 1138 -28.44 -17.36 -10.83
C MET E 1138 -27.76 -17.58 -9.49
N LYS E 1139 -26.60 -18.25 -9.47
CA LYS E 1139 -25.90 -18.53 -8.22
C LYS E 1139 -25.17 -17.32 -7.68
N MET E 1140 -25.05 -16.24 -8.44
CA MET E 1140 -24.27 -15.10 -8.01
C MET E 1140 -25.14 -13.90 -7.66
N GLU E 1141 -26.39 -13.88 -8.14
CA GLU E 1141 -27.34 -12.85 -7.73
C GLU E 1141 -27.57 -12.86 -6.22
N GLU E 1142 -27.54 -14.05 -5.60
CA GLU E 1142 -27.77 -14.14 -4.17
C GLU E 1142 -26.67 -13.45 -3.37
N ILE E 1143 -25.41 -13.63 -3.78
CA ILE E 1143 -24.31 -12.98 -3.06
C ILE E 1143 -24.16 -11.52 -3.48
N ASN E 1144 -24.78 -11.13 -4.59
CA ASN E 1144 -24.79 -9.71 -4.95
C ASN E 1144 -25.40 -8.87 -3.85
N LYS E 1145 -26.46 -9.37 -3.20
CA LYS E 1145 -27.09 -8.61 -2.12
C LYS E 1145 -26.14 -8.41 -0.96
N ILE E 1146 -25.39 -9.45 -0.58
CA ILE E 1146 -24.42 -9.33 0.51
C ILE E 1146 -23.35 -8.33 0.14
N ILE E 1147 -22.86 -8.38 -1.10
CA ILE E 1147 -21.85 -7.43 -1.55
C ILE E 1147 -22.40 -6.00 -1.46
N ARG E 1148 -23.64 -5.80 -1.92
CA ARG E 1148 -24.24 -4.47 -1.90
C ARG E 1148 -24.34 -3.94 -0.47
N ASP E 1149 -24.88 -4.74 0.44
CA ASP E 1149 -25.07 -4.29 1.82
C ASP E 1149 -23.73 -4.02 2.50
N LEU E 1150 -22.75 -4.90 2.29
CA LEU E 1150 -21.44 -4.69 2.90
C LEU E 1150 -20.76 -3.43 2.36
N TRP E 1151 -20.88 -3.19 1.05
CA TRP E 1151 -20.31 -1.97 0.49
C TRP E 1151 -21.00 -0.73 1.02
N ARG E 1152 -22.33 -0.78 1.16
CA ARG E 1152 -23.05 0.38 1.67
C ARG E 1152 -22.68 0.66 3.11
N SER E 1153 -22.51 -0.39 3.92
CA SER E 1153 -22.13 -0.17 5.32
C SER E 1153 -20.69 0.32 5.44
N THR E 1154 -19.77 -0.27 4.69
CA THR E 1154 -18.35 -0.06 4.91
C THR E 1154 -17.80 1.16 4.18
N TYR E 1155 -18.04 1.26 2.87
CA TYR E 1155 -17.46 2.33 2.09
C TYR E 1155 -17.96 3.68 2.57
N ARG E 1156 -17.05 4.51 3.07
CA ARG E 1156 -17.40 5.81 3.63
C ARG E 1156 -17.66 6.87 2.56
N GLY E 1157 -17.15 6.69 1.35
CA GLY E 1157 -17.31 7.69 0.32
C GLY E 1157 -18.72 7.73 -0.25
N GLN E 1158 -18.99 8.80 -0.98
CA GLN E 1158 -20.27 9.00 -1.65
C GLN E 1158 -20.16 8.78 -3.16
N ASP E 1159 -19.03 8.26 -3.63
CA ASP E 1159 -18.84 8.01 -5.06
C ASP E 1159 -19.79 6.93 -5.56
N ILE E 1160 -19.67 5.73 -5.02
CA ILE E 1160 -20.38 4.55 -5.52
C ILE E 1160 -21.54 4.25 -4.59
N GLU E 1161 -22.74 4.14 -5.16
CA GLU E 1161 -23.90 3.73 -4.39
C GLU E 1161 -23.72 2.31 -3.85
N TYR E 1162 -23.36 1.38 -4.73
CA TYR E 1162 -23.05 0.02 -4.33
C TYR E 1162 -22.34 -0.68 -5.48
N ILE E 1163 -21.75 -1.83 -5.20
CA ILE E 1163 -21.06 -2.62 -6.20
C ILE E 1163 -21.67 -4.02 -6.22
N GLU E 1164 -21.55 -4.68 -7.38
CA GLU E 1164 -22.01 -6.04 -7.58
C GLU E 1164 -21.13 -6.67 -8.65
N ILE E 1165 -21.49 -7.88 -9.08
CA ILE E 1165 -20.78 -8.55 -10.15
C ILE E 1165 -21.79 -9.04 -11.17
N ARG E 1166 -21.50 -8.82 -12.44
CA ARG E 1166 -22.42 -9.12 -13.53
C ARG E 1166 -21.72 -9.93 -14.60
N SER E 1167 -22.40 -10.96 -15.09
CA SER E 1167 -21.90 -11.82 -16.14
C SER E 1167 -22.89 -11.81 -17.30
N ASP E 1168 -22.39 -11.57 -18.50
CA ASP E 1168 -23.22 -11.54 -19.70
C ASP E 1168 -22.62 -12.47 -20.75
N ALA E 1169 -23.41 -13.43 -21.21
CA ALA E 1169 -22.95 -14.35 -22.24
C ALA E 1169 -22.83 -13.64 -23.58
N ASP E 1170 -21.87 -14.07 -24.39
CA ASP E 1170 -21.72 -13.52 -25.72
C ASP E 1170 -22.80 -14.07 -26.64
N GLU E 1171 -23.54 -13.18 -27.29
CA GLU E 1171 -24.63 -13.61 -28.16
C GLU E 1171 -24.12 -14.34 -29.39
N ASN E 1172 -23.03 -13.86 -29.98
CA ASN E 1172 -22.50 -14.38 -31.24
C ASN E 1172 -21.33 -15.33 -31.02
N VAL E 1173 -21.34 -16.10 -29.94
CA VAL E 1173 -20.25 -17.04 -29.66
C VAL E 1173 -20.38 -18.24 -30.59
N SER E 1174 -19.24 -18.89 -30.84
CA SER E 1174 -19.20 -20.10 -31.66
C SER E 1174 -17.93 -20.87 -31.33
N ALA E 1175 -17.99 -22.18 -31.53
CA ALA E 1175 -16.84 -23.03 -31.22
C ALA E 1175 -15.67 -22.80 -32.17
N SER E 1176 -15.92 -22.22 -33.35
CA SER E 1176 -14.86 -21.99 -34.32
C SER E 1176 -14.12 -20.67 -34.09
N ASP E 1177 -14.53 -19.89 -33.09
CA ASP E 1177 -13.89 -18.60 -32.84
C ASP E 1177 -12.47 -18.79 -32.35
N LYS E 1178 -11.55 -17.97 -32.87
CA LYS E 1178 -10.16 -18.03 -32.43
C LYS E 1178 -10.03 -17.55 -30.99
N ARG E 1179 -10.65 -16.43 -30.65
CA ARG E 1179 -10.63 -15.87 -29.31
C ARG E 1179 -12.05 -15.67 -28.81
N ARG E 1180 -12.22 -16.03 -27.55
CA ARG E 1180 -13.53 -15.87 -26.91
C ARG E 1180 -13.46 -14.55 -26.14
N ASN E 1181 -14.61 -13.98 -25.81
CA ASN E 1181 -14.68 -12.76 -25.02
C ASN E 1181 -15.53 -13.03 -23.79
N TYR E 1182 -14.96 -12.82 -22.62
CA TYR E 1182 -15.64 -13.05 -21.35
C TYR E 1182 -16.11 -11.73 -20.76
N ASN E 1183 -17.28 -11.75 -20.15
CA ASN E 1183 -17.91 -10.54 -19.61
C ASN E 1183 -18.15 -10.68 -18.11
N TYR E 1184 -17.16 -11.22 -17.40
CA TYR E 1184 -17.17 -11.18 -15.94
C TYR E 1184 -16.54 -9.88 -15.48
N ARG E 1185 -17.27 -9.15 -14.64
CA ARG E 1185 -16.87 -7.79 -14.27
C ARG E 1185 -17.52 -7.42 -12.95
N VAL E 1186 -16.72 -6.91 -12.01
CA VAL E 1186 -17.29 -6.23 -10.86
C VAL E 1186 -17.75 -4.86 -11.31
N VAL E 1187 -19.01 -4.53 -11.00
CA VAL E 1187 -19.65 -3.33 -11.52
C VAL E 1187 -19.96 -2.38 -10.37
N MET E 1188 -19.59 -1.12 -10.54
CA MET E 1188 -19.89 -0.07 -9.59
C MET E 1188 -20.96 0.83 -10.17
N LEU E 1189 -21.86 1.30 -9.32
CA LEU E 1189 -23.01 2.11 -9.75
C LEU E 1189 -22.85 3.51 -9.18
N LYS E 1190 -22.38 4.44 -10.02
CA LYS E 1190 -22.21 5.84 -9.63
C LYS E 1190 -23.52 6.57 -9.93
N GLY E 1191 -24.45 6.50 -8.99
CA GLY E 1191 -25.75 7.12 -9.17
C GLY E 1191 -26.78 6.16 -9.71
N ASP E 1192 -27.14 6.32 -10.98
CA ASP E 1192 -28.08 5.43 -11.64
C ASP E 1192 -27.47 4.57 -12.74
N THR E 1193 -26.27 4.88 -13.19
CA THR E 1193 -25.62 4.15 -14.27
C THR E 1193 -24.59 3.18 -13.71
N ALA E 1194 -24.51 2.01 -14.34
CA ALA E 1194 -23.58 0.96 -13.93
C ALA E 1194 -22.33 1.01 -14.80
N LEU E 1195 -21.16 0.95 -14.17
CA LEU E 1195 -19.88 1.05 -14.84
C LEU E 1195 -19.02 -0.15 -14.50
N ASP E 1196 -17.98 -0.35 -15.30
CA ASP E 1196 -16.96 -1.37 -15.06
C ASP E 1196 -16.00 -0.86 -14.00
N MET E 1197 -15.97 -1.51 -12.83
CA MET E 1197 -15.08 -1.09 -11.77
C MET E 1197 -13.62 -1.28 -12.17
N ARG E 1198 -13.31 -2.38 -12.84
CA ARG E 1198 -11.93 -2.70 -13.18
C ARG E 1198 -11.37 -1.67 -14.16
N GLY E 1199 -10.19 -1.15 -13.84
CA GLY E 1199 -9.57 -0.12 -14.62
C GLY E 1199 -10.16 1.26 -14.44
N ARG E 1200 -11.25 1.38 -13.68
CA ARG E 1200 -11.95 2.64 -13.50
C ARG E 1200 -12.06 3.02 -12.03
N CYS E 1201 -11.37 2.32 -11.14
CA CYS E 1201 -11.44 2.56 -9.71
C CYS E 1201 -10.08 2.99 -9.18
N SER E 1202 -10.04 3.27 -7.88
CA SER E 1202 -8.81 3.65 -7.21
C SER E 1202 -8.18 2.45 -6.52
N ALA E 1203 -6.97 2.65 -5.98
CA ALA E 1203 -6.31 1.58 -5.26
C ALA E 1203 -7.07 1.21 -3.98
N GLY E 1204 -7.45 2.23 -3.20
CA GLY E 1204 -8.23 1.96 -2.00
C GLY E 1204 -9.60 1.38 -2.32
N GLN E 1205 -10.25 1.90 -3.36
CA GLN E 1205 -11.52 1.34 -3.79
C GLN E 1205 -11.35 -0.12 -4.22
N LYS E 1206 -10.28 -0.42 -4.94
CA LYS E 1206 -10.04 -1.79 -5.40
C LYS E 1206 -9.81 -2.73 -4.22
N VAL E 1207 -8.98 -2.32 -3.26
CA VAL E 1207 -8.70 -3.21 -2.14
C VAL E 1207 -9.93 -3.38 -1.25
N LEU E 1208 -10.71 -2.31 -1.07
CA LEU E 1208 -11.93 -2.44 -0.28
C LEU E 1208 -12.96 -3.31 -0.99
N ALA E 1209 -13.07 -3.18 -2.32
CA ALA E 1209 -13.99 -4.03 -3.06
C ALA E 1209 -13.57 -5.48 -2.99
N SER E 1210 -12.26 -5.75 -3.08
CA SER E 1210 -11.79 -7.13 -2.95
C SER E 1210 -12.09 -7.68 -1.56
N LEU E 1211 -11.90 -6.86 -0.52
CA LEU E 1211 -12.22 -7.30 0.83
C LEU E 1211 -13.71 -7.59 0.97
N ILE E 1212 -14.57 -6.75 0.39
CA ILE E 1212 -16.01 -6.96 0.47
C ILE E 1212 -16.40 -8.24 -0.26
N ILE E 1213 -15.80 -8.48 -1.44
CA ILE E 1213 -16.12 -9.70 -2.19
C ILE E 1213 -15.69 -10.93 -1.41
N ARG E 1214 -14.49 -10.90 -0.82
CA ARG E 1214 -14.05 -12.03 -0.01
C ARG E 1214 -14.94 -12.25 1.19
N LEU E 1215 -15.36 -11.17 1.87
CA LEU E 1215 -16.22 -11.33 3.04
C LEU E 1215 -17.60 -11.86 2.65
N ALA E 1216 -18.14 -11.42 1.51
CA ALA E 1216 -19.41 -11.96 1.03
C ALA E 1216 -19.29 -13.43 0.69
N LEU E 1217 -18.21 -13.82 0.01
CA LEU E 1217 -18.02 -15.24 -0.31
C LEU E 1217 -17.78 -16.06 0.95
N ALA E 1218 -17.20 -15.46 1.98
CA ALA E 1218 -17.06 -16.16 3.26
C ALA E 1218 -18.41 -16.30 3.96
N GLU E 1219 -19.27 -15.30 3.83
CA GLU E 1219 -20.62 -15.42 4.38
C GLU E 1219 -21.40 -16.52 3.67
N THR E 1220 -21.25 -16.62 2.36
CA THR E 1220 -21.99 -17.60 1.58
C THR E 1220 -21.44 -19.02 1.69
N PHE E 1221 -20.12 -19.18 1.77
CA PHE E 1221 -19.50 -20.50 1.67
C PHE E 1221 -18.68 -20.92 2.89
N CYS E 1222 -18.19 -19.98 3.69
CA CYS E 1222 -17.36 -20.30 4.84
C CYS E 1222 -18.17 -20.41 6.13
N LEU E 1223 -19.43 -20.84 6.02
CA LEU E 1223 -20.23 -21.09 7.21
C LEU E 1223 -19.64 -22.23 8.03
N ASN E 1224 -19.17 -23.29 7.38
CA ASN E 1224 -18.61 -24.41 8.11
C ASN E 1224 -17.23 -24.09 8.67
N CYS E 1225 -16.39 -23.39 7.91
CA CYS E 1225 -15.03 -23.04 8.33
C CYS E 1225 -14.96 -21.53 8.52
N GLY E 1226 -15.07 -21.09 9.76
CA GLY E 1226 -15.08 -19.67 10.06
C GLY E 1226 -13.69 -19.08 10.24
N ILE E 1227 -12.86 -19.17 9.22
CA ILE E 1227 -11.51 -18.61 9.24
C ILE E 1227 -11.38 -17.66 8.06
N ILE E 1228 -10.70 -16.54 8.27
CA ILE E 1228 -10.31 -15.65 7.19
C ILE E 1228 -9.00 -14.96 7.56
N ALA E 1229 -8.00 -15.11 6.70
CA ALA E 1229 -6.68 -14.54 6.94
C ALA E 1229 -6.54 -13.29 6.07
N LEU E 1230 -6.41 -12.13 6.72
CA LEU E 1230 -6.31 -10.85 6.03
C LEU E 1230 -4.86 -10.39 6.07
N ASP E 1231 -4.16 -10.56 4.96
CA ASP E 1231 -2.76 -10.15 4.86
C ASP E 1231 -2.72 -8.66 4.52
N GLU E 1232 -2.47 -7.84 5.55
CA GLU E 1232 -2.45 -6.38 5.44
C GLU E 1232 -3.74 -5.87 4.82
N PRO E 1233 -4.87 -5.99 5.51
CA PRO E 1233 -6.13 -5.50 4.93
C PRO E 1233 -6.13 -4.01 4.66
N THR E 1234 -5.45 -3.22 5.48
CA THR E 1234 -5.38 -1.77 5.31
C THR E 1234 -4.17 -1.34 4.48
N THR E 1235 -3.98 -1.99 3.33
CA THR E 1235 -2.81 -1.72 2.51
C THR E 1235 -2.88 -0.33 1.88
N ASN E 1236 -4.03 0.00 1.28
CA ASN E 1236 -4.20 1.29 0.62
C ASN E 1236 -5.37 2.10 1.14
N LEU E 1237 -6.08 1.61 2.17
CA LEU E 1237 -7.25 2.32 2.67
C LEU E 1237 -6.85 3.59 3.40
N ASP E 1238 -7.67 4.63 3.25
CA ASP E 1238 -7.46 5.88 3.98
C ASP E 1238 -8.00 5.74 5.40
N ARG E 1239 -7.88 6.82 6.18
CA ARG E 1239 -8.18 6.74 7.61
C ARG E 1239 -9.65 6.40 7.86
N GLU E 1240 -10.56 7.08 7.18
CA GLU E 1240 -11.98 6.82 7.38
C GLU E 1240 -12.36 5.40 6.97
N ASN E 1241 -11.85 4.94 5.84
CA ASN E 1241 -12.14 3.58 5.40
C ASN E 1241 -11.47 2.55 6.29
N ILE E 1242 -10.30 2.87 6.85
CA ILE E 1242 -9.68 1.96 7.82
C ILE E 1242 -10.56 1.81 9.04
N GLU E 1243 -11.07 2.94 9.56
CA GLU E 1243 -11.95 2.89 10.72
C GLU E 1243 -13.23 2.11 10.41
N SER E 1244 -13.81 2.35 9.23
CA SER E 1244 -15.05 1.65 8.86
C SER E 1244 -14.81 0.16 8.67
N LEU E 1245 -13.69 -0.21 8.07
CA LEU E 1245 -13.35 -1.63 7.91
C LEU E 1245 -13.12 -2.28 9.27
N ALA E 1246 -12.47 -1.57 10.19
CA ALA E 1246 -12.29 -2.10 11.54
C ALA E 1246 -13.64 -2.32 12.22
N HIS E 1247 -14.55 -1.36 12.07
CA HIS E 1247 -15.88 -1.52 12.65
C HIS E 1247 -16.63 -2.70 12.04
N ALA E 1248 -16.54 -2.85 10.71
CA ALA E 1248 -17.21 -3.96 10.05
C ALA E 1248 -16.63 -5.30 10.48
N LEU E 1249 -15.31 -5.38 10.62
CA LEU E 1249 -14.69 -6.62 11.07
C LEU E 1249 -15.05 -6.93 12.50
N VAL E 1250 -15.14 -5.91 13.35
CA VAL E 1250 -15.57 -6.13 14.74
C VAL E 1250 -17.01 -6.62 14.77
N GLU E 1251 -17.88 -6.04 13.94
CA GLU E 1251 -19.26 -6.50 13.87
C GLU E 1251 -19.34 -7.95 13.37
N ILE E 1252 -18.49 -8.30 12.40
CA ILE E 1252 -18.45 -9.67 11.91
C ILE E 1252 -17.99 -10.62 13.02
N ILE E 1253 -16.99 -10.20 13.79
CA ILE E 1253 -16.52 -11.02 14.92
C ILE E 1253 -17.64 -11.22 15.93
N LYS E 1254 -18.38 -10.15 16.24
CA LYS E 1254 -19.46 -10.25 17.21
C LYS E 1254 -20.58 -11.16 16.70
N SER E 1255 -20.95 -11.01 15.42
CA SER E 1255 -22.08 -11.74 14.88
C SER E 1255 -21.76 -13.21 14.67
N ARG E 1256 -20.59 -13.51 14.11
CA ARG E 1256 -20.25 -14.87 13.69
C ARG E 1256 -19.67 -15.71 14.83
N SER E 1257 -19.53 -15.15 16.02
CA SER E 1257 -19.10 -15.89 17.19
C SER E 1257 -20.26 -16.41 18.02
N GLN E 1258 -21.49 -16.40 17.48
CA GLN E 1258 -22.66 -16.72 18.29
C GLN E 1258 -22.77 -18.21 18.57
N GLN E 1259 -22.36 -19.07 17.64
CA GLN E 1259 -22.38 -20.51 17.87
C GLN E 1259 -21.11 -21.24 17.41
N ARG E 1260 -20.26 -20.61 16.61
CA ARG E 1260 -19.07 -21.29 16.12
C ARG E 1260 -17.86 -20.36 16.25
N ASN E 1261 -16.69 -20.97 16.35
CA ASN E 1261 -15.46 -20.21 16.49
C ASN E 1261 -15.07 -19.54 15.19
N PHE E 1262 -14.71 -18.26 15.28
CA PHE E 1262 -14.32 -17.46 14.14
C PHE E 1262 -12.92 -16.90 14.40
N GLN E 1263 -12.03 -17.05 13.43
CA GLN E 1263 -10.66 -16.58 13.54
C GLN E 1263 -10.36 -15.57 12.43
N LEU E 1264 -9.69 -14.49 12.79
CA LEU E 1264 -9.45 -13.35 11.91
C LEU E 1264 -7.97 -13.01 11.87
N LEU E 1265 -7.14 -14.02 11.58
CA LEU E 1265 -5.69 -13.83 11.52
C LEU E 1265 -5.33 -12.61 10.69
N VAL E 1266 -4.65 -11.65 11.32
CA VAL E 1266 -4.29 -10.39 10.68
C VAL E 1266 -2.77 -10.25 10.71
N ILE E 1267 -2.20 -9.95 9.55
CA ILE E 1267 -0.82 -9.51 9.42
C ILE E 1267 -0.88 -8.03 9.10
N THR E 1268 -0.18 -7.21 9.87
CA THR E 1268 -0.31 -5.78 9.70
C THR E 1268 0.91 -5.05 10.25
N HIS E 1269 1.09 -3.82 9.78
CA HIS E 1269 2.08 -2.89 10.32
C HIS E 1269 1.41 -1.64 10.88
N ASP E 1270 0.10 -1.74 11.13
CA ASP E 1270 -0.67 -0.57 11.59
C ASP E 1270 -1.05 -0.72 13.05
N GLU E 1271 -0.60 0.20 13.91
CA GLU E 1271 -1.00 0.18 15.30
C GLU E 1271 -2.45 0.62 15.47
N ASP E 1272 -2.88 1.62 14.71
CA ASP E 1272 -4.24 2.14 14.85
C ASP E 1272 -5.27 1.10 14.45
N PHE E 1273 -5.01 0.33 13.40
CA PHE E 1273 -5.94 -0.71 12.99
C PHE E 1273 -6.06 -1.79 14.06
N VAL E 1274 -4.94 -2.21 14.63
CA VAL E 1274 -4.98 -3.20 15.70
C VAL E 1274 -5.74 -2.67 16.90
N GLU E 1275 -5.53 -1.39 17.23
CA GLU E 1275 -6.31 -0.76 18.30
C GLU E 1275 -7.79 -0.85 18.01
N LEU E 1276 -8.23 -0.22 16.92
CA LEU E 1276 -9.65 -0.16 16.58
C LEU E 1276 -10.27 -1.53 16.39
N LEU E 1277 -9.47 -2.55 16.09
CA LEU E 1277 -10.01 -3.89 15.94
C LEU E 1277 -10.16 -4.57 17.31
N GLY E 1278 -10.78 -3.87 18.25
CA GLY E 1278 -11.02 -4.43 19.57
C GLY E 1278 -9.77 -4.84 20.29
N ARG E 1279 -8.77 -3.96 20.35
CA ARG E 1279 -7.49 -4.33 20.96
C ARG E 1279 -7.68 -4.71 22.43
N SER E 1280 -8.44 -3.91 23.17
CA SER E 1280 -8.68 -4.22 24.57
C SER E 1280 -9.56 -5.46 24.71
N GLU E 1281 -10.55 -5.61 23.82
CA GLU E 1281 -11.55 -6.66 24.00
C GLU E 1281 -10.97 -8.05 23.72
N TYR E 1282 -10.23 -8.21 22.63
CA TYR E 1282 -9.88 -9.54 22.15
C TYR E 1282 -8.41 -9.88 22.31
N VAL E 1283 -7.51 -9.08 21.75
CA VAL E 1283 -6.11 -9.49 21.66
C VAL E 1283 -5.42 -9.26 23.00
N GLU E 1284 -4.86 -10.31 23.57
CA GLU E 1284 -4.05 -10.27 24.78
C GLU E 1284 -2.62 -10.72 24.53
N LYS E 1285 -2.42 -11.76 23.73
CA LYS E 1285 -1.10 -12.16 23.27
C LYS E 1285 -1.09 -12.13 21.75
N PHE E 1286 -0.05 -11.53 21.19
CA PHE E 1286 0.16 -11.50 19.74
C PHE E 1286 1.44 -12.28 19.42
N TYR E 1287 1.80 -12.28 18.14
CA TYR E 1287 2.95 -13.03 17.66
C TYR E 1287 3.91 -12.10 16.93
N ARG E 1288 5.19 -12.21 17.26
CA ARG E 1288 6.24 -11.47 16.57
C ARG E 1288 7.11 -12.44 15.80
N ILE E 1289 7.27 -12.19 14.51
CA ILE E 1289 8.12 -12.99 13.63
C ILE E 1289 9.35 -12.15 13.29
N LYS E 1290 10.52 -12.62 13.72
CA LYS E 1290 11.77 -11.91 13.47
C LYS E 1290 12.80 -12.94 13.01
N LYS E 1291 14.05 -12.53 12.92
CA LYS E 1291 15.12 -13.39 12.46
C LYS E 1291 16.30 -13.36 13.42
N ASN E 1292 16.86 -14.54 13.68
CA ASN E 1292 17.99 -14.67 14.59
C ASN E 1292 19.28 -14.29 13.88
N ILE E 1293 20.42 -14.58 14.51
CA ILE E 1293 21.71 -14.21 13.95
C ILE E 1293 22.04 -15.01 12.69
N ASP E 1294 21.46 -16.20 12.54
CA ASP E 1294 21.69 -17.03 11.36
C ASP E 1294 20.67 -16.77 10.26
N GLN E 1295 19.83 -15.74 10.41
CA GLN E 1295 18.83 -15.38 9.41
C GLN E 1295 17.85 -16.52 9.15
N CYS E 1296 17.42 -17.16 10.24
CA CYS E 1296 16.33 -18.13 10.20
C CYS E 1296 15.16 -17.55 10.99
N SER E 1297 13.98 -17.58 10.38
CA SER E 1297 12.82 -16.96 11.00
C SER E 1297 12.43 -17.67 12.28
N GLU E 1298 12.03 -16.88 13.28
CA GLU E 1298 11.53 -17.40 14.54
C GLU E 1298 10.14 -16.85 14.81
N ILE E 1299 9.35 -17.63 15.53
CA ILE E 1299 8.02 -17.23 15.97
C ILE E 1299 8.00 -17.22 17.48
N VAL E 1300 7.83 -16.04 18.08
CA VAL E 1300 7.84 -15.87 19.52
C VAL E 1300 6.52 -15.24 19.94
N LYS E 1301 5.99 -15.69 21.08
CA LYS E 1301 4.76 -15.13 21.61
C LYS E 1301 5.09 -13.97 22.54
N CYS E 1302 4.49 -12.81 22.28
CA CYS E 1302 4.73 -11.61 23.05
C CYS E 1302 3.44 -11.13 23.67
N SER E 1303 3.51 -10.68 24.92
CA SER E 1303 2.37 -10.04 25.56
C SER E 1303 2.07 -8.72 24.88
N VAL E 1304 0.80 -8.30 24.95
CA VAL E 1304 0.34 -7.12 24.24
C VAL E 1304 1.04 -5.85 24.68
N SER E 1305 1.78 -5.88 25.79
CA SER E 1305 2.50 -4.70 26.26
C SER E 1305 3.57 -4.25 25.26
N SER E 1306 4.15 -5.20 24.51
CA SER E 1306 5.19 -4.88 23.54
C SER E 1306 4.66 -4.86 22.11
N LEU E 1307 3.37 -4.53 21.92
CA LEU E 1307 2.80 -4.54 20.58
C LEU E 1307 3.35 -3.41 19.72
N GLY E 1308 3.58 -2.24 20.32
CA GLY E 1308 3.97 -1.07 19.54
C GLY E 1308 5.40 -1.09 19.06
N PHE E 1309 6.20 -2.07 19.50
CA PHE E 1309 7.59 -2.12 19.09
C PHE E 1309 7.77 -2.59 17.65
N ASN E 1310 6.76 -3.30 17.14
CA ASN E 1310 6.84 -3.94 15.80
C ASN E 1310 5.86 -3.34 14.79
N VAL E 1311 5.08 -2.32 15.17
CA VAL E 1311 4.11 -1.70 14.28
C VAL E 1311 4.21 -0.19 14.41
N HIS E 1312 3.70 0.50 13.39
CA HIS E 1312 3.74 1.96 13.36
C HIS E 1312 2.34 2.53 13.18
N ASP F 8 -25.50 20.94 51.58
CA ASP F 8 -26.44 20.58 52.63
C ASP F 8 -25.93 21.04 54.00
N ASP F 9 -24.97 20.32 54.54
CA ASP F 9 -24.37 20.67 55.83
C ASP F 9 -22.93 20.20 55.84
N GLU F 10 -22.29 20.27 57.01
CA GLU F 10 -20.86 19.97 57.11
C GLU F 10 -20.59 18.48 57.00
N ASN F 11 -21.61 17.64 57.13
CA ASN F 11 -21.46 16.19 57.12
C ASN F 11 -22.16 15.56 55.91
N THR F 12 -22.09 16.24 54.76
CA THR F 12 -22.71 15.74 53.54
C THR F 12 -21.65 15.65 52.45
N PHE F 13 -21.58 14.46 51.86
CA PHE F 13 -20.67 14.27 50.70
C PHE F 13 -21.43 14.63 49.43
N LYS F 14 -20.90 15.53 48.62
CA LYS F 14 -21.49 15.90 47.35
C LYS F 14 -20.54 15.45 46.24
N ILE F 15 -20.99 14.50 45.44
CA ILE F 15 -20.16 13.88 44.41
C ILE F 15 -20.85 14.03 43.06
N LEU F 16 -20.12 14.53 42.07
CA LEU F 16 -20.63 14.62 40.71
C LEU F 16 -20.16 13.41 39.92
N VAL F 17 -21.09 12.60 39.45
CA VAL F 17 -20.76 11.35 38.77
C VAL F 17 -21.03 11.47 37.28
N ALA F 18 -20.01 11.88 36.51
CA ALA F 18 -20.02 11.79 35.07
C ALA F 18 -19.07 10.66 34.68
N THR F 19 -19.52 9.77 33.79
CA THR F 19 -18.80 8.53 33.58
C THR F 19 -18.08 8.47 32.23
N ASP F 20 -18.80 8.57 31.11
CA ASP F 20 -18.18 8.37 29.80
C ASP F 20 -18.14 9.70 29.05
N ILE F 21 -17.09 10.48 29.32
CA ILE F 21 -16.93 11.75 28.65
C ILE F 21 -16.57 11.55 27.18
N HIS F 22 -15.69 10.60 26.91
CA HIS F 22 -15.25 10.28 25.55
C HIS F 22 -14.72 11.51 24.82
N LEU F 23 -13.77 12.20 25.46
CA LEU F 23 -13.20 13.41 24.88
C LEU F 23 -12.50 13.09 23.56
N GLY F 24 -12.53 14.05 22.65
CA GLY F 24 -11.90 13.87 21.36
C GLY F 24 -12.69 13.05 20.37
N PHE F 25 -13.92 12.67 20.69
CA PHE F 25 -14.73 11.88 19.79
C PHE F 25 -15.15 12.74 18.60
N MET F 26 -14.88 12.24 17.38
CA MET F 26 -15.15 12.97 16.14
C MET F 26 -14.50 14.36 16.16
N GLU F 27 -13.26 14.43 16.64
CA GLU F 27 -12.59 15.72 16.74
C GLU F 27 -12.34 16.32 15.36
N LYS F 28 -11.95 15.49 14.39
CA LYS F 28 -11.71 15.99 13.03
C LYS F 28 -12.99 16.38 12.32
N ASP F 29 -14.15 15.95 12.82
CA ASP F 29 -15.42 16.31 12.19
C ASP F 29 -15.69 17.81 12.34
N ALA F 30 -16.33 18.37 11.32
CA ALA F 30 -16.59 19.81 11.32
C ALA F 30 -17.78 20.16 12.22
N VAL F 31 -18.96 19.66 11.88
CA VAL F 31 -20.15 19.94 12.69
C VAL F 31 -20.08 19.19 14.01
N ARG F 32 -19.64 17.93 13.99
CA ARG F 32 -19.65 17.09 15.18
C ARG F 32 -18.48 17.32 16.09
N GLY F 33 -17.46 18.05 15.65
CA GLY F 33 -16.32 18.33 16.50
C GLY F 33 -16.65 19.36 17.57
N ASN F 34 -15.75 19.45 18.56
CA ASN F 34 -15.86 20.42 19.65
C ASN F 34 -17.18 20.28 20.39
N ASP F 35 -17.60 19.04 20.63
CA ASP F 35 -18.81 18.75 21.39
C ASP F 35 -18.51 18.15 22.75
N THR F 36 -17.67 17.11 22.80
CA THR F 36 -17.32 16.50 24.07
C THR F 36 -16.58 17.48 24.98
N PHE F 37 -15.77 18.36 24.39
CA PHE F 37 -15.09 19.38 25.18
C PHE F 37 -16.10 20.31 25.85
N VAL F 38 -17.12 20.73 25.12
CA VAL F 38 -18.13 21.62 25.69
C VAL F 38 -18.96 20.90 26.75
N THR F 39 -19.26 19.62 26.52
CA THR F 39 -20.00 18.87 27.53
C THR F 39 -19.19 18.71 28.81
N LEU F 40 -17.88 18.44 28.68
CA LEU F 40 -17.02 18.39 29.86
C LEU F 40 -16.93 19.75 30.54
N ASP F 41 -16.90 20.83 29.77
CA ASP F 41 -16.93 22.17 30.35
C ASP F 41 -18.20 22.37 31.16
N GLU F 42 -19.34 21.93 30.64
CA GLU F 42 -20.60 22.03 31.38
C GLU F 42 -20.56 21.19 32.66
N ILE F 43 -20.00 19.98 32.57
CA ILE F 43 -19.91 19.12 33.75
C ILE F 43 -19.05 19.77 34.82
N LEU F 44 -17.91 20.33 34.43
CA LEU F 44 -17.04 21.00 35.40
C LEU F 44 -17.72 22.26 35.96
N ARG F 45 -18.48 22.96 35.13
CA ARG F 45 -19.25 24.11 35.61
C ARG F 45 -20.25 23.70 36.66
N LEU F 46 -20.94 22.57 36.43
CA LEU F 46 -21.90 22.06 37.40
C LEU F 46 -21.20 21.65 38.70
N ALA F 47 -20.03 21.04 38.58
CA ALA F 47 -19.26 20.67 39.77
C ALA F 47 -18.86 21.90 40.57
N GLN F 48 -18.40 22.94 39.88
CA GLN F 48 -18.01 24.17 40.57
C GLN F 48 -19.20 24.86 41.23
N GLU F 49 -20.35 24.88 40.53
CA GLU F 49 -21.51 25.59 41.06
C GLU F 49 -22.11 24.90 42.27
N ASN F 50 -22.21 23.58 42.22
CA ASN F 50 -22.80 22.81 43.31
C ASN F 50 -21.88 22.70 44.53
N GLU F 51 -20.62 23.15 44.41
CA GLU F 51 -19.64 23.04 45.49
C GLU F 51 -19.47 21.59 45.93
N VAL F 52 -19.31 20.70 44.95
CA VAL F 52 -19.14 19.29 45.23
C VAL F 52 -17.80 19.05 45.92
N ASP F 53 -17.76 18.01 46.75
CA ASP F 53 -16.52 17.66 47.43
C ASP F 53 -15.46 17.15 46.44
N PHE F 54 -15.85 16.22 45.57
CA PHE F 54 -14.93 15.73 44.55
C PHE F 54 -15.73 15.14 43.40
N ILE F 55 -15.05 15.00 42.25
CA ILE F 55 -15.64 14.47 41.02
C ILE F 55 -15.24 13.01 40.89
N LEU F 56 -16.20 12.15 40.57
CA LEU F 56 -15.99 10.71 40.47
C LEU F 56 -16.26 10.27 39.04
N LEU F 57 -15.22 10.29 38.20
CA LEU F 57 -15.35 9.83 36.81
C LEU F 57 -15.37 8.31 36.76
N GLY F 58 -16.10 7.78 35.79
CA GLY F 58 -16.30 6.35 35.64
C GLY F 58 -15.52 5.67 34.54
N GLY F 59 -14.54 6.34 33.94
CA GLY F 59 -13.71 5.73 32.93
C GLY F 59 -14.11 6.14 31.53
N ASP F 60 -13.23 5.88 30.57
CA ASP F 60 -13.45 6.30 29.16
C ASP F 60 -13.48 7.82 29.10
N LEU F 61 -12.65 8.50 29.90
CA LEU F 61 -12.58 9.95 29.81
C LEU F 61 -12.07 10.41 28.45
N PHE F 62 -11.25 9.58 27.80
CA PHE F 62 -10.75 9.86 26.46
C PHE F 62 -11.26 8.81 25.49
N HIS F 63 -11.63 9.23 24.29
CA HIS F 63 -12.14 8.30 23.29
C HIS F 63 -11.05 7.38 22.78
N GLU F 64 -9.89 7.94 22.46
CA GLU F 64 -8.79 7.17 21.89
C GLU F 64 -7.87 6.62 22.99
N ASN F 65 -7.22 5.51 22.68
CA ASN F 65 -6.24 4.96 23.61
C ASN F 65 -5.07 5.91 23.80
N LYS F 66 -4.62 6.55 22.72
CA LYS F 66 -3.64 7.63 22.80
C LYS F 66 -4.31 8.91 22.34
N PRO F 67 -4.82 9.73 23.25
CA PRO F 67 -5.53 10.94 22.83
C PRO F 67 -4.62 11.91 22.08
N SER F 68 -5.20 12.61 21.12
CA SER F 68 -4.45 13.57 20.32
C SER F 68 -4.05 14.78 21.16
N ARG F 69 -3.26 15.66 20.56
CA ARG F 69 -2.78 16.84 21.27
C ARG F 69 -3.92 17.77 21.66
N LYS F 70 -4.89 17.96 20.74
CA LYS F 70 -6.00 18.85 21.05
C LYS F 70 -6.82 18.34 22.21
N THR F 71 -7.10 17.04 22.24
CA THR F 71 -7.89 16.47 23.32
C THR F 71 -7.18 16.65 24.66
N LEU F 72 -5.89 16.30 24.71
CA LEU F 72 -5.14 16.41 25.96
C LEU F 72 -5.03 17.86 26.42
N HIS F 73 -4.77 18.78 25.49
CA HIS F 73 -4.65 20.18 25.84
C HIS F 73 -5.97 20.74 26.38
N THR F 74 -7.08 20.41 25.72
CA THR F 74 -8.38 20.88 26.20
C THR F 74 -8.71 20.29 27.57
N CYS F 75 -8.44 19.01 27.77
CA CYS F 75 -8.69 18.39 29.08
C CYS F 75 -7.84 19.05 30.15
N LEU F 76 -6.56 19.30 29.85
CA LEU F 76 -5.68 19.94 30.83
C LEU F 76 -6.16 21.34 31.17
N GLU F 77 -6.55 22.12 30.15
CA GLU F 77 -6.99 23.49 30.43
C GLU F 77 -8.28 23.51 31.22
N LEU F 78 -9.22 22.61 30.92
CA LEU F 78 -10.46 22.56 31.69
C LEU F 78 -10.20 22.13 33.13
N LEU F 79 -9.37 21.10 33.33
CA LEU F 79 -9.06 20.65 34.69
C LEU F 79 -8.33 21.73 35.48
N ARG F 80 -7.42 22.46 34.83
CA ARG F 80 -6.73 23.54 35.52
C ARG F 80 -7.68 24.68 35.86
N LYS F 81 -8.62 25.00 34.96
CA LYS F 81 -9.53 26.11 35.21
C LYS F 81 -10.52 25.80 36.32
N TYR F 82 -11.10 24.60 36.32
CA TYR F 82 -12.19 24.30 37.24
C TYR F 82 -11.76 23.59 38.51
N CYS F 83 -10.88 22.60 38.41
CA CYS F 83 -10.52 21.78 39.55
C CYS F 83 -9.38 22.34 40.38
N MET F 84 -8.82 23.44 40.07
CA MET F 84 -7.70 24.03 40.83
C MET F 84 -8.13 25.40 41.34
N GLY F 85 -7.81 25.74 42.52
CA GLY F 85 -8.16 27.01 43.13
C GLY F 85 -7.93 26.96 44.63
N ASP F 86 -8.36 28.02 45.30
CA ASP F 86 -8.12 28.24 46.72
C ASP F 86 -9.20 27.65 47.60
N ARG F 87 -10.19 26.98 47.04
CA ARG F 87 -11.31 26.47 47.83
C ARG F 87 -10.82 25.36 48.76
N PRO F 88 -11.30 25.29 49.99
CA PRO F 88 -10.79 24.29 50.93
C PRO F 88 -11.25 22.88 50.58
N VAL F 89 -10.50 21.91 51.08
CA VAL F 89 -10.87 20.50 50.98
C VAL F 89 -11.33 20.02 52.35
N GLN F 90 -12.47 19.35 52.39
CA GLN F 90 -13.18 19.08 53.65
C GLN F 90 -13.17 17.62 54.06
N PHE F 91 -12.45 16.75 53.35
CA PHE F 91 -12.45 15.33 53.65
C PHE F 91 -11.01 14.82 53.78
N GLU F 92 -10.89 13.62 54.32
CA GLU F 92 -9.60 13.00 54.61
C GLU F 92 -9.35 11.82 53.69
N ILE F 93 -8.10 11.36 53.67
CA ILE F 93 -7.71 10.14 52.98
C ILE F 93 -7.06 9.26 54.05
N LEU F 94 -7.84 8.34 54.61
CA LEU F 94 -7.34 7.50 55.69
C LEU F 94 -6.57 6.28 55.18
N SER F 95 -6.67 5.95 53.90
CA SER F 95 -6.01 4.76 53.37
C SER F 95 -4.55 5.05 53.09
N ASP F 96 -3.78 3.97 52.90
CA ASP F 96 -2.38 4.08 52.52
C ASP F 96 -2.29 4.61 51.10
N GLN F 97 -1.87 5.88 50.95
CA GLN F 97 -1.80 6.50 49.64
C GLN F 97 -0.77 5.83 48.74
N SER F 98 0.00 4.90 49.28
CA SER F 98 1.03 4.29 48.42
C SER F 98 0.42 3.16 47.63
N VAL F 99 -0.71 2.63 48.10
CA VAL F 99 -1.32 1.45 47.45
C VAL F 99 -2.47 1.92 46.57
N ASN F 100 -3.21 2.94 47.01
CA ASN F 100 -4.41 3.44 46.26
C ASN F 100 -3.94 4.12 44.99
N PHE F 101 -2.92 4.98 45.09
CA PHE F 101 -2.44 5.74 43.92
C PHE F 101 -0.94 5.56 43.82
N GLY F 102 -0.44 4.33 43.73
CA GLY F 102 1.03 4.09 43.81
C GLY F 102 1.74 3.70 42.54
N PHE F 103 1.07 3.70 41.39
CA PHE F 103 1.80 3.43 40.13
C PHE F 103 2.35 4.76 39.63
N SER F 104 2.56 5.71 40.54
CA SER F 104 3.11 7.02 40.15
C SER F 104 4.40 7.27 40.93
N LYS F 105 5.31 8.04 40.38
CA LYS F 105 6.53 8.38 41.16
C LYS F 105 6.11 9.31 42.28
N PHE F 106 4.85 9.74 42.27
CA PHE F 106 4.31 10.63 43.33
C PHE F 106 3.10 9.89 43.94
N PRO F 107 3.30 8.92 44.84
CA PRO F 107 2.19 8.11 45.38
C PRO F 107 1.35 8.74 46.49
N TRP F 108 0.85 9.96 46.28
CA TRP F 108 0.02 10.67 47.28
C TRP F 108 -1.18 11.24 46.54
N VAL F 109 -2.12 11.84 47.26
CA VAL F 109 -3.24 12.47 46.57
C VAL F 109 -2.81 13.85 46.06
N ASN F 110 -3.41 14.27 44.95
CA ASN F 110 -2.95 15.48 44.27
C ASN F 110 -3.12 16.71 45.15
N TYR F 111 -4.21 16.78 45.92
CA TYR F 111 -4.41 17.94 46.79
C TYR F 111 -3.53 17.87 48.03
N GLN F 112 -3.02 16.68 48.37
CA GLN F 112 -2.06 16.56 49.47
C GLN F 112 -0.67 16.98 49.06
N ASP F 113 -0.39 17.11 47.76
CA ASP F 113 0.91 17.57 47.30
C ASP F 113 1.16 18.99 47.77
N GLY F 114 2.40 19.26 48.21
CA GLY F 114 2.75 20.56 48.71
C GLY F 114 2.90 21.64 47.66
N ASN F 115 2.73 21.31 46.38
CA ASN F 115 2.87 22.27 45.30
C ASN F 115 1.62 22.40 44.45
N LEU F 116 0.51 21.79 44.85
CA LEU F 116 -0.72 21.80 44.08
C LEU F 116 -1.88 22.26 44.95
N ASN F 117 -2.67 23.19 44.43
CA ASN F 117 -3.87 23.68 45.10
C ASN F 117 -5.07 23.14 44.32
N ILE F 118 -5.78 22.19 44.91
CA ILE F 118 -6.88 21.50 44.24
C ILE F 118 -8.16 21.78 45.02
N SER F 119 -9.14 22.38 44.35
CA SER F 119 -10.43 22.64 44.97
C SER F 119 -11.32 21.40 44.92
N ILE F 120 -11.52 20.86 43.73
CA ILE F 120 -12.31 19.66 43.51
C ILE F 120 -11.40 18.56 43.00
N PRO F 121 -10.92 17.68 43.88
CA PRO F 121 -10.12 16.54 43.41
C PRO F 121 -10.96 15.63 42.52
N VAL F 122 -10.29 14.99 41.57
CA VAL F 122 -10.93 14.09 40.62
C VAL F 122 -10.44 12.67 40.90
N PHE F 123 -11.37 11.77 41.18
CA PHE F 123 -11.06 10.36 41.34
C PHE F 123 -11.67 9.60 40.16
N SER F 124 -10.83 8.92 39.40
CA SER F 124 -11.30 8.30 38.17
C SER F 124 -10.64 6.94 37.99
N ILE F 125 -11.34 6.09 37.25
CA ILE F 125 -10.80 4.81 36.79
C ILE F 125 -10.57 4.92 35.29
N HIS F 126 -9.84 3.96 34.75
CA HIS F 126 -9.56 3.94 33.33
C HIS F 126 -10.53 3.01 32.61
N GLY F 127 -11.07 3.48 31.48
CA GLY F 127 -11.94 2.66 30.66
C GLY F 127 -11.16 1.81 29.68
N ASN F 128 -11.91 1.01 28.92
CA ASN F 128 -11.26 0.15 27.93
C ASN F 128 -10.79 0.94 26.72
N ASN F 129 -11.41 2.08 26.44
CA ASN F 129 -10.97 2.92 25.35
C ASN F 129 -9.68 3.67 25.66
N ASP F 130 -9.28 3.75 26.92
CA ASP F 130 -8.03 4.40 27.31
C ASP F 130 -7.33 3.57 28.39
N ASP F 131 -7.35 2.26 28.25
CA ASP F 131 -6.68 1.39 29.20
C ASP F 131 -5.17 1.48 29.04
N PRO F 132 -4.41 1.11 30.08
CA PRO F 132 -2.94 1.21 29.98
C PRO F 132 -2.37 0.27 28.93
N THR F 133 -1.59 0.83 28.01
CA THR F 133 -0.90 0.06 26.99
C THR F 133 0.55 0.49 26.92
N GLY F 134 1.40 -0.41 26.46
CA GLY F 134 2.81 -0.14 26.30
C GLY F 134 3.66 -0.94 27.28
N ALA F 135 4.97 -0.79 27.13
CA ALA F 135 5.90 -1.49 28.01
C ALA F 135 5.77 -1.01 29.45
N ASP F 136 5.57 0.29 29.64
CA ASP F 136 5.44 0.87 30.97
C ASP F 136 4.02 0.79 31.51
N ALA F 137 3.06 0.33 30.71
CA ALA F 137 1.66 0.22 31.11
C ALA F 137 1.10 1.58 31.56
N LEU F 138 1.07 2.51 30.62
CA LEU F 138 0.60 3.87 30.87
C LEU F 138 -0.70 4.13 30.11
N CYS F 139 -1.55 4.94 30.71
CA CYS F 139 -2.80 5.40 30.10
C CYS F 139 -2.80 6.92 30.09
N ALA F 140 -3.81 7.50 29.43
CA ALA F 140 -3.94 8.96 29.43
C ALA F 140 -4.20 9.50 30.81
N LEU F 141 -4.95 8.75 31.63
CA LEU F 141 -5.15 9.15 33.02
C LEU F 141 -3.83 9.19 33.77
N ASP F 142 -2.85 8.40 33.36
CA ASP F 142 -1.52 8.49 33.96
C ASP F 142 -0.88 9.84 33.66
N ILE F 143 -1.03 10.33 32.43
CA ILE F 143 -0.52 11.66 32.09
C ILE F 143 -1.25 12.72 32.90
N LEU F 144 -2.57 12.58 33.04
CA LEU F 144 -3.33 13.54 33.82
C LEU F 144 -2.89 13.54 35.28
N SER F 145 -2.66 12.35 35.86
CA SER F 145 -2.25 12.26 37.25
C SER F 145 -0.83 12.81 37.44
N CYS F 146 0.05 12.57 36.47
CA CYS F 146 1.38 13.16 36.52
C CYS F 146 1.31 14.67 36.48
N ALA F 147 0.42 15.23 35.65
CA ALA F 147 0.22 16.68 35.65
C ALA F 147 -0.30 17.16 36.99
N GLY F 148 -1.00 16.30 37.71
CA GLY F 148 -1.49 16.60 39.04
C GLY F 148 -2.96 16.94 39.16
N PHE F 149 -3.77 16.74 38.12
CA PHE F 149 -5.18 17.10 38.14
C PHE F 149 -6.10 15.94 38.40
N VAL F 150 -5.63 14.70 38.34
CA VAL F 150 -6.47 13.52 38.41
C VAL F 150 -5.83 12.51 39.35
N ASN F 151 -6.64 11.87 40.19
CA ASN F 151 -6.18 10.80 41.08
C ASN F 151 -6.60 9.46 40.48
N HIS F 152 -5.76 8.95 39.58
CA HIS F 152 -6.02 7.66 38.96
C HIS F 152 -5.94 6.56 40.01
N PHE F 153 -7.04 5.87 40.23
CA PHE F 153 -7.12 4.83 41.26
C PHE F 153 -7.80 3.61 40.69
N GLY F 154 -7.51 2.45 41.29
CA GLY F 154 -8.12 1.21 40.89
C GLY F 154 -7.44 0.47 39.77
N ARG F 155 -6.17 0.77 39.51
CA ARG F 155 -5.43 0.11 38.41
C ARG F 155 -5.08 -1.31 38.82
N SER F 156 -5.13 -2.25 37.87
CA SER F 156 -4.84 -3.66 38.11
C SER F 156 -3.34 -3.89 37.95
N MET F 157 -2.71 -4.36 39.02
CA MET F 157 -1.26 -4.54 39.01
C MET F 157 -0.85 -5.92 38.53
N SER F 158 -1.50 -6.97 39.03
CA SER F 158 -1.16 -8.35 38.68
C SER F 158 -2.22 -8.90 37.73
N VAL F 159 -1.76 -9.50 36.63
CA VAL F 159 -2.68 -10.14 35.69
C VAL F 159 -3.34 -11.35 36.34
N GLU F 160 -2.60 -12.07 37.18
CA GLU F 160 -3.10 -13.33 37.74
C GLU F 160 -4.34 -13.11 38.62
N LYS F 161 -4.33 -12.07 39.45
CA LYS F 161 -5.40 -11.87 40.42
C LYS F 161 -5.67 -10.38 40.57
N ILE F 162 -6.88 -10.07 41.08
CA ILE F 162 -7.33 -8.70 41.29
C ILE F 162 -7.53 -8.50 42.78
N ASP F 163 -6.84 -7.51 43.34
CA ASP F 163 -7.05 -7.07 44.72
C ASP F 163 -7.45 -5.60 44.69
N ILE F 164 -8.63 -5.29 45.20
CA ILE F 164 -9.17 -3.94 45.17
C ILE F 164 -9.05 -3.33 46.56
N SER F 165 -8.22 -2.30 46.68
CA SER F 165 -8.02 -1.60 47.93
C SER F 165 -8.68 -0.23 47.80
N PRO F 166 -9.62 0.11 48.66
CA PRO F 166 -10.37 1.36 48.49
C PRO F 166 -9.58 2.58 48.89
N VAL F 167 -10.00 3.71 48.33
CA VAL F 167 -9.49 5.03 48.71
C VAL F 167 -10.40 5.54 49.81
N LEU F 168 -10.00 5.31 51.06
CA LEU F 168 -10.86 5.64 52.19
C LEU F 168 -11.05 7.16 52.31
N LEU F 169 -12.30 7.57 52.50
CA LEU F 169 -12.67 8.97 52.61
C LEU F 169 -13.47 9.18 53.89
N GLN F 170 -13.41 10.39 54.42
CA GLN F 170 -14.13 10.71 55.66
C GLN F 170 -14.37 12.21 55.71
N LYS F 171 -15.63 12.61 55.67
CA LYS F 171 -16.04 14.00 55.87
C LYS F 171 -16.88 14.06 57.12
N GLY F 172 -16.31 14.61 58.19
CA GLY F 172 -17.01 14.63 59.46
C GLY F 172 -17.26 13.22 59.96
N SER F 173 -18.52 12.95 60.32
CA SER F 173 -18.88 11.64 60.84
C SER F 173 -18.98 10.58 59.74
N THR F 174 -19.39 10.97 58.54
CA THR F 174 -19.62 10.01 57.46
C THR F 174 -18.31 9.41 56.98
N LYS F 175 -18.35 8.14 56.61
CA LYS F 175 -17.19 7.43 56.09
C LYS F 175 -17.56 6.77 54.76
N ILE F 176 -16.63 6.83 53.80
CA ILE F 176 -16.85 6.30 52.46
C ILE F 176 -15.66 5.43 52.10
N ALA F 177 -15.92 4.23 51.60
CA ALA F 177 -14.89 3.36 51.04
C ALA F 177 -15.03 3.40 49.52
N LEU F 178 -14.03 3.96 48.85
CA LEU F 178 -14.10 4.21 47.40
C LEU F 178 -13.34 3.10 46.69
N TYR F 179 -14.00 1.97 46.48
CA TYR F 179 -13.46 0.92 45.64
C TYR F 179 -13.47 1.35 44.18
N GLY F 180 -12.51 0.86 43.42
CA GLY F 180 -12.45 1.16 42.01
C GLY F 180 -11.80 0.02 41.25
N LEU F 181 -12.04 0.00 39.94
CA LEU F 181 -11.48 -1.05 39.10
C LEU F 181 -11.51 -0.59 37.65
N GLY F 182 -10.34 -0.45 37.05
CA GLY F 182 -10.26 -0.10 35.65
C GLY F 182 -10.81 -1.22 34.78
N SER F 183 -11.02 -0.88 33.51
CA SER F 183 -11.64 -1.83 32.59
C SER F 183 -10.64 -2.89 32.17
N ILE F 184 -10.87 -4.12 32.63
CA ILE F 184 -10.09 -5.29 32.21
C ILE F 184 -10.79 -5.88 30.99
N PRO F 185 -10.08 -6.51 30.07
CA PRO F 185 -10.76 -7.27 29.00
C PRO F 185 -11.83 -8.17 29.59
N ASP F 186 -13.04 -8.11 29.00
CA ASP F 186 -14.21 -8.64 29.68
C ASP F 186 -14.13 -10.16 29.85
N GLU F 187 -13.63 -10.87 28.85
CA GLU F 187 -13.49 -12.32 28.99
C GLU F 187 -12.46 -12.68 30.05
N ARG F 188 -11.34 -11.99 30.09
CA ARG F 188 -10.35 -12.27 31.16
C ARG F 188 -11.01 -12.02 32.48
N LEU F 189 -11.54 -10.82 32.63
CA LEU F 189 -12.12 -10.48 33.93
C LEU F 189 -13.17 -11.49 34.36
N TYR F 190 -13.95 -11.99 33.39
CA TYR F 190 -14.94 -13.01 33.69
C TYR F 190 -14.27 -14.29 34.18
N ARG F 191 -13.17 -14.69 33.53
CA ARG F 191 -12.44 -15.87 33.97
C ARG F 191 -11.84 -15.67 35.36
N MET F 192 -11.32 -14.48 35.64
CA MET F 192 -10.85 -14.21 37.00
C MET F 192 -11.99 -14.35 38.01
N PHE F 193 -13.15 -13.80 37.68
CA PHE F 193 -14.27 -13.84 38.61
C PHE F 193 -14.73 -15.27 38.86
N VAL F 194 -14.75 -16.10 37.81
CA VAL F 194 -15.12 -17.50 37.96
C VAL F 194 -14.10 -18.23 38.83
N ASN F 195 -12.81 -17.99 38.58
CA ASN F 195 -11.73 -18.65 39.30
C ASN F 195 -11.53 -18.13 40.71
N LYS F 196 -12.43 -17.28 41.21
CA LYS F 196 -12.35 -16.73 42.56
C LYS F 196 -11.02 -16.02 42.79
N LYS F 197 -10.62 -15.22 41.79
CA LYS F 197 -9.36 -14.50 41.84
C LYS F 197 -9.56 -12.99 41.95
N VAL F 198 -10.74 -12.55 42.40
CA VAL F 198 -11.03 -11.14 42.62
C VAL F 198 -11.41 -10.96 44.09
N THR F 199 -10.72 -10.06 44.78
CA THR F 199 -10.93 -9.82 46.19
C THR F 199 -11.04 -8.33 46.47
N MET F 200 -11.88 -8.03 47.46
CA MET F 200 -12.09 -6.62 47.89
C MET F 200 -11.65 -6.49 49.37
N LEU F 201 -10.62 -5.70 49.67
CA LEU F 201 -10.01 -5.60 50.99
C LEU F 201 -10.71 -4.48 51.76
N ARG F 202 -11.52 -4.86 52.77
CA ARG F 202 -12.25 -3.86 53.53
C ARG F 202 -11.54 -3.55 54.83
N PRO F 203 -11.68 -2.33 55.35
CA PRO F 203 -11.03 -2.00 56.63
C PRO F 203 -11.51 -2.90 57.75
N LYS F 204 -10.59 -3.28 58.62
CA LYS F 204 -10.92 -4.07 59.80
C LYS F 204 -11.38 -3.21 60.96
N GLU F 205 -11.30 -1.88 60.84
CA GLU F 205 -11.80 -0.96 61.85
C GLU F 205 -13.12 -0.37 61.38
N ASP F 206 -14.10 -0.36 62.28
CA ASP F 206 -15.45 0.14 61.99
C ASP F 206 -15.99 -0.48 60.70
N GLU F 207 -16.12 -1.80 60.73
CA GLU F 207 -16.43 -2.54 59.50
C GLU F 207 -17.77 -2.10 58.92
N ASN F 208 -18.75 -1.83 59.77
CA ASN F 208 -20.09 -1.47 59.31
C ASN F 208 -20.32 0.03 59.24
N SER F 209 -19.30 0.85 59.51
CA SER F 209 -19.44 2.29 59.53
C SER F 209 -18.98 2.95 58.24
N TRP F 210 -18.62 2.16 57.23
CA TRP F 210 -18.16 2.68 55.95
C TRP F 210 -19.23 2.46 54.90
N PHE F 211 -19.56 3.52 54.17
CA PHE F 211 -20.46 3.40 53.02
C PHE F 211 -19.61 3.03 51.80
N ASN F 212 -19.82 1.81 51.32
CA ASN F 212 -19.00 1.31 50.21
C ASN F 212 -19.63 1.72 48.89
N LEU F 213 -18.84 2.08 47.89
CA LEU F 213 -19.35 2.33 46.54
C LEU F 213 -18.29 1.85 45.56
N PHE F 214 -18.73 1.07 44.58
CA PHE F 214 -17.84 0.54 43.55
C PHE F 214 -18.00 1.32 42.26
N VAL F 215 -16.87 1.73 41.68
CA VAL F 215 -16.84 2.41 40.39
C VAL F 215 -16.21 1.44 39.40
N ILE F 216 -17.03 0.85 38.53
CA ILE F 216 -16.60 -0.20 37.61
C ILE F 216 -16.99 0.19 36.20
N HIS F 217 -16.09 -0.02 35.25
CA HIS F 217 -16.32 0.33 33.85
C HIS F 217 -16.26 -0.94 33.01
N GLN F 218 -17.42 -1.60 32.90
CA GLN F 218 -17.54 -2.87 32.18
C GLN F 218 -18.90 -2.94 31.48
N ASN F 219 -19.08 -4.03 30.74
CA ASN F 219 -20.34 -4.28 30.02
C ASN F 219 -21.42 -4.75 30.99
N ARG F 220 -22.67 -4.50 30.67
CA ARG F 220 -23.78 -4.93 31.52
C ARG F 220 -24.75 -5.86 30.79
N SER F 221 -24.92 -5.68 29.49
CA SER F 221 -25.83 -6.53 28.72
C SER F 221 -25.05 -7.51 27.86
N THR F 226 -20.35 -14.23 28.16
CA THR F 226 -18.98 -14.02 28.63
C THR F 226 -18.70 -12.54 28.81
N ASN F 227 -19.09 -11.74 27.82
CA ASN F 227 -18.90 -10.29 27.88
C ASN F 227 -20.02 -9.59 28.66
N PHE F 228 -20.72 -10.28 29.55
CA PHE F 228 -21.92 -9.69 30.20
C PHE F 228 -21.61 -9.27 31.65
N ILE F 229 -20.59 -9.83 32.27
CA ILE F 229 -20.21 -9.58 33.66
C ILE F 229 -21.44 -9.06 34.41
N PRO F 230 -22.40 -9.93 34.71
CA PRO F 230 -23.68 -9.48 35.25
C PRO F 230 -23.60 -8.96 36.68
N GLU F 231 -24.75 -8.56 37.22
CA GLU F 231 -24.79 -7.98 38.56
C GLU F 231 -24.59 -9.03 39.65
N GLN F 232 -24.80 -10.30 39.32
CA GLN F 232 -24.63 -11.37 40.31
C GLN F 232 -23.18 -11.50 40.76
N PHE F 233 -22.23 -10.99 39.97
CA PHE F 233 -20.80 -11.13 40.27
C PHE F 233 -20.27 -9.96 41.08
N LEU F 234 -21.12 -9.34 41.90
CA LEU F 234 -20.70 -8.29 42.81
C LEU F 234 -21.28 -8.58 44.18
N ASP F 235 -20.45 -8.45 45.22
CA ASP F 235 -20.89 -8.77 46.56
C ASP F 235 -21.96 -7.77 47.02
N ASP F 236 -22.68 -8.15 48.07
CA ASP F 236 -23.76 -7.34 48.59
C ASP F 236 -23.33 -6.40 49.71
N PHE F 237 -22.04 -6.38 50.05
CA PHE F 237 -21.57 -5.44 51.08
C PHE F 237 -21.53 -4.01 50.55
N ILE F 238 -21.29 -3.84 49.24
CA ILE F 238 -21.35 -2.50 48.66
C ILE F 238 -22.80 -2.03 48.61
N ASP F 239 -22.97 -0.73 48.40
CA ASP F 239 -24.29 -0.11 48.45
C ASP F 239 -24.62 0.75 47.24
N LEU F 240 -23.65 1.12 46.41
CA LEU F 240 -23.91 1.97 45.25
C LEU F 240 -22.81 1.69 44.22
N VAL F 241 -23.16 0.95 43.18
CA VAL F 241 -22.21 0.55 42.14
C VAL F 241 -22.40 1.50 40.96
N ILE F 242 -21.49 2.47 40.84
CA ILE F 242 -21.53 3.35 39.64
C ILE F 242 -20.99 2.49 38.50
N TRP F 243 -21.49 2.65 37.25
CA TRP F 243 -21.13 1.72 36.14
C TRP F 243 -20.78 2.49 34.88
N GLY F 244 -20.15 1.83 33.93
CA GLY F 244 -19.69 2.51 32.71
C GLY F 244 -19.76 1.54 31.56
N HIS F 245 -19.12 1.82 30.43
CA HIS F 245 -19.25 0.97 29.22
C HIS F 245 -20.73 0.74 28.96
N GLU F 246 -21.54 1.66 29.42
CA GLU F 246 -22.99 1.57 29.15
C GLU F 246 -23.41 3.03 28.92
N HIS F 247 -23.88 3.37 27.71
CA HIS F 247 -24.23 4.78 27.36
C HIS F 247 -25.73 5.06 27.52
N GLU F 248 -26.56 4.05 27.73
CA GLU F 248 -28.00 4.32 28.00
C GLU F 248 -28.07 4.91 29.40
N CYS F 249 -28.49 6.16 29.49
CA CYS F 249 -28.48 6.93 30.73
C CYS F 249 -29.52 6.35 31.69
N LYS F 250 -29.03 5.62 32.70
CA LYS F 250 -29.88 5.09 33.76
C LYS F 250 -29.40 5.64 35.09
N ILE F 251 -29.16 6.96 35.14
CA ILE F 251 -28.51 7.57 36.29
C ILE F 251 -29.34 7.45 37.56
N ALA F 252 -30.64 7.23 37.44
CA ALA F 252 -31.45 6.96 38.63
C ALA F 252 -31.10 5.58 39.16
N PRO F 253 -30.72 5.44 40.42
CA PRO F 253 -30.31 4.13 40.92
C PRO F 253 -31.46 3.14 40.96
N THR F 254 -31.13 1.87 40.74
CA THR F 254 -32.08 0.78 40.81
C THR F 254 -31.54 -0.30 41.74
N LYS F 255 -32.46 -1.03 42.37
CA LYS F 255 -32.11 -2.13 43.27
C LYS F 255 -32.84 -3.39 42.81
N ASN F 256 -32.09 -4.34 42.26
CA ASN F 256 -32.66 -5.64 41.97
C ASN F 256 -33.00 -6.37 43.26
N GLU F 257 -34.04 -7.20 43.22
CA GLU F 257 -34.47 -7.89 44.43
C GLU F 257 -33.38 -8.83 44.95
N GLN F 258 -32.64 -9.48 44.04
CA GLN F 258 -31.60 -10.39 44.44
C GLN F 258 -30.32 -9.68 44.88
N GLN F 259 -30.16 -8.41 44.53
CA GLN F 259 -28.92 -7.67 44.80
C GLN F 259 -29.23 -6.54 45.79
N LEU F 260 -28.60 -6.60 46.96
CA LEU F 260 -28.82 -5.60 48.00
C LEU F 260 -28.11 -4.27 47.70
N PHE F 261 -27.28 -4.22 46.67
CA PHE F 261 -26.52 -3.01 46.34
C PHE F 261 -27.19 -2.28 45.19
N TYR F 262 -27.30 -0.96 45.32
CA TYR F 262 -27.84 -0.13 44.25
C TYR F 262 -26.92 -0.20 43.02
N ILE F 263 -27.49 0.12 41.87
CA ILE F 263 -26.73 0.19 40.62
C ILE F 263 -27.04 1.53 39.97
N SER F 264 -25.99 2.31 39.68
CA SER F 264 -26.13 3.57 38.97
C SER F 264 -25.44 3.44 37.61
N GLN F 265 -26.04 4.01 36.59
CA GLN F 265 -25.48 4.00 35.23
C GLN F 265 -25.56 5.41 34.67
N PRO F 266 -24.60 6.27 35.02
CA PRO F 266 -24.67 7.67 34.55
C PRO F 266 -24.71 7.81 33.04
N GLY F 267 -24.07 6.91 32.30
CA GLY F 267 -24.09 6.97 30.86
C GLY F 267 -23.11 7.99 30.31
N SER F 268 -23.03 8.01 28.98
CA SER F 268 -22.08 8.87 28.30
C SER F 268 -22.55 10.32 28.32
N SER F 269 -21.61 11.22 28.04
CA SER F 269 -21.91 12.63 27.84
C SER F 269 -21.97 13.00 26.36
N VAL F 270 -21.95 12.01 25.46
CA VAL F 270 -22.01 12.26 24.02
C VAL F 270 -22.59 11.01 23.36
N VAL F 271 -23.02 11.17 22.13
CA VAL F 271 -23.60 10.07 21.34
C VAL F 271 -22.48 9.50 20.50
N THR F 272 -21.89 8.39 20.98
CA THR F 272 -20.78 7.79 20.25
C THR F 272 -21.27 6.87 19.14
N SER F 273 -22.27 6.04 19.43
CA SER F 273 -22.85 5.13 18.45
C SER F 273 -24.31 5.47 18.23
N LEU F 274 -24.81 5.14 17.04
CA LEU F 274 -26.18 5.43 16.66
C LEU F 274 -27.16 4.35 17.09
N SER F 275 -26.81 3.57 18.11
CA SER F 275 -27.69 2.53 18.61
C SER F 275 -28.94 3.14 19.24
N PRO F 276 -30.04 2.37 19.31
CA PRO F 276 -31.24 2.89 19.99
C PRO F 276 -31.14 2.82 21.50
N GLY F 277 -30.00 3.27 22.05
CA GLY F 277 -29.80 3.33 23.48
C GLY F 277 -29.14 4.64 23.85
N GLU F 278 -29.00 5.52 22.86
CA GLU F 278 -28.45 6.85 23.08
C GLU F 278 -29.43 7.94 22.69
N ALA F 279 -30.70 7.57 22.46
CA ALA F 279 -31.74 8.53 22.12
C ALA F 279 -32.41 9.12 23.34
N VAL F 280 -31.98 8.74 24.54
CA VAL F 280 -32.53 9.28 25.77
C VAL F 280 -31.62 10.40 26.26
N LYS F 281 -32.22 11.38 26.92
CA LYS F 281 -31.47 12.52 27.42
C LYS F 281 -30.40 12.07 28.41
N LYS F 282 -29.25 12.74 28.35
CA LYS F 282 -28.11 12.42 29.20
C LYS F 282 -28.10 13.32 30.42
N HIS F 283 -27.80 12.74 31.58
CA HIS F 283 -27.73 13.48 32.83
C HIS F 283 -26.45 13.12 33.57
N VAL F 284 -25.95 14.09 34.34
CA VAL F 284 -24.85 13.86 35.28
C VAL F 284 -25.42 14.00 36.68
N GLY F 285 -25.00 13.10 37.57
CA GLY F 285 -25.67 12.91 38.85
C GLY F 285 -24.98 13.64 39.99
N LEU F 286 -25.77 14.41 40.72
CA LEU F 286 -25.33 15.03 41.98
C LEU F 286 -25.69 14.06 43.10
N LEU F 287 -24.65 13.46 43.72
CA LEU F 287 -24.89 12.41 44.75
C LEU F 287 -24.73 13.06 46.12
N ARG F 288 -25.47 12.59 47.13
CA ARG F 288 -25.29 13.14 48.49
C ARG F 288 -25.33 12.06 49.57
N ILE F 289 -24.25 11.32 49.77
CA ILE F 289 -24.18 10.34 50.89
C ILE F 289 -24.15 11.12 52.20
N LYS F 290 -24.74 10.57 53.27
CA LYS F 290 -24.69 11.21 54.62
C LYS F 290 -24.71 10.12 55.68
N GLY F 291 -23.67 9.31 55.76
CA GLY F 291 -23.68 8.16 56.67
C GLY F 291 -23.80 6.92 55.81
N ARG F 292 -24.96 6.27 55.79
CA ARG F 292 -25.20 5.15 54.84
C ARG F 292 -26.45 5.55 54.04
N LYS F 293 -26.88 6.82 54.17
CA LYS F 293 -28.03 7.36 53.40
C LYS F 293 -27.52 8.12 52.17
N MET F 294 -28.00 7.70 51.04
CA MET F 294 -27.62 8.24 49.73
C MET F 294 -28.85 8.87 49.09
N ASN F 295 -28.71 9.94 48.39
CA ASN F 295 -29.69 10.76 47.69
C ASN F 295 -29.11 11.15 46.33
N MET F 296 -29.57 10.49 45.27
CA MET F 296 -29.05 10.70 43.93
C MET F 296 -30.01 11.59 43.16
N HIS F 297 -29.50 12.73 42.70
CA HIS F 297 -30.29 13.73 41.99
C HIS F 297 -29.66 14.01 40.63
N LYS F 298 -30.39 13.71 39.57
CA LYS F 298 -29.86 13.87 38.21
C LYS F 298 -29.91 15.35 37.80
N ILE F 299 -29.02 15.69 36.86
CA ILE F 299 -28.97 17.01 36.27
C ILE F 299 -28.86 16.86 34.77
N PRO F 300 -29.86 17.27 33.99
CA PRO F 300 -29.80 17.10 32.54
C PRO F 300 -28.68 17.92 31.91
N LEU F 301 -28.14 17.38 30.82
CA LEU F 301 -27.10 18.05 30.04
C LEU F 301 -27.75 18.88 28.96
N HIS F 302 -27.47 20.18 28.96
CA HIS F 302 -28.08 21.10 28.01
C HIS F 302 -27.23 21.32 26.75
N THR F 303 -26.08 20.65 26.65
CA THR F 303 -25.21 20.82 25.49
C THR F 303 -24.98 19.50 24.74
N VAL F 304 -25.66 18.43 25.14
CA VAL F 304 -25.52 17.15 24.46
C VAL F 304 -26.41 17.16 23.22
N ARG F 305 -25.83 16.86 22.06
CA ARG F 305 -26.59 16.84 20.82
C ARG F 305 -27.72 15.84 20.89
N GLN F 306 -28.85 16.28 20.23
CA GLN F 306 -30.08 15.44 20.28
C GLN F 306 -29.93 14.22 19.37
N PHE F 307 -30.57 13.11 19.80
CA PHE F 307 -30.51 11.90 18.98
C PHE F 307 -31.91 11.32 18.89
N PHE F 308 -32.51 11.41 17.71
CA PHE F 308 -33.81 10.82 17.43
C PHE F 308 -33.63 9.70 16.43
N MET F 309 -34.30 8.58 16.66
CA MET F 309 -34.16 7.44 15.78
C MET F 309 -35.37 6.53 15.92
N GLU F 310 -35.76 5.92 14.80
CA GLU F 310 -36.86 4.96 14.77
C GLU F 310 -36.44 3.73 13.97
N ASP F 311 -36.88 2.57 14.43
CA ASP F 311 -36.68 1.31 13.72
C ASP F 311 -37.95 0.99 12.95
N ILE F 312 -37.81 0.76 11.65
CA ILE F 312 -38.94 0.46 10.78
C ILE F 312 -38.68 -0.89 10.11
N VAL F 313 -39.70 -1.74 10.09
CA VAL F 313 -39.63 -3.05 9.45
C VAL F 313 -40.67 -3.06 8.33
N LEU F 314 -40.19 -3.14 7.09
CA LEU F 314 -41.07 -3.04 5.94
C LEU F 314 -41.91 -4.29 5.73
N ALA F 315 -41.55 -5.41 6.36
CA ALA F 315 -42.29 -6.66 6.21
C ALA F 315 -43.49 -6.74 7.12
N ASN F 316 -43.67 -5.79 8.03
CA ASN F 316 -44.79 -5.81 8.97
C ASN F 316 -45.88 -4.81 8.62
N HIS F 317 -45.82 -4.20 7.44
CA HIS F 317 -46.84 -3.27 6.96
C HIS F 317 -47.37 -3.78 5.62
N PRO F 318 -48.23 -4.80 5.63
CA PRO F 318 -48.83 -5.32 4.39
C PRO F 318 -50.06 -4.52 3.95
N ASP F 319 -49.96 -3.20 4.02
CA ASP F 319 -51.03 -2.31 3.60
C ASP F 319 -50.59 -1.16 2.71
N ILE F 320 -49.33 -0.73 2.80
CA ILE F 320 -48.82 0.37 1.99
C ILE F 320 -47.60 -0.11 1.23
N PHE F 321 -46.90 -1.10 1.78
CA PHE F 321 -45.67 -1.63 1.21
C PHE F 321 -45.97 -3.00 0.60
N ASN F 322 -46.41 -2.99 -0.65
CA ASN F 322 -46.67 -4.24 -1.36
C ASN F 322 -45.36 -4.84 -1.86
N PRO F 323 -45.06 -6.09 -1.52
CA PRO F 323 -43.72 -6.64 -1.83
C PRO F 323 -43.37 -6.64 -3.31
N ASP F 324 -44.33 -6.91 -4.20
CA ASP F 324 -44.05 -6.98 -5.63
C ASP F 324 -44.68 -5.82 -6.39
N ASN F 325 -44.78 -4.65 -5.77
CA ASN F 325 -45.31 -3.48 -6.46
C ASN F 325 -44.21 -2.84 -7.30
N PRO F 326 -44.46 -2.57 -8.59
CA PRO F 326 -43.40 -2.00 -9.44
C PRO F 326 -42.95 -0.61 -9.02
N LYS F 327 -43.80 0.10 -8.27
CA LYS F 327 -43.47 1.49 -7.84
C LYS F 327 -43.52 1.59 -6.31
N VAL F 328 -43.17 0.51 -5.60
CA VAL F 328 -43.09 0.57 -4.15
C VAL F 328 -41.81 1.25 -3.68
N THR F 329 -40.76 1.25 -4.51
CA THR F 329 -39.50 1.87 -4.13
C THR F 329 -39.62 3.38 -3.97
N GLN F 330 -40.69 3.98 -4.50
CA GLN F 330 -40.94 5.40 -4.28
C GLN F 330 -41.84 5.64 -3.09
N ALA F 331 -42.79 4.74 -2.82
CA ALA F 331 -43.58 4.85 -1.59
C ALA F 331 -42.71 4.69 -0.36
N ILE F 332 -41.72 3.78 -0.42
CA ILE F 332 -40.79 3.61 0.69
C ILE F 332 -40.00 4.89 0.92
N GLN F 333 -39.50 5.50 -0.16
CA GLN F 333 -38.75 6.74 -0.03
C GLN F 333 -39.62 7.87 0.52
N SER F 334 -40.89 7.92 0.08
CA SER F 334 -41.81 8.94 0.60
C SER F 334 -42.05 8.75 2.08
N PHE F 335 -42.24 7.49 2.51
CA PHE F 335 -42.44 7.24 3.94
C PHE F 335 -41.21 7.65 4.75
N CYS F 336 -40.02 7.31 4.24
CA CYS F 336 -38.79 7.70 4.94
C CYS F 336 -38.63 9.21 4.99
N LEU F 337 -38.96 9.90 3.89
CA LEU F 337 -38.86 11.36 3.86
C LEU F 337 -39.80 12.00 4.86
N GLU F 338 -41.05 11.51 4.93
CA GLU F 338 -41.98 12.03 5.93
C GLU F 338 -41.50 11.75 7.35
N LYS F 339 -40.94 10.56 7.59
CA LYS F 339 -40.45 10.23 8.92
C LYS F 339 -39.31 11.15 9.34
N ILE F 340 -38.26 11.21 8.53
CA ILE F 340 -37.08 12.00 8.95
C ILE F 340 -37.53 13.43 9.14
N GLU F 341 -38.68 13.79 8.57
CA GLU F 341 -39.06 15.23 8.63
C GLU F 341 -39.81 15.51 9.92
N GLU F 342 -40.54 14.54 10.45
CA GLU F 342 -41.18 14.80 11.75
C GLU F 342 -40.09 14.92 12.80
N MET F 343 -39.05 14.08 12.71
CA MET F 343 -37.95 14.11 13.70
C MET F 343 -37.15 15.41 13.55
N LEU F 344 -36.78 15.80 12.34
CA LEU F 344 -36.09 17.09 12.12
C LEU F 344 -36.96 18.22 12.67
N GLU F 345 -38.27 18.02 12.73
CA GLU F 345 -39.17 19.05 13.30
C GLU F 345 -39.30 18.83 14.80
N ASN F 346 -39.66 17.62 15.24
CA ASN F 346 -39.70 17.36 16.68
C ASN F 346 -38.39 17.86 17.29
N ALA F 347 -37.31 17.90 16.50
CA ALA F 347 -36.07 18.48 17.02
C ALA F 347 -36.16 20.00 17.10
N GLU F 348 -36.73 20.62 16.08
CA GLU F 348 -36.90 22.08 16.11
C GLU F 348 -37.82 22.50 17.23
N ARG F 349 -38.92 21.77 17.44
CA ARG F 349 -39.87 22.12 18.48
C ARG F 349 -39.30 21.90 19.86
N GLU F 350 -38.42 20.90 20.01
CA GLU F 350 -37.82 20.61 21.31
C GLU F 350 -36.57 21.42 21.59
N ARG F 351 -36.06 22.17 20.62
CA ARG F 351 -34.81 22.91 20.80
C ARG F 351 -35.02 24.30 21.39
N LEU F 352 -36.27 24.77 21.49
CA LEU F 352 -36.49 26.10 22.04
C LEU F 352 -36.25 26.11 23.54
N GLY F 353 -35.80 27.26 24.04
CA GLY F 353 -35.42 27.38 25.44
C GLY F 353 -33.98 26.98 25.70
N ASN F 354 -33.58 25.82 25.19
CA ASN F 354 -32.19 25.35 25.33
C ASN F 354 -31.33 26.04 24.29
N SER F 355 -30.81 27.22 24.68
CA SER F 355 -29.93 27.97 23.79
C SER F 355 -28.60 27.24 23.59
N HIS F 356 -28.25 26.34 24.52
CA HIS F 356 -27.00 25.60 24.42
C HIS F 356 -27.09 24.38 23.52
N GLN F 357 -28.29 23.97 23.14
CA GLN F 357 -28.46 22.81 22.27
C GLN F 357 -27.87 23.11 20.89
N PRO F 358 -27.06 22.21 20.34
CA PRO F 358 -26.60 22.38 18.96
C PRO F 358 -27.75 22.32 17.98
N GLU F 359 -27.64 23.12 16.92
CA GLU F 359 -28.75 23.28 15.98
C GLU F 359 -29.02 22.00 15.19
N LYS F 360 -27.98 21.31 14.75
CA LYS F 360 -28.15 20.14 13.90
C LYS F 360 -28.28 18.89 14.76
N PRO F 361 -29.42 18.22 14.78
CA PRO F 361 -29.59 17.02 15.60
C PRO F 361 -29.04 15.79 14.88
N LEU F 362 -29.14 14.65 15.56
CA LEU F 362 -28.75 13.36 15.00
C LEU F 362 -30.02 12.57 14.70
N VAL F 363 -30.21 12.20 13.44
CA VAL F 363 -31.37 11.44 13.00
C VAL F 363 -30.89 10.18 12.32
N ARG F 364 -31.43 9.03 12.74
CA ARG F 364 -31.09 7.74 12.17
C ARG F 364 -32.37 6.94 11.96
N LEU F 365 -32.45 6.26 10.81
CA LEU F 365 -33.59 5.40 10.51
C LEU F 365 -33.07 4.04 10.06
N ARG F 366 -33.48 2.99 10.77
CA ARG F 366 -33.13 1.62 10.42
C ARG F 366 -34.27 0.99 9.64
N VAL F 367 -33.99 0.61 8.40
CA VAL F 367 -34.99 0.03 7.50
C VAL F 367 -34.63 -1.44 7.30
N ASP F 368 -35.56 -2.32 7.66
CA ASP F 368 -35.36 -3.76 7.57
C ASP F 368 -36.35 -4.33 6.56
N TYR F 369 -35.82 -4.99 5.54
CA TYR F 369 -36.65 -5.55 4.48
C TYR F 369 -36.30 -7.02 4.28
N SER F 370 -37.34 -7.85 4.16
CA SER F 370 -37.15 -9.25 3.82
C SER F 370 -38.13 -9.77 2.79
N GLY F 371 -39.16 -9.02 2.43
CA GLY F 371 -40.10 -9.45 1.41
C GLY F 371 -39.62 -9.32 -0.02
N GLY F 372 -38.49 -8.68 -0.23
CA GLY F 372 -37.94 -8.52 -1.57
C GLY F 372 -37.87 -7.07 -2.02
N PHE F 373 -37.83 -6.16 -1.05
CA PHE F 373 -37.74 -4.75 -1.39
C PHE F 373 -36.34 -4.39 -1.87
N GLU F 374 -36.26 -3.34 -2.68
CA GLU F 374 -35.00 -2.86 -3.22
C GLU F 374 -34.68 -1.50 -2.61
N PRO F 375 -33.60 -1.37 -1.86
CA PRO F 375 -33.25 -0.06 -1.28
C PRO F 375 -33.01 0.97 -2.36
N PHE F 376 -33.44 2.21 -2.09
CA PHE F 376 -33.28 3.30 -3.04
C PHE F 376 -31.86 3.87 -2.92
N SER F 377 -31.58 4.92 -3.67
CA SER F 377 -30.26 5.56 -3.64
C SER F 377 -30.10 6.30 -2.32
N VAL F 378 -29.36 5.69 -1.39
CA VAL F 378 -29.14 6.32 -0.10
C VAL F 378 -28.35 7.62 -0.23
N LEU F 379 -27.56 7.76 -1.29
CA LEU F 379 -26.86 9.02 -1.52
C LEU F 379 -27.83 10.15 -1.85
N ARG F 380 -28.82 9.87 -2.70
CA ARG F 380 -29.76 10.91 -3.09
C ARG F 380 -30.66 11.31 -1.93
N PHE F 381 -31.07 10.34 -1.11
CA PHE F 381 -31.88 10.66 0.06
C PHE F 381 -31.10 11.49 1.07
N SER F 382 -29.82 11.18 1.24
CA SER F 382 -28.97 11.93 2.17
C SER F 382 -28.46 13.24 1.59
N GLN F 383 -28.73 13.50 0.32
CA GLN F 383 -28.38 14.77 -0.30
C GLN F 383 -29.42 15.85 -0.05
N LYS F 384 -30.58 15.44 0.47
CA LYS F 384 -31.69 16.39 0.70
C LYS F 384 -31.52 16.99 2.08
N PHE F 385 -31.28 16.14 3.08
CA PHE F 385 -31.06 16.64 4.45
C PHE F 385 -29.57 16.72 4.70
N VAL F 386 -28.91 17.77 4.24
CA VAL F 386 -27.44 17.75 4.43
C VAL F 386 -27.08 18.81 5.46
N ASP F 387 -27.88 19.87 5.56
CA ASP F 387 -27.55 20.97 6.50
C ASP F 387 -28.62 21.00 7.58
N ARG F 388 -29.29 19.86 7.78
CA ARG F 388 -30.38 19.80 8.78
C ARG F 388 -30.08 18.69 9.80
N VAL F 389 -29.29 17.69 9.41
CA VAL F 389 -28.93 16.56 10.31
C VAL F 389 -27.43 16.66 10.55
N ALA F 390 -26.92 16.26 11.72
CA ALA F 390 -25.50 16.48 12.05
C ALA F 390 -24.64 15.39 11.45
N ASN F 391 -25.27 14.34 10.98
CA ASN F 391 -24.59 13.18 10.39
C ASN F 391 -25.21 12.87 9.03
N PRO F 392 -24.91 13.68 8.02
CA PRO F 392 -25.52 13.47 6.70
C PRO F 392 -25.15 12.14 6.07
N LYS F 393 -23.93 11.65 6.31
CA LYS F 393 -23.51 10.39 5.69
C LYS F 393 -24.34 9.21 6.19
N ASP F 394 -24.66 9.20 7.48
CA ASP F 394 -25.36 8.09 8.11
C ASP F 394 -26.77 8.56 8.51
N ILE F 395 -27.70 8.47 7.57
CA ILE F 395 -29.10 8.83 7.80
C ILE F 395 -30.00 7.60 7.75
N ILE F 396 -29.86 6.79 6.71
CA ILE F 396 -30.70 5.61 6.50
C ILE F 396 -29.82 4.38 6.52
N HIS F 397 -30.23 3.37 7.27
CA HIS F 397 -29.55 2.08 7.32
C HIS F 397 -30.43 1.03 6.65
N PHE F 398 -29.84 0.26 5.75
CA PHE F 398 -30.53 -0.82 5.06
C PHE F 398 -29.86 -2.13 5.41
N PHE F 399 -30.64 -3.09 5.89
CA PHE F 399 -30.07 -4.36 6.35
C PHE F 399 -31.13 -5.44 6.28
N ARG F 400 -30.66 -6.69 6.30
CA ARG F 400 -31.52 -7.87 6.36
C ARG F 400 -31.06 -8.75 7.51
N HIS F 401 -32.02 -9.32 8.23
CA HIS F 401 -31.68 -10.18 9.36
C HIS F 401 -31.52 -11.62 8.91
N ARG F 428 -29.85 -26.47 -10.44
CA ARG F 428 -28.40 -26.62 -10.34
C ARG F 428 -27.79 -26.87 -11.71
N VAL F 429 -26.50 -27.17 -11.74
CA VAL F 429 -25.78 -27.25 -13.01
C VAL F 429 -26.37 -28.34 -13.89
N GLU F 430 -26.54 -29.55 -13.36
CA GLU F 430 -27.01 -30.67 -14.17
C GLU F 430 -28.41 -30.43 -14.71
N ASP F 431 -29.33 -30.03 -13.84
CA ASP F 431 -30.71 -29.80 -14.26
C ASP F 431 -30.79 -28.66 -15.26
N LEU F 432 -30.03 -27.59 -15.01
CA LEU F 432 -30.09 -26.44 -15.90
C LEU F 432 -29.53 -26.77 -17.28
N VAL F 433 -28.41 -27.50 -17.34
CA VAL F 433 -27.85 -27.83 -18.64
C VAL F 433 -28.75 -28.80 -19.38
N LYS F 434 -29.38 -29.73 -18.65
CA LYS F 434 -30.33 -30.64 -19.29
C LYS F 434 -31.51 -29.88 -19.88
N GLN F 435 -32.06 -28.93 -19.11
CA GLN F 435 -33.17 -28.13 -19.62
C GLN F 435 -32.75 -27.30 -20.83
N TYR F 436 -31.56 -26.68 -20.77
CA TYR F 436 -31.08 -25.87 -21.89
C TYR F 436 -30.85 -26.72 -23.12
N PHE F 437 -30.30 -27.92 -22.95
CA PHE F 437 -30.07 -28.81 -24.09
C PHE F 437 -31.40 -29.27 -24.69
N GLN F 438 -32.39 -29.56 -23.85
CA GLN F 438 -33.71 -29.91 -24.37
C GLN F 438 -34.32 -28.75 -25.14
N THR F 439 -34.18 -27.53 -24.62
CA THR F 439 -34.70 -26.36 -25.32
C THR F 439 -34.01 -26.16 -26.65
N ALA F 440 -32.68 -26.35 -26.70
CA ALA F 440 -31.95 -26.22 -27.95
C ALA F 440 -32.38 -27.29 -28.95
N GLU F 441 -32.59 -28.52 -28.46
CA GLU F 441 -33.03 -29.59 -29.35
C GLU F 441 -34.40 -29.29 -29.93
N LYS F 442 -35.31 -28.75 -29.13
CA LYS F 442 -36.63 -28.42 -29.61
C LYS F 442 -36.68 -27.08 -30.34
N ASN F 443 -35.58 -26.32 -30.34
CA ASN F 443 -35.55 -25.00 -30.96
C ASN F 443 -35.02 -25.07 -32.39
N VAL F 444 -33.80 -25.57 -32.56
CA VAL F 444 -33.15 -25.62 -33.87
C VAL F 444 -33.19 -27.05 -34.39
N GLN F 445 -33.03 -27.17 -35.71
CA GLN F 445 -33.07 -28.48 -36.36
C GLN F 445 -31.73 -29.19 -36.15
N LEU F 446 -31.78 -30.38 -35.55
CA LEU F 446 -30.57 -31.18 -35.40
C LEU F 446 -30.16 -31.74 -36.75
N SER F 447 -28.87 -31.59 -37.08
CA SER F 447 -28.40 -31.98 -38.41
C SER F 447 -28.11 -33.48 -38.47
N LEU F 448 -27.19 -33.96 -37.64
CA LEU F 448 -26.84 -35.37 -37.68
C LEU F 448 -26.88 -36.05 -36.31
N LEU F 449 -26.48 -35.34 -35.26
CA LEU F 449 -26.49 -35.94 -33.93
C LEU F 449 -27.91 -36.27 -33.49
N THR F 450 -28.07 -37.44 -32.89
CA THR F 450 -29.38 -37.89 -32.42
C THR F 450 -29.85 -37.05 -31.25
N GLU F 451 -31.17 -37.03 -31.06
CA GLU F 451 -31.74 -36.29 -29.95
C GLU F 451 -31.28 -36.87 -28.62
N ARG F 452 -30.89 -35.99 -27.70
CA ARG F 452 -30.48 -36.48 -26.37
C ARG F 452 -29.23 -37.33 -26.50
N GLY F 453 -28.30 -36.97 -27.39
CA GLY F 453 -27.03 -37.67 -27.45
C GLY F 453 -25.90 -36.88 -26.81
N MET F 454 -25.77 -35.61 -27.20
CA MET F 454 -24.72 -34.77 -26.66
C MET F 454 -24.95 -34.48 -25.18
N GLY F 455 -26.20 -34.37 -24.76
CA GLY F 455 -26.49 -34.16 -23.35
C GLY F 455 -26.01 -35.30 -22.49
N GLU F 456 -26.32 -36.54 -22.90
CA GLU F 456 -25.83 -37.70 -22.17
C GLU F 456 -24.32 -37.84 -22.26
N ALA F 457 -23.73 -37.47 -23.39
CA ALA F 457 -22.27 -37.50 -23.48
C ALA F 457 -21.63 -36.54 -22.48
N VAL F 458 -22.16 -35.32 -22.38
CA VAL F 458 -21.61 -34.35 -21.44
C VAL F 458 -21.86 -34.79 -20.00
N GLN F 459 -23.04 -35.38 -19.73
CA GLN F 459 -23.31 -35.86 -18.38
C GLN F 459 -22.37 -36.99 -17.99
N GLU F 460 -22.07 -37.89 -18.93
CA GLU F 460 -21.11 -38.94 -18.67
C GLU F 460 -19.71 -38.36 -18.45
N PHE F 461 -19.38 -37.28 -19.17
CA PHE F 461 -18.04 -36.66 -19.03
C PHE F 461 -17.95 -36.00 -17.66
N VAL F 462 -19.04 -35.45 -17.17
CA VAL F 462 -18.96 -34.67 -15.90
C VAL F 462 -18.76 -35.62 -14.72
N ASP F 463 -19.67 -36.58 -14.53
CA ASP F 463 -19.62 -37.47 -13.35
C ASP F 463 -18.56 -38.56 -13.51
N LYS F 464 -18.68 -39.36 -14.57
CA LYS F 464 -17.76 -40.50 -14.78
C LYS F 464 -16.38 -39.96 -15.12
N GLU F 465 -16.27 -38.64 -15.35
CA GLU F 465 -14.97 -37.98 -15.68
C GLU F 465 -14.41 -38.57 -16.97
N GLU F 466 -15.16 -39.46 -17.63
CA GLU F 466 -14.71 -39.99 -18.94
C GLU F 466 -14.32 -38.78 -19.76
N LYS F 467 -13.07 -38.72 -20.22
CA LYS F 467 -12.60 -37.53 -20.96
C LYS F 467 -12.91 -37.77 -22.43
N ASP F 468 -13.20 -39.01 -22.80
CA ASP F 468 -13.42 -39.34 -24.24
C ASP F 468 -14.91 -39.59 -24.48
N ALA F 469 -15.73 -39.25 -23.49
CA ALA F 469 -17.15 -39.51 -23.63
C ALA F 469 -17.68 -38.68 -24.79
N ILE F 470 -17.06 -37.54 -25.05
CA ILE F 470 -17.59 -36.64 -26.11
C ILE F 470 -17.04 -37.09 -27.47
N GLU F 471 -15.72 -37.08 -27.61
CA GLU F 471 -15.10 -37.41 -28.92
C GLU F 471 -15.70 -38.73 -29.38
N GLU F 472 -15.71 -39.75 -28.52
CA GLU F 472 -16.22 -41.08 -28.89
C GLU F 472 -17.56 -40.92 -29.59
N LEU F 473 -18.48 -40.17 -28.99
CA LEU F 473 -19.83 -40.02 -29.57
C LEU F 473 -19.70 -39.32 -30.92
N VAL F 474 -18.89 -38.27 -30.99
CA VAL F 474 -18.84 -37.51 -32.27
C VAL F 474 -18.37 -38.52 -33.32
N LYS F 475 -17.24 -39.17 -33.06
CA LYS F 475 -16.68 -40.13 -34.04
C LYS F 475 -17.75 -41.19 -34.32
N TYR F 476 -18.39 -41.80 -33.34
CA TYR F 476 -19.31 -42.95 -33.61
C TYR F 476 -20.50 -42.54 -34.45
N GLN F 477 -20.95 -41.23 -34.35
CA GLN F 477 -22.07 -40.83 -35.23
C GLN F 477 -21.58 -40.69 -36.68
N LEU F 478 -20.47 -39.98 -36.92
CA LEU F 478 -19.90 -39.90 -38.28
C LEU F 478 -19.71 -41.31 -38.82
N GLU F 479 -18.92 -42.14 -38.13
CA GLU F 479 -18.61 -43.50 -38.63
C GLU F 479 -19.90 -44.19 -39.07
N LYS F 480 -20.93 -44.11 -38.25
CA LYS F 480 -22.18 -44.83 -38.56
C LYS F 480 -22.80 -44.22 -39.81
N THR F 481 -23.21 -42.97 -39.74
CA THR F 481 -23.92 -42.38 -40.91
C THR F 481 -23.03 -42.40 -42.16
N GLN F 482 -21.71 -42.18 -42.00
CA GLN F 482 -20.86 -42.29 -43.21
C GLN F 482 -21.08 -43.69 -43.80
N ARG F 483 -20.87 -44.75 -43.01
CA ARG F 483 -21.16 -46.12 -43.52
C ARG F 483 -22.52 -46.12 -44.22
N PHE F 484 -23.59 -45.89 -43.47
CA PHE F 484 -24.93 -45.85 -44.05
C PHE F 484 -24.91 -45.19 -45.42
N LEU F 485 -24.19 -44.07 -45.55
CA LEU F 485 -24.13 -43.36 -46.82
C LEU F 485 -23.42 -44.18 -47.88
N LYS F 486 -22.29 -44.80 -47.53
CA LYS F 486 -21.46 -45.51 -48.55
C LYS F 486 -22.12 -46.81 -48.99
N GLU F 487 -22.85 -47.47 -48.09
CA GLU F 487 -23.58 -48.69 -48.54
C GLU F 487 -24.51 -48.27 -49.67
N ARG F 488 -25.12 -47.08 -49.58
CA ARG F 488 -26.09 -46.65 -50.63
C ARG F 488 -25.32 -46.02 -51.79
N HIS F 489 -23.99 -46.16 -51.83
CA HIS F 489 -23.17 -45.67 -52.96
C HIS F 489 -23.78 -44.35 -53.44
N ILE F 490 -23.83 -43.37 -52.55
CA ILE F 490 -24.53 -42.10 -52.92
C ILE F 490 -23.84 -41.42 -54.12
N ASP F 491 -24.60 -40.66 -54.91
CA ASP F 491 -24.05 -39.93 -56.09
C ASP F 491 -23.10 -38.84 -55.61
N ALA F 492 -22.97 -38.70 -54.30
CA ALA F 492 -22.00 -37.72 -53.75
C ALA F 492 -22.32 -36.32 -54.23
N LEU F 493 -23.49 -36.09 -54.84
CA LEU F 493 -23.76 -34.70 -55.15
C LEU F 493 -23.90 -33.94 -53.85
N GLU F 494 -23.54 -32.64 -53.87
CA GLU F 494 -23.47 -31.86 -52.64
C GLU F 494 -24.80 -31.81 -51.92
N ASP F 495 -25.90 -31.60 -52.64
CA ASP F 495 -27.20 -31.53 -51.99
C ASP F 495 -27.88 -32.88 -51.84
N LYS F 496 -27.48 -33.88 -52.64
CA LYS F 496 -28.09 -35.20 -52.53
C LYS F 496 -27.61 -35.93 -51.28
N ILE F 497 -26.36 -35.71 -50.87
CA ILE F 497 -25.88 -36.28 -49.63
C ILE F 497 -26.62 -35.67 -48.44
N ASP F 498 -26.90 -34.36 -48.50
CA ASP F 498 -27.64 -33.71 -47.43
C ASP F 498 -29.03 -34.32 -47.28
N GLU F 499 -29.68 -34.66 -48.39
CA GLU F 499 -30.97 -35.35 -48.31
C GLU F 499 -30.83 -36.73 -47.70
N GLU F 500 -29.72 -37.43 -47.99
CA GLU F 500 -29.47 -38.73 -47.38
C GLU F 500 -29.34 -38.61 -45.87
N VAL F 501 -28.62 -37.59 -45.39
CA VAL F 501 -28.51 -37.37 -43.96
C VAL F 501 -29.86 -36.97 -43.38
N ARG F 502 -30.66 -36.21 -44.11
CA ARG F 502 -31.99 -35.84 -43.65
C ARG F 502 -32.85 -37.09 -43.45
N ARG F 503 -32.66 -38.11 -44.30
CA ARG F 503 -33.38 -39.36 -44.13
C ARG F 503 -32.96 -40.06 -42.83
N PHE F 504 -31.67 -40.03 -42.51
CA PHE F 504 -31.06 -40.66 -41.33
C PHE F 504 -31.80 -41.88 -40.79
N LEU G 7 31.67 32.59 42.61
CA LEU G 7 31.00 33.64 43.38
C LEU G 7 29.58 33.86 42.88
N ASP G 8 28.61 33.63 43.77
CA ASP G 8 27.19 33.82 43.46
C ASP G 8 26.63 34.85 44.43
N ASP G 9 26.50 36.09 43.96
CA ASP G 9 25.96 37.16 44.77
C ASP G 9 24.43 37.09 44.74
N GLU G 10 23.76 38.08 45.34
CA GLU G 10 22.32 38.22 45.23
C GLU G 10 21.90 38.84 43.90
N ASN G 11 22.87 39.28 43.10
CA ASN G 11 22.61 39.84 41.77
C ASN G 11 23.26 39.00 40.67
N THR G 12 23.11 37.69 40.73
CA THR G 12 23.63 36.81 39.68
C THR G 12 22.51 35.93 39.13
N PHE G 13 22.60 35.64 37.84
CA PHE G 13 21.59 34.86 37.12
C PHE G 13 22.20 33.54 36.69
N LYS G 14 22.00 32.50 37.50
CA LYS G 14 22.46 31.15 37.16
C LYS G 14 21.42 30.50 36.28
N ILE G 15 21.77 30.26 35.02
CA ILE G 15 20.85 29.68 34.03
C ILE G 15 21.48 28.42 33.48
N LEU G 16 20.75 27.31 33.54
CA LEU G 16 21.24 26.04 33.00
C LEU G 16 20.77 25.93 31.56
N VAL G 17 21.62 26.35 30.62
CA VAL G 17 21.25 26.43 29.22
C VAL G 17 21.41 25.08 28.54
N ALA G 18 20.33 24.30 28.50
CA ALA G 18 20.29 23.06 27.76
C ALA G 18 19.63 23.30 26.41
N THR G 19 19.84 22.36 25.48
CA THR G 19 19.31 22.50 24.13
C THR G 19 19.25 21.14 23.46
N ASP G 20 18.16 20.89 22.75
CA ASP G 20 18.00 19.70 21.91
C ASP G 20 18.10 18.42 22.75
N ILE G 21 17.27 18.35 23.79
CA ILE G 21 17.25 17.15 24.62
C ILE G 21 16.79 15.94 23.80
N HIS G 22 15.85 16.16 22.89
CA HIS G 22 15.38 15.13 21.95
C HIS G 22 14.83 13.92 22.69
N LEU G 23 13.86 14.17 23.56
CA LEU G 23 13.26 13.10 24.34
C LEU G 23 12.54 12.10 23.43
N GLY G 24 12.57 10.83 23.83
CA GLY G 24 11.91 9.80 23.07
C GLY G 24 12.62 9.35 21.82
N PHE G 25 13.87 9.76 21.62
CA PHE G 25 14.61 9.38 20.44
C PHE G 25 15.01 7.91 20.53
N MET G 26 14.55 7.10 19.58
CA MET G 26 14.81 5.66 19.54
C MET G 26 14.38 4.99 20.85
N GLU G 27 13.20 5.39 21.34
CA GLU G 27 12.66 4.79 22.55
C GLU G 27 12.27 3.33 22.37
N LYS G 28 12.16 2.87 21.12
CA LYS G 28 11.82 1.48 20.85
C LYS G 28 13.03 0.57 20.82
N ASP G 29 14.25 1.12 20.81
CA ASP G 29 15.45 0.30 20.80
C ASP G 29 15.67 -0.34 22.17
N ALA G 30 16.19 -1.57 22.15
CA ALA G 30 16.47 -2.29 23.38
C ALA G 30 17.76 -1.84 24.05
N VAL G 31 18.62 -1.11 23.34
CA VAL G 31 19.87 -0.63 23.89
C VAL G 31 19.83 0.87 24.19
N ARG G 32 19.25 1.66 23.29
CA ARG G 32 19.22 3.11 23.41
C ARG G 32 17.84 3.64 23.74
N GLY G 33 16.99 2.81 24.35
CA GLY G 33 15.63 3.23 24.62
C GLY G 33 15.53 4.35 25.63
N ASN G 34 16.30 4.25 26.72
CA ASN G 34 16.18 5.18 27.84
C ASN G 34 17.36 6.13 27.95
N ASP G 35 18.09 6.36 26.86
CA ASP G 35 19.23 7.26 26.93
C ASP G 35 18.80 8.70 27.16
N THR G 36 17.84 9.18 26.36
CA THR G 36 17.43 10.58 26.43
C THR G 36 16.79 10.90 27.77
N PHE G 37 15.95 9.99 28.28
CA PHE G 37 15.32 10.22 29.59
C PHE G 37 16.37 10.31 30.69
N VAL G 38 17.36 9.43 30.66
CA VAL G 38 18.40 9.44 31.69
C VAL G 38 19.24 10.72 31.60
N THR G 39 19.54 11.18 30.38
CA THR G 39 20.33 12.40 30.26
C THR G 39 19.52 13.63 30.66
N LEU G 40 18.21 13.62 30.39
CA LEU G 40 17.38 14.72 30.90
C LEU G 40 17.29 14.69 32.42
N ASP G 41 17.25 13.50 33.01
CA ASP G 41 17.31 13.38 34.46
C ASP G 41 18.61 13.97 34.99
N GLU G 42 19.72 13.69 34.32
CA GLU G 42 21.00 14.28 34.74
C GLU G 42 21.01 15.80 34.59
N ILE G 43 20.41 16.30 33.51
CA ILE G 43 20.35 17.75 33.30
C ILE G 43 19.54 18.43 34.40
N LEU G 44 18.39 17.85 34.74
CA LEU G 44 17.57 18.40 35.82
C LEU G 44 18.27 18.28 37.16
N ARG G 45 19.02 17.19 37.37
CA ARG G 45 19.81 17.06 38.59
C ARG G 45 20.87 18.14 38.68
N LEU G 46 21.52 18.46 37.56
CA LEU G 46 22.50 19.54 37.55
C LEU G 46 21.85 20.88 37.84
N ALA G 47 20.67 21.11 37.28
CA ALA G 47 19.95 22.35 37.56
C ALA G 47 19.58 22.45 39.04
N GLN G 48 19.14 21.34 39.64
CA GLN G 48 18.76 21.35 41.04
C GLN G 48 19.97 21.53 41.95
N GLU G 49 21.11 20.92 41.58
CA GLU G 49 22.29 20.95 42.45
C GLU G 49 22.98 22.31 42.37
N ASN G 50 22.95 22.96 41.22
CA ASN G 50 23.60 24.25 41.05
C ASN G 50 22.76 25.41 41.55
N GLU G 51 21.53 25.15 42.00
CA GLU G 51 20.62 26.20 42.50
C GLU G 51 20.41 27.29 41.44
N VAL G 52 20.21 26.87 40.19
CA VAL G 52 20.01 27.83 39.11
C VAL G 52 18.67 28.52 39.28
N ASP G 53 18.61 29.77 38.79
CA ASP G 53 17.36 30.53 38.86
C ASP G 53 16.30 29.92 37.95
N PHE G 54 16.64 29.66 36.70
CA PHE G 54 15.71 29.00 35.81
C PHE G 54 16.48 28.27 34.72
N ILE G 55 15.79 27.30 34.09
CA ILE G 55 16.34 26.50 33.01
C ILE G 55 15.89 27.11 31.69
N LEU G 56 16.82 27.22 30.75
CA LEU G 56 16.54 27.82 29.44
C LEU G 56 16.78 26.76 28.36
N LEU G 57 15.72 26.07 27.97
CA LEU G 57 15.80 25.07 26.93
C LEU G 57 15.80 25.75 25.56
N GLY G 58 16.69 25.28 24.68
CA GLY G 58 16.86 25.85 23.37
C GLY G 58 16.01 25.27 22.27
N GLY G 59 15.09 24.37 22.58
CA GLY G 59 14.20 23.80 21.61
C GLY G 59 14.45 22.32 21.38
N ASP G 60 13.58 21.72 20.58
CA ASP G 60 13.64 20.29 20.25
C ASP G 60 13.65 19.45 21.52
N LEU G 61 12.83 19.83 22.50
CA LEU G 61 12.72 19.06 23.72
C LEU G 61 12.18 17.65 23.46
N PHE G 62 11.42 17.48 22.39
CA PHE G 62 10.88 16.19 22.00
C PHE G 62 11.35 15.84 20.60
N HIS G 63 11.63 14.56 20.38
CA HIS G 63 12.11 14.12 19.07
C HIS G 63 10.99 14.09 18.04
N GLU G 64 9.79 13.71 18.43
CA GLU G 64 8.66 13.60 17.51
C GLU G 64 7.75 14.81 17.63
N ASN G 65 7.02 15.09 16.54
CA ASN G 65 6.04 16.15 16.57
C ASN G 65 4.94 15.85 17.58
N LYS G 66 4.47 14.61 17.61
CA LYS G 66 3.49 14.16 18.59
C LYS G 66 4.15 13.12 19.48
N PRO G 67 4.68 13.52 20.64
CA PRO G 67 5.41 12.57 21.48
C PRO G 67 4.51 11.44 21.97
N SER G 68 5.10 10.27 22.14
CA SER G 68 4.37 9.12 22.64
C SER G 68 3.98 9.34 24.10
N ARG G 69 3.17 8.43 24.61
CA ARG G 69 2.73 8.54 26.00
C ARG G 69 3.89 8.40 26.97
N LYS G 70 4.83 7.49 26.68
CA LYS G 70 5.96 7.30 27.56
C LYS G 70 6.83 8.55 27.63
N THR G 71 7.07 9.19 26.48
CA THR G 71 7.90 10.38 26.45
C THR G 71 7.28 11.51 27.27
N LEU G 72 5.99 11.79 27.05
CA LEU G 72 5.33 12.85 27.78
C LEU G 72 5.25 12.53 29.27
N HIS G 73 4.96 11.27 29.62
CA HIS G 73 4.87 10.89 31.02
C HIS G 73 6.22 11.04 31.72
N THR G 74 7.31 10.62 31.07
CA THR G 74 8.62 10.76 31.68
C THR G 74 9.02 12.22 31.82
N CYS G 75 8.72 13.03 30.80
CA CYS G 75 9.03 14.46 30.90
C CYS G 75 8.26 15.11 32.03
N LEU G 76 6.97 14.79 32.17
CA LEU G 76 6.17 15.34 33.25
C LEU G 76 6.69 14.86 34.61
N GLU G 77 7.07 13.60 34.71
CA GLU G 77 7.62 13.07 35.96
C GLU G 77 8.86 13.83 36.37
N LEU G 78 9.80 14.01 35.44
CA LEU G 78 11.05 14.69 35.77
C LEU G 78 10.81 16.17 36.09
N LEU G 79 9.94 16.83 35.33
CA LEU G 79 9.67 18.24 35.60
C LEU G 79 8.98 18.44 36.95
N ARG G 80 8.06 17.54 37.30
CA ARG G 80 7.43 17.62 38.61
C ARG G 80 8.41 17.31 39.73
N LYS G 81 9.34 16.38 39.49
CA LYS G 81 10.30 16.01 40.53
C LYS G 81 11.29 17.12 40.80
N TYR G 82 11.80 17.77 39.75
CA TYR G 82 12.90 18.72 39.91
C TYR G 82 12.49 20.18 39.84
N CYS G 83 11.56 20.54 38.96
CA CYS G 83 11.19 21.93 38.77
C CYS G 83 10.06 22.39 39.67
N MET G 84 9.53 21.52 40.52
CA MET G 84 8.48 21.87 41.47
C MET G 84 9.02 21.75 42.89
N GLY G 85 8.83 22.80 43.67
CA GLY G 85 9.31 22.78 45.04
C GLY G 85 8.96 24.07 45.75
N ASP G 86 9.34 24.14 47.02
CA ASP G 86 9.06 25.29 47.86
C ASP G 86 10.19 26.32 47.87
N ARG G 87 11.22 26.12 47.06
CA ARG G 87 12.30 27.09 47.00
C ARG G 87 11.80 28.38 46.36
N PRO G 88 11.97 29.53 47.01
CA PRO G 88 11.43 30.77 46.46
C PRO G 88 12.14 31.18 45.17
N VAL G 89 11.37 31.81 44.29
CA VAL G 89 11.92 32.36 43.06
C VAL G 89 12.57 33.70 43.39
N GLN G 90 13.75 33.95 42.81
CA GLN G 90 14.54 35.13 43.15
C GLN G 90 14.43 36.24 42.12
N PHE G 91 13.80 36.01 40.97
CA PHE G 91 13.78 37.01 39.91
C PHE G 91 12.36 37.47 39.63
N GLU G 92 12.27 38.69 39.11
CA GLU G 92 11.01 39.32 38.77
C GLU G 92 10.62 38.98 37.34
N ILE G 93 9.41 39.36 36.98
CA ILE G 93 8.96 39.37 35.59
C ILE G 93 8.16 40.64 35.38
N LEU G 94 8.83 41.69 34.89
CA LEU G 94 8.16 42.94 34.54
C LEU G 94 7.92 43.03 33.03
N SER G 95 7.13 42.08 32.53
CA SER G 95 6.75 42.04 31.13
C SER G 95 5.28 41.65 31.03
N ASP G 96 4.65 42.06 29.94
CA ASP G 96 3.23 41.81 29.73
C ASP G 96 3.03 40.32 29.45
N GLN G 97 2.70 39.57 30.50
CA GLN G 97 2.67 38.11 30.41
C GLN G 97 1.55 37.60 29.51
N SER G 98 0.62 38.45 29.10
CA SER G 98 -0.43 38.07 28.18
C SER G 98 0.00 38.15 26.72
N VAL G 99 1.24 38.58 26.45
CA VAL G 99 1.74 38.63 25.08
C VAL G 99 2.94 37.71 24.87
N ASN G 100 3.61 37.27 25.94
CA ASN G 100 4.68 36.28 25.84
C ASN G 100 4.14 34.86 25.94
N PHE G 101 3.43 34.55 27.02
CA PHE G 101 2.79 33.26 27.20
C PHE G 101 1.30 33.31 26.91
N GLY G 102 0.81 34.38 26.27
CA GLY G 102 -0.60 34.59 26.10
C GLY G 102 -1.26 33.84 24.96
N PHE G 103 -0.82 32.60 24.72
CA PHE G 103 -1.52 31.73 23.78
C PHE G 103 -2.49 30.82 24.51
N SER G 104 -2.08 30.32 25.68
CA SER G 104 -2.96 29.50 26.50
C SER G 104 -3.98 30.38 27.24
N LYS G 105 -5.00 29.74 27.78
CA LYS G 105 -6.00 30.43 28.59
C LYS G 105 -5.48 30.78 29.98
N PHE G 106 -4.19 30.58 30.23
CA PHE G 106 -3.55 30.96 31.49
C PHE G 106 -2.31 31.77 31.12
N PRO G 107 -2.48 33.04 30.74
CA PRO G 107 -1.37 33.85 30.23
C PRO G 107 -0.53 34.48 31.35
N TRP G 108 0.08 33.63 32.17
CA TRP G 108 0.99 34.08 33.21
C TRP G 108 2.05 33.01 33.43
N VAL G 109 3.21 33.45 33.90
CA VAL G 109 4.32 32.54 34.12
C VAL G 109 3.94 31.51 35.18
N ASN G 110 4.46 30.28 35.01
CA ASN G 110 3.97 29.15 35.78
C ASN G 110 4.20 29.31 37.28
N TYR G 111 5.33 29.91 37.67
CA TYR G 111 5.61 30.06 39.09
C TYR G 111 4.73 31.10 39.76
N GLN G 112 4.04 31.94 38.98
CA GLN G 112 3.16 32.95 39.53
C GLN G 112 1.70 32.50 39.60
N ASP G 113 1.38 31.32 39.09
CA ASP G 113 0.03 30.79 39.25
C ASP G 113 -0.26 30.57 40.72
N GLY G 114 -1.45 31.01 41.16
CA GLY G 114 -1.79 30.94 42.57
C GLY G 114 -1.94 29.53 43.11
N ASN G 115 -1.93 28.52 42.24
CA ASN G 115 -2.12 27.15 42.65
C ASN G 115 -0.92 26.26 42.36
N LEU G 116 0.19 26.81 41.88
CA LEU G 116 1.39 26.05 41.56
C LEU G 116 2.57 26.60 42.33
N ASN G 117 3.37 25.70 42.90
CA ASN G 117 4.61 26.07 43.59
C ASN G 117 5.76 25.57 42.74
N ILE G 118 6.42 26.49 42.04
CA ILE G 118 7.49 26.16 41.11
C ILE G 118 8.82 26.58 41.74
N SER G 119 9.74 25.63 41.86
CA SER G 119 11.07 25.93 42.39
C SER G 119 11.99 26.46 41.31
N ILE G 120 12.03 25.78 40.16
CA ILE G 120 12.86 26.21 39.04
C ILE G 120 11.96 26.47 37.84
N PRO G 121 11.72 27.73 37.48
CA PRO G 121 10.98 28.02 36.26
C PRO G 121 11.71 27.51 35.03
N VAL G 122 10.95 27.14 34.01
CA VAL G 122 11.49 26.64 32.75
C VAL G 122 11.01 27.56 31.64
N PHE G 123 11.96 28.13 30.90
CA PHE G 123 11.66 28.93 29.71
C PHE G 123 12.22 28.22 28.51
N SER G 124 11.38 27.97 27.51
CA SER G 124 11.77 27.16 26.37
C SER G 124 11.10 27.65 25.10
N ILE G 125 11.72 27.32 23.97
CA ILE G 125 11.16 27.54 22.65
C ILE G 125 10.96 26.19 21.99
N HIS G 126 10.19 26.18 20.90
CA HIS G 126 9.86 24.94 20.23
C HIS G 126 10.80 24.71 19.04
N GLY G 127 11.32 23.48 18.94
CA GLY G 127 12.15 23.12 17.81
C GLY G 127 11.36 22.56 16.65
N ASN G 128 12.04 22.39 15.53
CA ASN G 128 11.35 21.97 14.31
C ASN G 128 10.88 20.52 14.37
N ASN G 129 11.40 19.72 15.30
CA ASN G 129 10.88 18.39 15.51
C ASN G 129 9.60 18.39 16.33
N ASP G 130 9.28 19.49 17.00
CA ASP G 130 8.07 19.59 17.82
C ASP G 130 7.39 20.93 17.61
N ASP G 131 7.41 21.43 16.37
CA ASP G 131 6.78 22.70 16.07
C ASP G 131 5.26 22.55 16.08
N PRO G 132 4.52 23.64 16.32
CA PRO G 132 3.06 23.55 16.37
C PRO G 132 2.49 23.14 15.02
N THR G 133 1.43 22.32 15.08
CA THR G 133 0.75 21.83 13.89
C THR G 133 -0.75 21.80 14.14
N GLY G 134 -1.51 21.83 13.04
CA GLY G 134 -2.96 21.76 13.12
C GLY G 134 -3.62 23.13 13.09
N ALA G 135 -4.95 23.08 13.09
CA ALA G 135 -5.74 24.32 13.06
C ALA G 135 -5.60 25.07 14.38
N ASP G 136 -5.49 24.35 15.50
CA ASP G 136 -5.34 25.00 16.79
C ASP G 136 -3.91 25.46 17.05
N ALA G 137 -2.94 25.00 16.25
CA ALA G 137 -1.54 25.40 16.37
C ALA G 137 -1.00 25.09 17.76
N LEU G 138 -0.96 23.79 18.08
CA LEU G 138 -0.49 23.32 19.37
C LEU G 138 0.77 22.47 19.20
N CYS G 139 1.63 22.50 20.21
CA CYS G 139 2.85 21.71 20.25
C CYS G 139 2.90 20.96 21.58
N ALA G 140 3.92 20.11 21.73
CA ALA G 140 4.09 19.39 22.98
C ALA G 140 4.41 20.35 24.12
N LEU G 141 5.19 21.40 23.83
CA LEU G 141 5.46 22.41 24.84
C LEU G 141 4.18 23.10 25.27
N ASP G 142 3.17 23.17 24.40
CA ASP G 142 1.88 23.70 24.80
C ASP G 142 1.23 22.81 25.86
N ILE G 143 1.32 21.50 25.70
CA ILE G 143 0.80 20.58 26.72
C ILE G 143 1.57 20.76 28.02
N LEU G 144 2.89 20.87 27.93
CA LEU G 144 3.69 21.05 29.15
C LEU G 144 3.35 22.36 29.85
N SER G 145 3.14 23.43 29.09
CA SER G 145 2.81 24.72 29.69
C SER G 145 1.40 24.72 30.27
N CYS G 146 0.46 24.05 29.60
CA CYS G 146 -0.89 23.93 30.15
C CYS G 146 -0.89 23.14 31.44
N ALA G 147 -0.07 22.09 31.52
CA ALA G 147 0.09 21.39 32.80
C ALA G 147 0.71 22.29 33.86
N GLY G 148 1.46 23.31 33.45
CA GLY G 148 2.03 24.26 34.36
C GLY G 148 3.51 24.10 34.69
N PHE G 149 4.25 23.31 33.92
CA PHE G 149 5.65 23.04 34.21
C PHE G 149 6.61 23.86 33.36
N VAL G 150 6.23 24.29 32.17
CA VAL G 150 7.11 25.01 31.26
C VAL G 150 6.43 26.31 30.86
N ASN G 151 7.24 27.30 30.52
CA ASN G 151 6.77 28.59 30.01
C ASN G 151 7.19 28.67 28.55
N HIS G 152 6.34 28.15 27.66
CA HIS G 152 6.59 28.22 26.23
C HIS G 152 6.49 29.67 25.78
N PHE G 153 7.57 30.21 25.23
CA PHE G 153 7.63 31.60 24.82
C PHE G 153 8.26 31.70 23.43
N GLY G 154 7.98 32.82 22.76
CA GLY G 154 8.59 33.11 21.48
C GLY G 154 7.92 32.50 20.28
N ARG G 155 6.79 31.82 20.45
CA ARG G 155 6.10 31.24 19.31
C ARG G 155 5.52 32.33 18.43
N SER G 156 5.68 32.16 17.12
CA SER G 156 5.15 33.14 16.17
C SER G 156 3.65 32.96 16.00
N MET G 157 2.96 34.07 15.80
CA MET G 157 1.52 34.06 15.63
C MET G 157 1.06 34.33 14.21
N SER G 158 1.76 35.18 13.46
CA SER G 158 1.35 35.56 12.11
C SER G 158 2.41 35.10 11.12
N VAL G 159 1.96 34.51 10.00
CA VAL G 159 2.88 34.02 8.99
C VAL G 159 3.53 35.18 8.24
N GLU G 160 2.77 36.24 7.95
CA GLU G 160 3.28 37.31 7.12
C GLU G 160 4.45 38.03 7.78
N LYS G 161 4.38 38.28 9.08
CA LYS G 161 5.46 38.96 9.79
C LYS G 161 5.53 38.42 11.22
N ILE G 162 6.69 38.59 11.84
CA ILE G 162 6.94 38.09 13.18
C ILE G 162 7.49 39.23 14.03
N ASP G 163 6.83 39.49 15.16
CA ASP G 163 7.29 40.45 16.15
C ASP G 163 7.43 39.73 17.48
N ILE G 164 8.67 39.57 17.93
CA ILE G 164 8.93 38.85 19.17
C ILE G 164 8.97 39.84 20.33
N SER G 165 8.44 39.41 21.46
CA SER G 165 8.36 40.26 22.65
C SER G 165 9.27 39.69 23.73
N PRO G 166 10.21 40.47 24.24
CA PRO G 166 11.15 39.95 25.24
C PRO G 166 10.46 39.55 26.53
N VAL G 167 10.96 38.48 27.13
CA VAL G 167 10.49 38.01 28.43
C VAL G 167 11.35 38.73 29.46
N LEU G 168 10.94 39.94 29.83
CA LEU G 168 11.75 40.78 30.70
C LEU G 168 11.86 40.16 32.10
N LEU G 169 13.09 40.02 32.58
CA LEU G 169 13.38 39.47 33.90
C LEU G 169 14.35 40.38 34.63
N GLN G 170 14.27 40.40 35.96
CA GLN G 170 15.17 41.22 36.76
C GLN G 170 15.37 40.55 38.11
N LYS G 171 16.62 40.25 38.45
CA LYS G 171 16.99 39.74 39.77
C LYS G 171 17.97 40.74 40.38
N GLY G 172 17.53 41.43 41.42
CA GLY G 172 18.37 42.46 42.02
C GLY G 172 18.62 43.58 41.02
N SER G 173 19.90 43.93 40.85
CA SER G 173 20.26 45.02 39.94
C SER G 173 20.19 44.57 38.49
N THR G 174 20.54 43.32 38.22
CA THR G 174 20.68 42.85 36.84
C THR G 174 19.32 42.72 36.17
N LYS G 175 19.33 42.86 34.85
CA LYS G 175 18.11 42.79 34.04
C LYS G 175 18.42 42.06 32.74
N ILE G 176 17.58 41.10 32.39
CA ILE G 176 17.71 40.34 31.16
C ILE G 176 16.45 40.49 30.33
N ALA G 177 16.62 40.68 29.03
CA ALA G 177 15.51 40.65 28.08
C ALA G 177 15.61 39.34 27.30
N LEU G 178 14.69 38.41 27.57
CA LEU G 178 14.77 37.06 27.03
C LEU G 178 13.97 36.99 25.73
N TYR G 179 14.62 37.41 24.64
CA TYR G 179 14.04 37.25 23.32
C TYR G 179 14.08 35.79 22.90
N GLY G 180 13.04 35.34 22.23
CA GLY G 180 12.99 33.96 21.77
C GLY G 180 12.26 33.81 20.46
N LEU G 181 12.77 32.94 19.59
CA LEU G 181 12.16 32.68 18.30
C LEU G 181 11.95 31.18 18.14
N GLY G 182 10.79 30.81 17.60
CA GLY G 182 10.50 29.41 17.37
C GLY G 182 11.24 28.87 16.16
N SER G 183 10.83 27.67 15.76
CA SER G 183 11.45 26.99 14.62
C SER G 183 10.59 27.18 13.36
N ILE G 184 10.66 28.37 12.82
CA ILE G 184 10.03 28.63 11.51
C ILE G 184 10.79 27.86 10.44
N PRO G 185 10.13 27.39 9.38
CA PRO G 185 10.88 26.72 8.31
C PRO G 185 11.97 27.61 7.76
N ASP G 186 13.11 26.98 7.42
CA ASP G 186 14.33 27.73 7.18
C ASP G 186 14.19 28.70 6.01
N GLU G 187 13.59 28.25 4.92
CA GLU G 187 13.40 29.14 3.77
C GLU G 187 12.37 30.23 4.09
N ARG G 188 11.33 29.89 4.83
CA ARG G 188 10.32 30.89 5.20
C ARG G 188 10.93 31.96 6.09
N LEU G 189 11.70 31.54 7.09
CA LEU G 189 12.37 32.50 7.98
C LEU G 189 13.42 33.32 7.22
N TYR G 190 14.09 32.70 6.26
CA TYR G 190 14.99 33.45 5.39
C TYR G 190 14.25 34.55 4.65
N ARG G 191 13.08 34.20 4.10
CA ARG G 191 12.26 35.18 3.38
C ARG G 191 11.84 36.31 4.31
N MET G 192 11.46 36.00 5.55
CA MET G 192 11.15 37.06 6.51
C MET G 192 12.36 37.94 6.79
N PHE G 193 13.54 37.34 6.96
CA PHE G 193 14.74 38.13 7.24
C PHE G 193 15.20 38.99 6.08
N VAL G 194 14.86 38.64 4.84
CA VAL G 194 15.26 39.49 3.72
C VAL G 194 14.17 40.49 3.33
N ASN G 195 12.92 40.25 3.69
CA ASN G 195 11.83 41.18 3.44
C ASN G 195 11.68 42.21 4.55
N LYS G 196 12.57 42.18 5.55
CA LYS G 196 12.48 43.03 6.73
C LYS G 196 11.14 42.83 7.44
N LYS G 197 10.65 41.59 7.46
CA LYS G 197 9.41 41.23 8.13
C LYS G 197 9.67 40.58 9.49
N VAL G 198 10.86 40.79 10.04
CA VAL G 198 11.19 40.40 11.41
C VAL G 198 11.45 41.66 12.21
N THR G 199 11.08 41.65 13.48
CA THR G 199 11.19 42.83 14.33
C THR G 199 11.55 42.41 15.74
N MET G 200 12.44 43.18 16.37
CA MET G 200 12.84 42.96 17.76
C MET G 200 12.47 44.20 18.56
N LEU G 201 11.51 44.02 19.45
CA LEU G 201 11.00 45.15 20.23
C LEU G 201 11.85 45.25 21.50
N ARG G 202 12.66 46.31 21.60
CA ARG G 202 13.50 46.51 22.79
C ARG G 202 12.72 47.36 23.79
N PRO G 203 12.98 47.27 25.10
CA PRO G 203 12.31 48.13 26.06
C PRO G 203 12.53 49.56 25.61
N LYS G 204 11.56 50.45 25.82
CA LYS G 204 11.67 51.81 25.24
C LYS G 204 12.75 52.62 25.93
N GLU G 205 12.90 52.47 27.24
CA GLU G 205 13.87 53.32 27.97
C GLU G 205 14.81 52.46 28.82
N ASP G 206 16.06 52.91 29.03
CA ASP G 206 17.09 52.15 29.79
C ASP G 206 17.56 51.03 28.87
N GLU G 207 17.22 51.10 27.58
CA GLU G 207 17.53 50.01 26.63
C GLU G 207 18.97 49.52 26.82
N ASN G 208 19.88 50.39 27.29
CA ASN G 208 21.30 49.96 27.36
C ASN G 208 21.58 49.25 28.69
N SER G 209 20.55 48.85 29.44
CA SER G 209 20.80 48.23 30.76
C SER G 209 20.21 46.82 30.80
N TRP G 210 19.92 46.27 29.63
CA TRP G 210 19.40 44.90 29.58
C TRP G 210 20.46 44.00 28.97
N PHE G 211 20.47 42.70 29.27
CA PHE G 211 21.40 41.76 28.68
C PHE G 211 21.01 41.39 27.26
N ASN G 212 19.71 41.35 26.97
CA ASN G 212 19.20 40.97 25.65
C ASN G 212 19.70 39.58 25.23
N LEU G 213 19.29 38.59 26.01
CA LEU G 213 19.62 37.20 25.70
C LEU G 213 18.63 36.66 24.68
N PHE G 214 19.13 36.10 23.58
CA PHE G 214 18.30 35.63 22.48
C PHE G 214 18.47 34.13 22.31
N VAL G 215 17.35 33.42 22.21
CA VAL G 215 17.32 31.98 22.01
C VAL G 215 16.71 31.72 20.64
N ILE G 216 17.45 31.02 19.78
CA ILE G 216 17.02 30.73 18.42
C ILE G 216 17.33 29.28 18.09
N HIS G 217 16.38 28.62 17.43
CA HIS G 217 16.52 27.22 17.04
C HIS G 217 16.44 27.16 15.52
N GLN G 218 17.57 27.25 14.82
CA GLN G 218 17.57 27.29 13.33
C GLN G 218 18.90 26.73 12.83
N ASN G 219 19.07 26.53 11.51
CA ASN G 219 20.30 25.96 10.89
C ASN G 219 21.35 27.06 10.77
N ARG G 220 22.62 26.77 11.02
CA ARG G 220 23.63 27.84 11.02
C ARG G 220 24.83 27.38 10.20
N SER G 221 25.24 28.18 9.22
CA SER G 221 26.39 27.79 8.37
C SER G 221 26.19 26.35 7.90
N LYS G 222 24.95 25.86 7.91
CA LYS G 222 24.71 24.43 7.60
C LYS G 222 23.35 24.24 6.90
N ASN G 227 17.81 25.48 3.97
CA ASN G 227 18.68 26.67 3.78
C ASN G 227 19.63 26.78 4.99
N PHE G 228 20.11 27.98 5.30
CA PHE G 228 20.94 28.21 6.51
C PHE G 228 20.67 29.64 6.99
N ILE G 229 20.27 29.84 8.24
CA ILE G 229 20.07 31.26 8.63
C ILE G 229 21.43 31.84 9.00
N PRO G 230 22.05 32.68 8.14
CA PRO G 230 23.39 33.15 8.41
C PRO G 230 23.34 33.90 9.74
N GLU G 231 24.48 34.17 10.34
CA GLU G 231 24.47 34.75 11.70
C GLU G 231 24.72 36.24 11.67
N GLN G 232 24.71 36.81 10.49
CA GLN G 232 24.84 38.26 10.39
C GLN G 232 23.50 38.96 10.20
N PHE G 233 22.45 38.22 9.87
CA PHE G 233 21.13 38.83 9.76
C PHE G 233 20.61 39.24 11.13
N LEU G 234 21.09 38.58 12.19
CA LEU G 234 20.63 38.86 13.54
C LEU G 234 21.02 40.28 13.94
N ASP G 235 20.22 40.87 14.82
CA ASP G 235 20.42 42.26 15.23
C ASP G 235 21.70 42.38 16.06
N ASP G 236 22.21 43.61 16.12
CA ASP G 236 23.51 43.87 16.73
C ASP G 236 23.42 44.21 18.22
N PHE G 237 22.22 44.36 18.77
CA PHE G 237 22.08 44.69 20.18
C PHE G 237 22.18 43.47 21.09
N ILE G 238 22.12 42.25 20.52
CA ILE G 238 22.18 41.05 21.33
C ILE G 238 23.54 40.93 22.00
N ASP G 239 23.55 40.24 23.14
CA ASP G 239 24.80 39.94 23.85
C ASP G 239 25.11 38.45 23.92
N LEU G 240 24.12 37.59 23.73
CA LEU G 240 24.34 36.15 23.67
C LEU G 240 23.24 35.53 22.84
N VAL G 241 23.61 34.56 21.99
CA VAL G 241 22.69 33.87 21.11
C VAL G 241 22.82 32.39 21.34
N ILE G 242 21.85 31.77 22.02
CA ILE G 242 21.90 30.30 22.19
C ILE G 242 21.40 29.73 20.87
N TRP G 243 22.07 28.70 20.32
CA TRP G 243 21.73 28.17 18.98
C TRP G 243 21.41 26.68 19.04
N GLY G 244 20.25 26.29 18.57
CA GLY G 244 19.85 24.89 18.53
C GLY G 244 19.87 24.43 17.10
N HIS G 245 19.22 23.30 16.80
CA HIS G 245 19.29 22.67 15.45
C HIS G 245 20.75 22.52 15.04
N GLU G 246 21.63 22.43 16.01
CA GLU G 246 23.06 22.19 15.73
C GLU G 246 23.52 21.25 16.83
N HIS G 247 23.74 19.97 16.52
CA HIS G 247 24.05 18.95 17.55
C HIS G 247 25.55 18.83 17.87
N GLU G 248 26.45 19.51 17.18
CA GLU G 248 27.88 19.48 17.59
C GLU G 248 28.10 20.49 18.70
N CYS G 249 28.37 20.03 19.91
CA CYS G 249 28.49 20.95 21.05
C CYS G 249 29.51 22.06 20.80
N LYS G 250 29.14 23.30 21.11
CA LYS G 250 30.08 24.45 21.06
C LYS G 250 29.63 25.31 22.24
N ILE G 251 29.36 24.69 23.38
CA ILE G 251 28.82 25.39 24.57
C ILE G 251 29.74 26.55 24.86
N ALA G 252 30.98 26.47 24.42
CA ALA G 252 31.91 27.60 24.58
C ALA G 252 31.46 28.76 23.69
N PRO G 253 31.21 29.96 24.22
CA PRO G 253 30.79 31.12 23.42
C PRO G 253 31.89 31.55 22.47
N THR G 254 31.50 31.87 21.24
CA THR G 254 32.44 32.25 20.19
C THR G 254 31.97 33.53 19.51
N LYS G 255 32.91 34.43 19.29
CA LYS G 255 32.63 35.72 18.66
C LYS G 255 33.41 35.80 17.35
N ASN G 256 32.71 36.10 16.26
CA ASN G 256 33.34 36.24 14.96
C ASN G 256 33.97 37.64 14.86
N GLU G 257 34.37 38.03 13.65
CA GLU G 257 35.11 39.27 13.48
C GLU G 257 34.24 40.48 13.82
N GLN G 258 33.04 40.58 13.23
CA GLN G 258 32.17 41.72 13.49
C GLN G 258 30.71 41.25 13.57
N GLN G 259 30.27 40.99 14.80
CA GLN G 259 28.84 40.86 15.07
C GLN G 259 28.41 41.43 16.42
N LEU G 260 29.34 41.72 17.32
CA LEU G 260 29.07 42.38 18.60
C LEU G 260 28.21 41.53 19.53
N PHE G 261 28.03 40.24 19.22
CA PHE G 261 27.34 39.35 20.13
C PHE G 261 28.04 38.00 20.15
N TYR G 262 27.86 37.28 21.25
CA TYR G 262 28.42 35.95 21.39
C TYR G 262 27.43 34.90 20.90
N ILE G 263 27.96 33.79 20.41
CA ILE G 263 27.16 32.69 19.89
C ILE G 263 27.51 31.43 20.68
N SER G 264 26.53 30.89 21.39
CA SER G 264 26.70 29.65 22.13
C SER G 264 25.89 28.56 21.45
N GLN G 265 26.47 27.37 21.36
CA GLN G 265 25.86 26.23 20.69
C GLN G 265 25.86 25.07 21.67
N PRO G 266 24.84 24.97 22.53
CA PRO G 266 24.86 23.91 23.55
C PRO G 266 24.93 22.50 22.99
N GLY G 267 24.45 22.28 21.78
CA GLY G 267 24.56 20.99 21.13
C GLY G 267 23.31 20.15 21.35
N SER G 268 23.50 18.90 21.78
CA SER G 268 22.40 17.97 21.95
C SER G 268 22.64 17.14 23.19
N SER G 269 21.58 16.48 23.64
CA SER G 269 21.62 15.57 24.77
C SER G 269 21.77 14.11 24.37
N VAL G 270 21.77 13.82 23.06
CA VAL G 270 21.83 12.47 22.54
C VAL G 270 22.43 12.52 21.14
N VAL G 271 22.90 11.37 20.66
CA VAL G 271 23.47 11.26 19.33
C VAL G 271 22.36 10.83 18.38
N THR G 272 21.82 11.78 17.62
CA THR G 272 20.74 11.50 16.69
C THR G 272 21.25 10.94 15.37
N SER G 273 22.10 11.72 14.69
CA SER G 273 22.72 11.27 13.45
C SER G 273 24.14 10.80 13.73
N LEU G 274 24.79 10.28 12.70
CA LEU G 274 26.14 9.74 12.80
C LEU G 274 27.13 10.67 12.10
N SER G 275 26.92 11.97 12.24
CA SER G 275 27.74 12.97 11.57
C SER G 275 29.12 13.05 12.21
N PRO G 276 30.13 13.45 11.44
CA PRO G 276 31.47 13.66 12.03
C PRO G 276 31.51 14.69 13.14
N GLY G 277 30.69 15.73 13.05
CA GLY G 277 30.65 16.73 14.10
C GLY G 277 29.91 16.31 15.34
N GLU G 278 29.26 15.14 15.30
CA GLU G 278 28.47 14.67 16.43
C GLU G 278 29.31 13.86 17.42
N ALA G 279 30.58 13.62 17.11
CA ALA G 279 31.45 12.87 18.01
C ALA G 279 32.02 13.72 19.13
N VAL G 280 31.80 15.04 19.11
CA VAL G 280 32.32 15.90 20.16
C VAL G 280 31.63 15.60 21.48
N LYS G 281 32.34 15.83 22.58
CA LYS G 281 31.81 15.52 23.90
C LYS G 281 30.69 16.49 24.25
N LYS G 282 29.52 15.93 24.57
CA LYS G 282 28.34 16.75 24.86
C LYS G 282 28.49 17.46 26.19
N HIS G 283 28.03 18.71 26.23
CA HIS G 283 28.12 19.54 27.42
C HIS G 283 26.82 20.28 27.62
N VAL G 284 26.53 20.65 28.86
CA VAL G 284 25.41 21.52 29.20
C VAL G 284 25.96 22.74 29.92
N GLY G 285 25.44 23.91 29.57
CA GLY G 285 25.99 25.16 30.06
C GLY G 285 25.58 25.47 31.48
N LEU G 286 26.31 26.41 32.08
CA LEU G 286 25.98 26.97 33.39
C LEU G 286 26.25 28.46 33.27
N LEU G 287 25.23 29.20 32.87
CA LEU G 287 25.35 30.62 32.55
C LEU G 287 25.27 31.47 33.82
N ARG G 288 26.04 32.54 33.84
CA ARG G 288 26.00 33.50 34.94
C ARG G 288 26.02 34.91 34.38
N ILE G 289 25.12 35.75 34.86
CA ILE G 289 25.02 37.14 34.43
C ILE G 289 25.00 38.04 35.65
N LYS G 290 25.84 39.08 35.64
CA LYS G 290 25.86 40.09 36.70
C LYS G 290 25.87 41.46 36.02
N GLY G 291 24.68 41.98 35.74
CA GLY G 291 24.54 43.27 35.11
C GLY G 291 24.72 43.21 33.61
N ARG G 292 25.96 43.12 33.15
CA ARG G 292 26.26 43.02 31.73
C ARG G 292 27.25 41.92 31.39
N LYS G 293 28.08 41.47 32.33
CA LYS G 293 29.11 40.47 32.05
C LYS G 293 28.51 39.07 32.03
N MET G 294 29.19 38.18 31.33
CA MET G 294 28.72 36.81 31.13
C MET G 294 29.85 35.84 31.42
N ASN G 295 29.48 34.68 31.95
CA ASN G 295 30.45 33.63 32.24
C ASN G 295 29.75 32.28 32.07
N MET G 296 30.02 31.62 30.95
CA MET G 296 29.42 30.33 30.64
C MET G 296 30.38 29.22 31.04
N HIS G 297 29.97 28.37 31.97
CA HIS G 297 30.78 27.27 32.47
C HIS G 297 30.22 25.97 31.93
N LYS G 298 31.03 25.24 31.16
CA LYS G 298 30.57 23.99 30.58
C LYS G 298 30.55 22.88 31.63
N ILE G 299 29.53 22.02 31.53
CA ILE G 299 29.35 20.91 32.44
C ILE G 299 29.24 19.63 31.62
N PRO G 300 30.21 18.73 31.67
CA PRO G 300 30.10 17.49 30.90
C PRO G 300 28.98 16.61 31.42
N LEU G 301 28.35 15.88 30.51
CA LEU G 301 27.33 14.90 30.84
C LEU G 301 27.94 13.51 30.80
N HIS G 302 27.86 12.79 31.91
CA HIS G 302 28.45 11.47 32.04
C HIS G 302 27.48 10.36 31.69
N THR G 303 26.27 10.68 31.23
CA THR G 303 25.29 9.69 30.83
C THR G 303 25.08 9.66 29.33
N VAL G 304 25.86 10.42 28.58
CA VAL G 304 25.75 10.46 27.12
C VAL G 304 26.61 9.34 26.55
N ARG G 305 26.01 8.51 25.69
CA ARG G 305 26.72 7.41 25.08
C ARG G 305 27.84 7.93 24.18
N GLN G 306 28.98 7.25 24.21
CA GLN G 306 30.12 7.65 23.40
C GLN G 306 29.83 7.41 21.92
N PHE G 307 30.45 8.23 21.07
CA PHE G 307 30.33 8.09 19.62
C PHE G 307 31.69 8.36 19.01
N PHE G 308 32.34 7.31 18.50
CA PHE G 308 33.61 7.42 17.83
C PHE G 308 33.45 7.00 16.37
N MET G 309 34.07 7.76 15.48
CA MET G 309 33.98 7.47 14.06
C MET G 309 35.36 7.61 13.42
N GLU G 310 35.51 6.98 12.26
CA GLU G 310 36.71 7.12 11.45
C GLU G 310 36.32 7.09 9.98
N ASP G 311 37.01 7.89 9.17
CA ASP G 311 36.79 7.94 7.73
C ASP G 311 38.05 7.53 7.01
N ILE G 312 37.93 6.59 6.08
CA ILE G 312 39.06 6.11 5.29
C ILE G 312 38.69 6.14 3.82
N VAL G 313 39.56 6.71 3.00
CA VAL G 313 39.43 6.70 1.55
C VAL G 313 40.46 5.73 1.00
N LEU G 314 39.98 4.61 0.44
CA LEU G 314 40.88 3.56 -0.02
C LEU G 314 41.74 4.00 -1.20
N ALA G 315 41.29 5.01 -1.96
CA ALA G 315 42.07 5.46 -3.11
C ALA G 315 43.36 6.15 -2.68
N ASN G 316 43.35 6.83 -1.53
CA ASN G 316 44.48 7.60 -1.07
C ASN G 316 45.46 6.80 -0.22
N HIS G 317 45.46 5.48 -0.34
CA HIS G 317 46.44 4.62 0.31
C HIS G 317 46.95 3.60 -0.69
N PRO G 318 47.74 4.03 -1.68
CA PRO G 318 48.26 3.07 -2.66
C PRO G 318 49.30 2.12 -2.10
N ASP G 319 49.84 2.40 -0.91
CA ASP G 319 50.88 1.55 -0.35
C ASP G 319 50.37 0.15 -0.05
N ILE G 320 49.17 0.04 0.52
CA ILE G 320 48.60 -1.23 0.93
C ILE G 320 47.44 -1.64 0.04
N PHE G 321 46.58 -0.70 -0.34
CA PHE G 321 45.35 -1.01 -1.05
C PHE G 321 45.65 -1.04 -2.55
N ASN G 322 45.79 -2.25 -3.12
CA ASN G 322 46.12 -2.37 -4.58
C ASN G 322 44.87 -2.79 -5.35
N PRO G 323 44.25 -1.89 -6.16
CA PRO G 323 42.97 -2.19 -6.84
C PRO G 323 42.98 -3.48 -7.63
N ASP G 324 44.12 -3.86 -8.22
CA ASP G 324 44.19 -5.06 -9.05
C ASP G 324 44.53 -6.31 -8.26
N ASN G 325 44.68 -6.20 -6.94
CA ASN G 325 44.99 -7.37 -6.12
C ASN G 325 43.76 -8.28 -6.05
N PRO G 326 43.86 -9.53 -6.49
CA PRO G 326 42.67 -10.41 -6.44
C PRO G 326 42.21 -10.73 -5.03
N LYS G 327 43.08 -10.59 -4.02
CA LYS G 327 42.73 -10.83 -2.64
C LYS G 327 42.67 -9.53 -1.82
N VAL G 328 42.37 -8.40 -2.47
CA VAL G 328 42.35 -7.13 -1.77
C VAL G 328 41.13 -7.00 -0.86
N THR G 329 40.05 -7.74 -1.15
CA THR G 329 38.85 -7.63 -0.31
C THR G 329 39.12 -8.10 1.11
N GLN G 330 39.88 -9.17 1.27
CA GLN G 330 40.23 -9.64 2.60
C GLN G 330 41.15 -8.63 3.30
N ALA G 331 42.00 -7.95 2.55
CA ALA G 331 42.80 -6.86 3.13
C ALA G 331 41.91 -5.73 3.63
N ILE G 332 40.88 -5.39 2.86
CA ILE G 332 39.93 -4.35 3.29
C ILE G 332 39.26 -4.78 4.58
N GLN G 333 38.79 -6.03 4.63
CA GLN G 333 38.10 -6.52 5.81
C GLN G 333 39.01 -6.55 7.03
N SER G 334 40.27 -6.98 6.84
CA SER G 334 41.22 -7.01 7.95
C SER G 334 41.52 -5.61 8.46
N PHE G 335 41.72 -4.65 7.55
CA PHE G 335 42.00 -3.28 7.98
C PHE G 335 40.82 -2.70 8.73
N CYS G 336 39.60 -2.93 8.24
CA CYS G 336 38.42 -2.43 8.93
C CYS G 336 38.25 -3.08 10.28
N LEU G 337 38.54 -4.38 10.38
CA LEU G 337 38.46 -5.06 11.67
C LEU G 337 39.45 -4.49 12.67
N GLU G 338 40.68 -4.23 12.21
CA GLU G 338 41.68 -3.64 13.09
C GLU G 338 41.28 -2.23 13.53
N LYS G 339 40.74 -1.44 12.61
CA LYS G 339 40.30 -0.09 12.97
C LYS G 339 39.16 -0.13 13.99
N ILE G 340 38.18 -1.02 13.78
CA ILE G 340 37.07 -1.12 14.72
C ILE G 340 37.55 -1.59 16.08
N GLU G 341 38.47 -2.56 16.10
CA GLU G 341 39.01 -3.03 17.37
C GLU G 341 39.76 -1.93 18.09
N GLU G 342 40.54 -1.13 17.36
CA GLU G 342 41.26 -0.02 17.98
C GLU G 342 40.29 1.00 18.56
N MET G 343 39.23 1.32 17.82
CA MET G 343 38.24 2.28 18.31
C MET G 343 37.52 1.75 19.55
N LEU G 344 37.18 0.46 19.56
CA LEU G 344 36.52 -0.12 20.71
C LEU G 344 37.43 -0.13 21.92
N GLU G 345 38.71 -0.45 21.73
CA GLU G 345 39.67 -0.42 22.83
C GLU G 345 39.84 1.00 23.37
N ASN G 346 39.90 1.99 22.48
CA ASN G 346 39.99 3.37 22.91
C ASN G 346 38.76 3.78 23.71
N ALA G 347 37.58 3.36 23.25
CA ALA G 347 36.36 3.65 23.99
C ALA G 347 36.37 3.01 25.38
N GLU G 348 36.83 1.77 25.46
CA GLU G 348 36.92 1.09 26.75
C GLU G 348 37.90 1.80 27.68
N ARG G 349 39.01 2.30 27.13
CA ARG G 349 40.00 3.00 27.95
C ARG G 349 39.42 4.27 28.58
N GLU G 350 38.47 4.91 27.91
CA GLU G 350 37.84 6.11 28.43
C GLU G 350 36.61 5.81 29.29
N ARG G 351 36.18 4.55 29.37
CA ARG G 351 35.01 4.20 30.15
C ARG G 351 35.31 3.93 31.62
N LEU G 352 36.59 3.91 32.00
CA LEU G 352 36.94 3.69 33.40
C LEU G 352 36.93 4.96 34.23
N GLY G 353 36.84 6.12 33.60
CA GLY G 353 36.75 7.36 34.36
C GLY G 353 35.45 7.48 35.14
N ASN G 354 34.34 7.08 34.53
CA ASN G 354 33.03 7.17 35.15
C ASN G 354 32.24 5.89 34.86
N SER G 355 31.33 5.55 35.76
CA SER G 355 30.51 4.35 35.65
C SER G 355 29.18 4.61 34.97
N HIS G 356 28.82 5.87 34.73
CA HIS G 356 27.50 6.20 34.21
C HIS G 356 27.38 6.07 32.70
N GLN G 357 28.48 6.18 31.96
CA GLN G 357 28.40 6.05 30.51
C GLN G 357 27.96 4.64 30.12
N PRO G 358 27.10 4.49 29.12
CA PRO G 358 26.69 3.15 28.69
C PRO G 358 27.87 2.34 28.17
N GLU G 359 27.82 1.03 28.45
CA GLU G 359 28.93 0.16 28.10
C GLU G 359 29.13 0.06 26.59
N LYS G 360 28.05 -0.08 25.84
CA LYS G 360 28.17 -0.24 24.39
C LYS G 360 28.31 1.13 23.73
N PRO G 361 29.41 1.41 23.04
CA PRO G 361 29.56 2.72 22.39
C PRO G 361 28.95 2.75 20.99
N LEU G 362 29.05 3.89 20.33
CA LEU G 362 28.61 4.04 18.95
C LEU G 362 29.85 4.13 18.07
N VAL G 363 29.99 3.18 17.15
CA VAL G 363 31.15 3.13 16.25
C VAL G 363 30.64 3.23 14.82
N ARG G 364 31.28 4.10 14.07
CA ARG G 364 30.90 4.29 12.66
C ARG G 364 32.20 4.29 11.87
N LEU G 365 32.19 3.67 10.71
CA LEU G 365 33.38 3.61 9.87
C LEU G 365 32.93 3.78 8.43
N ARG G 366 33.15 4.97 7.87
CA ARG G 366 32.78 5.26 6.49
C ARG G 366 33.97 4.93 5.60
N VAL G 367 33.81 3.93 4.75
CA VAL G 367 34.86 3.48 3.85
C VAL G 367 34.50 3.96 2.45
N ASP G 368 35.34 4.83 1.90
CA ASP G 368 35.12 5.40 0.57
C ASP G 368 35.92 4.61 -0.45
N TYR G 369 35.23 3.80 -1.26
CA TYR G 369 35.86 3.02 -2.31
C TYR G 369 35.55 3.68 -3.65
N SER G 370 36.61 4.10 -4.34
CA SER G 370 36.44 4.75 -5.64
C SER G 370 37.40 4.27 -6.71
N GLY G 371 38.54 3.67 -6.37
CA GLY G 371 39.47 3.18 -7.36
C GLY G 371 39.17 1.77 -7.81
N GLY G 372 37.90 1.49 -8.11
CA GLY G 372 37.51 0.17 -8.54
C GLY G 372 37.65 -0.91 -7.47
N PHE G 373 37.23 -0.61 -6.25
CA PHE G 373 37.26 -1.57 -5.15
C PHE G 373 35.88 -2.21 -4.98
N GLU G 374 35.88 -3.42 -4.44
CA GLU G 374 34.63 -4.12 -4.17
C GLU G 374 34.42 -4.20 -2.66
N PRO G 375 33.34 -3.62 -2.13
CA PRO G 375 33.08 -3.73 -0.69
C PRO G 375 32.90 -5.18 -0.28
N PHE G 376 33.35 -5.50 0.92
CA PHE G 376 33.26 -6.86 1.45
C PHE G 376 31.84 -7.13 1.94
N SER G 377 31.66 -8.24 2.63
CA SER G 377 30.34 -8.62 3.15
C SER G 377 30.09 -7.82 4.42
N VAL G 378 29.43 -6.66 4.26
CA VAL G 378 29.03 -5.87 5.41
C VAL G 378 27.99 -6.61 6.25
N LEU G 379 27.29 -7.57 5.66
CA LEU G 379 26.30 -8.33 6.41
C LEU G 379 26.96 -9.19 7.49
N ARG G 380 28.08 -9.81 7.16
CA ARG G 380 28.78 -10.68 8.10
C ARG G 380 29.86 -9.95 8.90
N PHE G 381 30.38 -8.83 8.40
CA PHE G 381 31.37 -8.06 9.15
C PHE G 381 30.76 -7.51 10.44
N SER G 382 29.54 -6.98 10.35
CA SER G 382 28.86 -6.47 11.53
C SER G 382 28.37 -7.57 12.45
N GLN G 383 28.40 -8.82 12.01
CA GLN G 383 27.96 -9.94 12.84
C GLN G 383 28.97 -10.29 13.93
N LYS G 384 30.14 -9.64 13.87
CA LYS G 384 31.23 -9.90 14.84
C LYS G 384 31.16 -8.86 15.97
N PHE G 385 30.13 -8.03 16.02
CA PHE G 385 29.90 -7.05 17.08
C PHE G 385 28.42 -6.94 17.40
N VAL G 386 27.75 -8.09 17.51
CA VAL G 386 26.33 -8.08 17.82
C VAL G 386 26.09 -7.53 19.22
N ASP G 387 26.89 -7.95 20.20
CA ASP G 387 26.70 -7.56 21.59
C ASP G 387 27.87 -6.72 22.12
N ARG G 388 28.56 -6.00 21.23
CA ARG G 388 29.68 -5.17 21.64
C ARG G 388 29.53 -3.70 21.24
N VAL G 389 28.58 -3.37 20.37
CA VAL G 389 28.35 -2.00 19.94
C VAL G 389 26.86 -1.71 20.05
N ALA G 390 26.54 -0.41 20.11
CA ALA G 390 25.16 0.03 20.28
C ALA G 390 24.42 0.25 18.96
N ASN G 391 25.11 0.14 17.83
CA ASN G 391 24.49 0.25 16.50
C ASN G 391 24.93 -0.94 15.66
N PRO G 392 24.44 -2.13 15.98
CA PRO G 392 24.94 -3.34 15.28
C PRO G 392 24.71 -3.32 13.78
N LYS G 393 23.58 -2.77 13.32
CA LYS G 393 23.31 -2.76 11.89
C LYS G 393 24.17 -1.71 11.17
N ASP G 394 24.36 -0.55 11.79
CA ASP G 394 25.11 0.55 11.16
C ASP G 394 26.48 0.65 11.81
N ILE G 395 27.42 -0.13 11.29
CA ILE G 395 28.81 -0.09 11.70
C ILE G 395 29.71 0.39 10.55
N ILE G 396 29.49 -0.13 9.35
CA ILE G 396 30.28 0.21 8.17
C ILE G 396 29.37 0.86 7.14
N HIS G 397 29.78 1.99 6.62
CA HIS G 397 29.09 2.67 5.54
C HIS G 397 29.97 2.68 4.30
N PHE G 398 29.44 2.17 3.19
CA PHE G 398 30.16 2.12 1.92
C PHE G 398 29.50 3.07 0.93
N PHE G 399 30.30 3.92 0.30
CA PHE G 399 29.77 4.92 -0.61
C PHE G 399 30.88 5.36 -1.56
N ARG G 400 30.46 6.03 -2.64
CA ARG G 400 31.37 6.61 -3.61
C ARG G 400 31.04 8.08 -3.77
N HIS G 401 32.04 8.94 -3.67
CA HIS G 401 31.81 10.37 -3.78
C HIS G 401 31.47 10.74 -5.22
N ARG G 402 30.61 11.74 -5.36
CA ARG G 402 30.16 12.19 -6.67
C ARG G 402 30.69 13.59 -6.99
N THR G 426 30.91 7.25 -25.60
CA THR G 426 30.82 6.29 -24.51
C THR G 426 30.48 4.90 -25.00
N LEU G 427 29.30 4.40 -24.63
CA LEU G 427 28.84 3.09 -25.03
C LEU G 427 27.67 3.26 -26.01
N ARG G 428 27.85 2.77 -27.24
CA ARG G 428 26.82 2.79 -28.26
C ARG G 428 26.55 1.36 -28.72
N VAL G 429 25.27 1.00 -28.82
CA VAL G 429 24.89 -0.35 -29.22
C VAL G 429 25.28 -0.62 -30.66
N GLU G 430 25.34 0.41 -31.50
CA GLU G 430 25.65 0.21 -32.92
C GLU G 430 27.02 -0.40 -33.10
N ASP G 431 28.03 0.12 -32.40
CA ASP G 431 29.37 -0.44 -32.53
C ASP G 431 29.41 -1.89 -32.07
N LEU G 432 28.70 -2.20 -30.98
CA LEU G 432 28.69 -3.56 -30.47
C LEU G 432 28.06 -4.53 -31.46
N VAL G 433 26.92 -4.15 -32.05
CA VAL G 433 26.25 -5.06 -32.98
C VAL G 433 27.08 -5.21 -34.24
N LYS G 434 27.70 -4.13 -34.72
CA LYS G 434 28.56 -4.26 -35.89
C LYS G 434 29.76 -5.16 -35.60
N GLN G 435 30.39 -5.01 -34.44
CA GLN G 435 31.51 -5.86 -34.08
C GLN G 435 31.10 -7.32 -33.99
N TYR G 436 29.94 -7.58 -33.38
CA TYR G 436 29.45 -8.95 -33.30
C TYR G 436 29.18 -9.52 -34.69
N PHE G 437 28.60 -8.71 -35.59
CA PHE G 437 28.33 -9.19 -36.94
C PHE G 437 29.62 -9.54 -37.67
N GLN G 438 30.63 -8.67 -37.61
CA GLN G 438 31.89 -8.97 -38.28
C GLN G 438 32.57 -10.20 -37.67
N THR G 439 32.53 -10.32 -36.34
CA THR G 439 33.13 -11.49 -35.71
C THR G 439 32.43 -12.77 -36.14
N ALA G 440 31.09 -12.76 -36.19
CA ALA G 440 30.35 -13.94 -36.61
C ALA G 440 30.65 -14.28 -38.06
N GLU G 441 30.71 -13.28 -38.91
CA GLU G 441 30.91 -13.60 -40.35
C GLU G 441 32.24 -14.33 -40.49
N LYS G 442 33.23 -14.03 -39.65
CA LYS G 442 34.59 -14.61 -39.83
C LYS G 442 34.77 -15.91 -39.05
N ASN G 443 33.71 -16.36 -38.36
CA ASN G 443 33.85 -17.58 -37.50
C ASN G 443 32.86 -18.64 -38.01
N VAL G 444 32.06 -18.32 -39.01
CA VAL G 444 31.13 -19.30 -39.63
C VAL G 444 31.06 -18.90 -41.12
N GLN G 445 30.53 -19.75 -41.98
CA GLN G 445 30.57 -19.38 -43.42
C GLN G 445 29.16 -19.07 -43.91
N LEU G 446 28.92 -17.82 -44.31
CA LEU G 446 27.59 -17.46 -44.86
C LEU G 446 27.32 -18.35 -46.08
N SER G 447 26.06 -18.72 -46.34
CA SER G 447 25.75 -19.66 -47.44
C SER G 447 25.19 -18.95 -48.68
N LEU G 448 24.31 -17.95 -48.52
CA LEU G 448 23.78 -17.21 -49.66
C LEU G 448 24.04 -15.71 -49.55
N LEU G 449 23.65 -15.08 -48.45
CA LEU G 449 23.84 -13.64 -48.32
C LEU G 449 25.32 -13.31 -48.17
N THR G 450 25.73 -12.20 -48.78
CA THR G 450 27.13 -11.81 -48.82
C THR G 450 27.56 -11.17 -47.50
N GLU G 451 28.85 -10.90 -47.40
CA GLU G 451 29.41 -10.27 -46.20
C GLU G 451 28.97 -8.82 -46.11
N ARG G 452 28.84 -8.31 -44.88
CA ARG G 452 28.55 -6.86 -44.71
C ARG G 452 27.33 -6.41 -45.52
N GLY G 453 26.36 -7.28 -45.75
CA GLY G 453 25.15 -6.83 -46.41
C GLY G 453 24.00 -6.77 -45.43
N MET G 454 23.89 -7.83 -44.62
CA MET G 454 22.84 -7.84 -43.61
C MET G 454 23.12 -6.85 -42.50
N GLY G 455 24.40 -6.60 -42.20
CA GLY G 455 24.74 -5.58 -41.22
C GLY G 455 24.26 -4.20 -41.64
N GLU G 456 24.52 -3.83 -42.90
CA GLU G 456 24.04 -2.54 -43.38
C GLU G 456 22.54 -2.52 -43.56
N ALA G 457 21.92 -3.67 -43.87
CA ALA G 457 20.45 -3.71 -43.92
C ALA G 457 19.85 -3.44 -42.54
N VAL G 458 20.41 -4.06 -41.51
CA VAL G 458 19.92 -3.83 -40.14
C VAL G 458 20.18 -2.39 -39.73
N GLN G 459 21.35 -1.85 -40.09
CA GLN G 459 21.65 -0.45 -39.78
C GLN G 459 20.65 0.48 -40.44
N GLU G 460 20.31 0.22 -41.70
CA GLU G 460 19.31 1.03 -42.40
C GLU G 460 17.95 0.92 -41.73
N PHE G 461 17.55 -0.29 -41.35
CA PHE G 461 16.27 -0.45 -40.67
C PHE G 461 16.25 0.35 -39.37
N VAL G 462 17.34 0.29 -38.61
CA VAL G 462 17.38 0.98 -37.33
C VAL G 462 17.35 2.49 -37.52
N ASP G 463 18.19 3.02 -38.42
CA ASP G 463 18.34 4.45 -38.54
C ASP G 463 17.27 5.08 -39.45
N LYS G 464 17.25 4.70 -40.72
CA LYS G 464 16.36 5.32 -41.69
C LYS G 464 14.91 4.85 -41.55
N GLU G 465 14.68 3.75 -40.85
CA GLU G 465 13.33 3.22 -40.62
C GLU G 465 12.63 2.89 -41.95
N GLU G 466 13.30 2.07 -42.77
CA GLU G 466 12.65 1.57 -43.98
C GLU G 466 11.58 0.54 -43.67
N LYS G 467 11.89 -0.24 -42.56
CA LYS G 467 10.88 -1.23 -42.09
C LYS G 467 10.67 -2.30 -43.14
N ASP G 468 11.42 -2.31 -44.21
CA ASP G 468 11.39 -3.36 -45.22
C ASP G 468 12.77 -3.74 -45.72
N ALA G 469 13.84 -3.21 -45.10
CA ALA G 469 15.18 -3.42 -45.63
C ALA G 469 15.59 -4.89 -45.57
N ILE G 470 15.30 -5.56 -44.45
CA ILE G 470 15.72 -6.96 -44.31
C ILE G 470 14.98 -7.84 -45.32
N GLU G 471 13.67 -7.68 -45.41
CA GLU G 471 12.89 -8.46 -46.37
C GLU G 471 13.31 -8.16 -47.79
N GLU G 472 13.55 -6.88 -48.10
CA GLU G 472 13.96 -6.51 -49.46
C GLU G 472 15.31 -7.14 -49.80
N LEU G 473 16.27 -7.08 -48.88
CA LEU G 473 17.58 -7.68 -49.13
C LEU G 473 17.47 -9.19 -49.32
N VAL G 474 16.70 -9.86 -48.46
CA VAL G 474 16.56 -11.31 -48.56
C VAL G 474 15.92 -11.69 -49.89
N LYS G 475 14.84 -10.99 -50.25
CA LYS G 475 14.17 -11.29 -51.51
C LYS G 475 15.06 -11.00 -52.71
N TYR G 476 15.81 -9.90 -52.67
CA TYR G 476 16.69 -9.56 -53.78
C TYR G 476 17.76 -10.62 -53.98
N GLN G 477 18.42 -11.03 -52.89
CA GLN G 477 19.43 -12.08 -53.01
C GLN G 477 18.83 -13.40 -53.48
N LEU G 478 17.66 -13.76 -52.94
CA LEU G 478 17.01 -15.00 -53.34
C LEU G 478 16.69 -14.98 -54.83
N GLU G 479 16.08 -13.90 -55.32
CA GLU G 479 15.71 -13.82 -56.73
C GLU G 479 16.93 -13.79 -57.62
N LYS G 480 17.99 -13.09 -57.21
CA LYS G 480 19.19 -13.04 -58.03
C LYS G 480 19.83 -14.41 -58.16
N THR G 481 20.00 -15.12 -57.04
CA THR G 481 20.61 -16.44 -57.11
C THR G 481 19.71 -17.44 -57.83
N GLN G 482 18.39 -17.31 -57.69
CA GLN G 482 17.48 -18.20 -58.41
C GLN G 482 17.54 -17.94 -59.91
N ARG G 483 17.60 -16.68 -60.32
CA ARG G 483 17.73 -16.37 -61.74
C ARG G 483 19.05 -16.91 -62.30
N PHE G 484 20.14 -16.75 -61.55
CA PHE G 484 21.42 -17.29 -62.02
C PHE G 484 21.36 -18.81 -62.14
N LEU G 485 20.75 -19.47 -61.15
CA LEU G 485 20.66 -20.93 -61.18
C LEU G 485 19.79 -21.40 -62.34
N LYS G 486 18.72 -20.65 -62.65
CA LYS G 486 17.84 -21.02 -63.75
C LYS G 486 18.55 -20.84 -65.09
N GLU G 487 19.20 -19.70 -65.30
CA GLU G 487 19.86 -19.43 -66.57
C GLU G 487 21.16 -20.19 -66.75
N ARG G 488 21.65 -20.82 -65.68
CA ARG G 488 22.95 -21.53 -65.77
C ARG G 488 22.70 -22.97 -66.25
N HIS G 489 21.45 -23.39 -66.32
CA HIS G 489 21.07 -24.72 -66.77
C HIS G 489 21.73 -25.80 -65.89
N ILE G 490 21.35 -25.79 -64.62
CA ILE G 490 21.86 -26.73 -63.62
C ILE G 490 20.75 -27.74 -63.31
N ASP G 491 21.09 -29.02 -63.37
CA ASP G 491 20.12 -30.07 -63.10
C ASP G 491 19.64 -30.01 -61.65
N ALA G 492 18.44 -30.54 -61.42
CA ALA G 492 17.78 -30.45 -60.12
C ALA G 492 18.33 -31.54 -59.20
N LEU G 493 19.43 -31.21 -58.52
CA LEU G 493 19.99 -32.07 -57.49
C LEU G 493 20.71 -31.20 -56.47
N GLU G 494 20.53 -31.53 -55.18
CA GLU G 494 20.89 -30.61 -54.11
C GLU G 494 22.38 -30.31 -54.09
N ASP G 495 23.21 -31.33 -54.31
CA ASP G 495 24.65 -31.14 -54.19
C ASP G 495 25.16 -30.14 -55.21
N LYS G 496 24.81 -30.32 -56.49
CA LYS G 496 25.23 -29.34 -57.49
C LYS G 496 24.60 -27.98 -57.23
N ILE G 497 23.37 -27.95 -56.71
CA ILE G 497 22.70 -26.67 -56.46
C ILE G 497 23.49 -25.85 -55.44
N ASP G 498 23.82 -26.45 -54.30
CA ASP G 498 24.56 -25.67 -53.32
C ASP G 498 26.03 -25.49 -53.69
N GLU G 499 26.58 -26.34 -54.56
CA GLU G 499 27.92 -26.08 -55.08
C GLU G 499 27.94 -24.82 -55.93
N GLU G 500 26.99 -24.69 -56.87
CA GLU G 500 26.91 -23.45 -57.63
C GLU G 500 26.52 -22.27 -56.76
N VAL G 501 25.76 -22.50 -55.69
CA VAL G 501 25.46 -21.42 -54.75
C VAL G 501 26.75 -20.91 -54.11
N ARG G 502 27.61 -21.85 -53.67
CA ARG G 502 28.90 -21.46 -53.11
C ARG G 502 29.77 -20.76 -54.14
N ARG G 503 29.72 -21.21 -55.40
CA ARG G 503 30.46 -20.56 -56.46
C ARG G 503 30.01 -19.11 -56.64
N PHE G 504 28.70 -18.88 -56.64
CA PHE G 504 28.19 -17.51 -56.77
C PHE G 504 28.61 -16.67 -55.57
N ARG G 505 28.53 -17.24 -54.36
CA ARG G 505 28.93 -16.48 -53.18
C ARG G 505 30.40 -16.10 -53.24
N GLU G 506 31.25 -17.03 -53.70
CA GLU G 506 32.68 -16.74 -53.81
C GLU G 506 32.96 -15.70 -54.87
N THR G 507 32.26 -15.76 -56.01
CA THR G 507 32.49 -14.80 -57.08
C THR G 507 31.98 -13.41 -56.74
MG MG H . -4.26 5.91 -5.72
PB ADP I . -6.94 7.91 -5.45
O1B ADP I . -6.45 9.31 -5.54
O2B ADP I . -5.86 6.90 -5.74
O3B ADP I . -7.63 7.64 -4.16
PA ADP I . -8.17 8.00 -8.19
O1A ADP I . -7.23 9.03 -8.67
O2A ADP I . -8.11 6.65 -8.82
O3A ADP I . -8.06 7.82 -6.59
O5' ADP I . -9.65 8.56 -8.29
C5' ADP I . -10.47 8.36 -9.46
C4' ADP I . -11.91 8.29 -9.02
O4' ADP I . -12.76 8.57 -10.17
C3' ADP I . -12.39 6.95 -8.49
O3' ADP I . -13.52 7.09 -7.64
C2' ADP I . -12.85 6.27 -9.78
O2' ADP I . -13.75 5.21 -9.56
C1' ADP I . -13.54 7.44 -10.46
N9 ADP I . -13.57 7.32 -11.92
C8 ADP I . -12.63 6.69 -12.69
N7 ADP I . -12.89 6.75 -13.96
C5 ADP I . -14.08 7.46 -14.04
C6 ADP I . -14.86 7.85 -15.14
N6 ADP I . -14.56 7.57 -16.39
N1 ADP I . -15.99 8.55 -14.87
C2 ADP I . -16.27 8.83 -13.60
N3 ADP I . -15.62 8.52 -12.49
C4 ADP I . -14.51 7.82 -12.79
BE BEF J . 5.96 -7.90 4.29
F1 BEF J . 5.36 -6.78 5.16
F2 BEF J . 7.32 -7.48 3.65
F3 BEF J . 4.98 -8.24 3.15
BE BEF K . -6.25 5.89 -3.23
F1 BEF K . -5.91 6.47 -1.86
F2 BEF K . -7.52 4.98 -3.16
F3 BEF K . -5.08 5.01 -3.73
MG MG L . 3.83 -10.14 3.35
PB ADP M . 6.61 -10.88 5.19
O1B ADP M . 6.45 -11.62 6.46
O2B ADP M . 5.32 -10.72 4.42
O3B ADP M . 7.31 -9.58 5.36
PA ADP M . 7.63 -13.28 3.69
O1A ADP M . 7.40 -14.28 4.75
O2A ADP M . 6.82 -13.36 2.46
O3A ADP M . 7.58 -11.80 4.30
O5' ADP M . 9.17 -13.31 3.29
C5' ADP M . 9.85 -14.57 3.22
C4' ADP M . 11.33 -14.30 3.40
O4' ADP M . 12.05 -15.50 3.01
C3' ADP M . 11.93 -13.18 2.56
O3' ADP M . 13.05 -12.62 3.20
C2' ADP M . 12.40 -13.92 1.32
O2' ADP M . 13.46 -13.26 0.69
C1' ADP M . 12.89 -15.22 1.92
N9 ADP M . 12.81 -16.37 1.04
C8 ADP M . 11.81 -16.64 0.15
N7 ADP M . 11.97 -17.77 -0.49
C5 ADP M . 13.14 -18.29 0.01
C6 ADP M . 13.84 -19.47 -0.26
N6 ADP M . 13.44 -20.37 -1.16
N1 ADP M . 14.98 -19.70 0.43
C2 ADP M . 15.38 -18.79 1.33
N3 ADP M . 14.80 -17.65 1.67
C4 ADP M . 13.67 -17.45 0.97
MN MN N . -16.53 2.07 27.75
MN MN O . 16.45 20.65 15.30
#